data_7TJP
#
_entry.id   7TJP
#
_cell.length_a   71.210
_cell.length_b   121.635
_cell.length_c   194.967
_cell.angle_alpha   90.000
_cell.angle_beta   90.000
_cell.angle_gamma   90.000
#
_symmetry.space_group_name_H-M   'P 21 21 21'
#
loop_
_entity.id
_entity.type
_entity.pdbx_description
1 polymer 'Glycoprotein 120'
2 non-polymer 2-acetamido-2-deoxy-beta-D-glucopyranose
3 non-polymer N~1~-[(1R,2R)-2-(carbamimidamidomethyl)-5-{[(2R)-2-(hydroxymethyl)pyrrolidin-1-yl]methyl}-2,3-dihydro-1H-inden-1-yl]-N~2~-(4-chloro-3-fluorophenyl)ethanediamide
4 non-polymer IMIDAZOLE
5 water water
#
_entity_poly.entity_id   1
_entity_poly.type   'polypeptide(L)'
_entity_poly.pdbx_seq_one_letter_code
;VWKEAKTTLFCASDAKAYEKEVHNVWATHACVPTDPNPQEMVLANVTENFNMWKNDMVEQMHEDIISLWDESLKPCVKLT
GGSAITQACPKVSFDPIPLHYCAPAGFAILKCNNKTFNGTGPCRNVSTVQCTHGIKPVVSTQLLLNGSLAEEEIIIRSEN
LTNNAKTIIVHLNESVNIVCTRPNNGGSGSGGNIRQAHCNINESKWNNTLQKVGEELAKHFPSKTIKFEPSSGGDLEITT
HSFNCRGEFFYCNTSDLFNGTYRNGTYNHTGRSSNGTITLQCKIKQIINMWQEVGRAIYAPPIEGEITCNSNITGLLLLR
DGGQSNETNDTETFRPGGGDMRDNWRSELYKYKVVEIK
;
_entity_poly.pdbx_strand_id   A,B,D,C
#
loop_
_chem_comp.id
_chem_comp.type
_chem_comp.name
_chem_comp.formula
I6M non-polymer N~1~-[(1R,2R)-2-(carbamimidamidomethyl)-5-{[(2R)-2-(hydroxymethyl)pyrrolidin-1-yl]methyl}-2,3-dihydro-1H-inden-1-yl]-N~2~-(4-chloro-3-fluorophenyl)ethanediamide 'C25 H30 Cl F N6 O3'
IMD non-polymer IMIDAZOLE 'C3 H5 N2 1'
NAG D-saccharide, beta linking 2-acetamido-2-deoxy-beta-D-glucopyranose 'C8 H15 N O6'
#
# COMPACT_ATOMS: atom_id res chain seq x y z
N LYS A 6 12.20 38.17 -44.37
CA LYS A 6 13.59 38.12 -43.86
C LYS A 6 14.75 38.02 -44.88
N THR A 7 15.54 36.96 -44.82
CA THR A 7 16.57 36.77 -45.83
C THR A 7 16.84 35.28 -45.97
N THR A 8 17.40 34.92 -47.13
CA THR A 8 17.85 33.55 -47.35
C THR A 8 19.02 33.24 -46.42
N LEU A 9 18.85 32.26 -45.54
CA LEU A 9 20.00 31.73 -44.82
C LEU A 9 20.69 30.63 -45.64
N PHE A 10 21.88 30.25 -45.18
CA PHE A 10 22.61 29.10 -45.70
C PHE A 10 22.91 28.06 -44.62
N CYS A 11 23.38 26.89 -45.07
CA CYS A 11 23.70 25.78 -44.18
C CYS A 11 25.18 25.47 -44.25
N ALA A 12 25.75 25.28 -43.06
CA ALA A 12 27.11 24.79 -42.86
C ALA A 12 27.01 23.40 -42.25
N SER A 13 27.69 22.42 -42.86
CA SER A 13 27.70 21.07 -42.31
C SER A 13 29.14 20.62 -42.12
N ASP A 14 29.31 19.50 -41.44
CA ASP A 14 30.62 18.91 -41.29
C ASP A 14 30.79 17.75 -42.25
N ALA A 15 30.06 17.75 -43.37
CA ALA A 15 29.89 16.54 -44.14
C ALA A 15 31.12 16.20 -44.96
N LYS A 16 31.12 14.99 -45.50
CA LYS A 16 32.28 14.40 -46.12
C LYS A 16 31.96 14.01 -47.56
N ALA A 17 32.72 14.58 -48.51
CA ALA A 17 32.43 14.36 -49.92
C ALA A 17 32.49 12.88 -50.30
N TYR A 18 33.51 12.16 -49.81
CA TYR A 18 33.63 10.71 -50.03
C TYR A 18 32.51 9.83 -49.45
N GLU A 19 31.66 10.31 -48.54
CA GLU A 19 30.58 9.47 -48.01
C GLU A 19 29.53 9.20 -49.11
N LYS A 20 29.14 7.92 -49.29
CA LYS A 20 27.92 7.65 -50.07
C LYS A 20 26.64 8.11 -49.37
N GLU A 21 26.68 8.30 -48.06
CA GLU A 21 25.44 8.48 -47.34
C GLU A 21 24.75 9.78 -47.76
N VAL A 22 23.42 9.71 -47.91
CA VAL A 22 22.70 10.69 -48.71
C VAL A 22 22.71 12.07 -48.05
N HIS A 23 22.53 12.14 -46.72
CA HIS A 23 22.66 13.42 -46.06
C HIS A 23 23.99 14.08 -46.38
N ASN A 24 25.07 13.30 -46.34
CA ASN A 24 26.38 13.84 -46.64
C ASN A 24 26.44 14.38 -48.05
N VAL A 25 25.90 13.62 -49.02
CA VAL A 25 25.96 14.06 -50.41
C VAL A 25 25.23 15.38 -50.56
N TRP A 26 23.96 15.41 -50.18
CA TRP A 26 23.19 16.65 -50.22
C TRP A 26 23.97 17.80 -49.60
N ALA A 27 24.48 17.60 -48.38
CA ALA A 27 25.09 18.74 -47.69
C ALA A 27 26.36 19.22 -48.41
N THR A 28 27.20 18.29 -48.89
CA THR A 28 28.40 18.75 -49.61
C THR A 28 28.00 19.46 -50.89
N HIS A 29 26.79 19.19 -51.36
CA HIS A 29 26.28 19.73 -52.60
C HIS A 29 25.55 21.05 -52.38
N ALA A 30 25.30 21.42 -51.11
CA ALA A 30 24.41 22.54 -50.78
C ALA A 30 24.82 23.32 -49.53
N CYS A 31 25.73 22.79 -48.73
CA CYS A 31 26.18 23.47 -47.53
C CYS A 31 27.68 23.76 -47.60
N VAL A 32 28.06 24.88 -46.98
CA VAL A 32 29.45 25.25 -46.85
C VAL A 32 30.01 24.59 -45.60
N PRO A 33 31.33 24.50 -45.47
CA PRO A 33 31.92 23.85 -44.30
C PRO A 33 31.72 24.70 -43.06
N THR A 34 31.67 24.04 -41.92
CA THR A 34 31.47 24.75 -40.67
C THR A 34 32.73 25.47 -40.25
N ASP A 35 32.53 26.58 -39.56
CA ASP A 35 33.63 27.35 -38.99
C ASP A 35 34.08 26.71 -37.69
N PRO A 36 35.31 26.19 -37.59
CA PRO A 36 35.75 25.59 -36.32
C PRO A 36 35.80 26.60 -35.18
N ASN A 37 36.12 27.85 -35.49
CA ASN A 37 36.12 28.94 -34.52
C ASN A 37 34.70 29.47 -34.30
N PRO A 38 34.12 29.29 -33.09
CA PRO A 38 32.73 29.75 -32.90
C PRO A 38 32.67 31.25 -32.65
N GLN A 39 32.22 32.01 -33.64
CA GLN A 39 31.86 33.40 -33.43
C GLN A 39 30.66 33.52 -32.48
N GLU A 40 30.83 34.01 -31.23
CA GLU A 40 29.65 34.23 -30.39
C GLU A 40 29.79 35.45 -29.48
N MET A 41 28.77 36.33 -29.51
CA MET A 41 28.61 37.46 -28.60
C MET A 41 27.64 37.12 -27.47
N VAL A 42 27.97 37.60 -26.25
CA VAL A 42 26.99 37.64 -25.15
C VAL A 42 26.41 39.05 -25.08
N LEU A 43 25.31 39.20 -24.31
CA LEU A 43 24.75 40.52 -24.01
C LEU A 43 23.50 40.40 -23.14
N ALA A 44 23.65 40.01 -21.86
CA ALA A 44 22.52 39.79 -20.94
C ALA A 44 22.01 41.13 -20.39
N ASN A 45 20.76 41.46 -20.77
CA ASN A 45 20.16 42.80 -20.69
C ASN A 45 19.40 43.20 -21.97
N VAL A 46 19.62 42.49 -23.09
CA VAL A 46 19.16 43.01 -24.37
C VAL A 46 17.65 42.84 -24.54
N THR A 47 17.08 41.73 -24.05
CA THR A 47 15.61 41.61 -23.98
C THR A 47 14.94 41.68 -25.35
N GLU A 48 15.35 40.75 -26.22
CA GLU A 48 14.61 40.42 -27.42
C GLU A 48 13.39 39.57 -27.03
N ASN A 49 12.39 39.63 -27.91
CA ASN A 49 11.25 38.73 -27.96
C ASN A 49 11.43 37.72 -29.10
N PHE A 50 10.96 36.50 -28.84
CA PHE A 50 11.00 35.39 -29.78
C PHE A 50 9.59 34.82 -29.89
N ASN A 51 9.25 34.24 -31.04
CA ASN A 51 8.08 33.37 -31.08
C ASN A 51 8.40 32.15 -31.94
N MET A 52 8.77 31.05 -31.27
CA MET A 52 9.15 29.83 -31.97
C MET A 52 8.09 29.40 -32.97
N TRP A 53 6.82 29.78 -32.72
CA TRP A 53 5.72 29.28 -33.54
C TRP A 53 5.60 30.01 -34.87
N LYS A 54 6.37 31.07 -35.08
CA LYS A 54 6.15 32.00 -36.16
C LYS A 54 7.57 32.45 -36.51
N ASN A 55 8.35 31.56 -37.15
CA ASN A 55 9.80 31.75 -37.23
C ASN A 55 10.29 31.31 -38.60
N ASP A 56 10.55 32.28 -39.48
CA ASP A 56 10.93 31.95 -40.85
C ASP A 56 12.06 30.92 -40.93
N MET A 57 12.94 30.84 -39.91
CA MET A 57 14.00 29.83 -39.96
C MET A 57 13.40 28.43 -40.13
N VAL A 58 12.32 28.14 -39.41
CA VAL A 58 11.69 26.82 -39.52
C VAL A 58 11.26 26.56 -40.96
N GLU A 59 10.61 27.55 -41.59
CA GLU A 59 10.25 27.37 -43.00
C GLU A 59 11.47 27.04 -43.85
N GLN A 60 12.53 27.85 -43.75
CA GLN A 60 13.69 27.60 -44.62
C GLN A 60 14.18 26.17 -44.43
N MET A 61 14.33 25.75 -43.17
CA MET A 61 14.87 24.41 -42.95
C MET A 61 13.96 23.36 -43.54
N HIS A 62 12.66 23.49 -43.26
CA HIS A 62 11.66 22.61 -43.85
C HIS A 62 11.86 22.49 -45.35
N GLU A 63 12.00 23.64 -46.01
CA GLU A 63 12.25 23.66 -47.44
C GLU A 63 13.41 22.74 -47.74
N ASP A 64 14.55 23.01 -47.08
CA ASP A 64 15.79 22.27 -47.37
C ASP A 64 15.55 20.78 -47.17
N ILE A 65 15.04 20.37 -45.99
CA ILE A 65 14.85 18.95 -45.71
C ILE A 65 13.99 18.31 -46.78
N ILE A 66 12.90 18.98 -47.19
CA ILE A 66 12.13 18.46 -48.33
C ILE A 66 13.02 18.26 -49.55
N SER A 67 13.91 19.23 -49.82
CA SER A 67 14.76 19.10 -50.99
C SER A 67 15.64 17.87 -50.83
N LEU A 68 16.20 17.73 -49.64
CA LEU A 68 17.14 16.64 -49.37
C LEU A 68 16.45 15.29 -49.51
N TRP A 69 15.24 15.19 -48.99
CA TRP A 69 14.51 13.95 -49.18
C TRP A 69 14.16 13.72 -50.65
N ASP A 70 13.77 14.78 -51.45
CA ASP A 70 13.36 14.30 -52.80
C ASP A 70 14.60 13.94 -53.59
N GLU A 71 15.75 14.48 -53.20
CA GLU A 71 17.00 14.14 -53.88
C GLU A 71 17.57 12.78 -53.45
N SER A 72 17.38 12.38 -52.20
CA SER A 72 18.03 11.19 -51.65
C SER A 72 17.12 9.99 -51.46
N LEU A 73 15.88 10.19 -51.02
CA LEU A 73 15.04 9.03 -50.72
C LEU A 73 13.95 8.91 -51.76
N LYS A 74 14.33 8.66 -53.01
CA LYS A 74 13.39 8.74 -54.12
C LYS A 74 12.44 7.54 -54.02
N PRO A 75 11.14 7.73 -54.11
CA PRO A 75 10.22 6.57 -54.11
C PRO A 75 10.05 5.97 -55.49
N CYS A 76 9.97 4.63 -55.54
CA CYS A 76 9.57 3.92 -56.78
C CYS A 76 8.38 4.60 -57.43
N VAL A 77 7.34 4.87 -56.65
CA VAL A 77 6.21 5.60 -57.21
C VAL A 77 5.93 6.76 -56.29
N LYS A 78 5.29 7.79 -56.84
CA LYS A 78 4.82 8.91 -56.04
C LYS A 78 3.49 9.29 -56.64
N LEU A 79 2.42 9.19 -55.85
CA LEU A 79 1.09 9.60 -56.26
C LEU A 79 0.82 10.93 -55.64
N THR A 80 0.68 11.99 -56.45
CA THR A 80 0.16 13.19 -55.83
C THR A 80 -0.91 13.72 -56.75
N GLY A 81 -2.00 14.22 -56.18
CA GLY A 81 -3.06 14.63 -57.07
C GLY A 81 -3.53 13.43 -57.87
N GLY A 82 -3.71 13.66 -59.18
CA GLY A 82 -3.99 12.56 -60.09
C GLY A 82 -2.75 11.88 -60.61
N SER A 83 -1.60 12.58 -60.58
CA SER A 83 -0.39 12.07 -61.21
C SER A 83 0.24 10.93 -60.43
N ALA A 84 0.97 10.08 -61.19
CA ALA A 84 1.86 9.08 -60.63
C ALA A 84 3.21 9.18 -61.33
N ILE A 85 4.23 9.67 -60.62
CA ILE A 85 5.59 9.75 -61.13
C ILE A 85 6.36 8.51 -60.69
N THR A 86 7.11 7.88 -61.60
CA THR A 86 7.94 6.71 -61.25
C THR A 86 9.44 7.03 -61.40
N GLN A 87 10.23 6.76 -60.37
CA GLN A 87 11.67 6.92 -60.46
C GLN A 87 12.36 5.63 -60.08
N ALA A 88 13.67 5.62 -60.30
CA ALA A 88 14.48 4.56 -59.74
C ALA A 88 14.57 4.78 -58.24
N CYS A 89 14.26 3.75 -57.45
CA CYS A 89 14.16 3.86 -55.99
C CYS A 89 15.17 2.90 -55.34
N PRO A 90 16.46 3.13 -55.58
CA PRO A 90 17.48 2.22 -55.05
C PRO A 90 17.54 2.36 -53.55
N LYS A 91 17.96 1.28 -52.89
CA LYS A 91 18.28 1.36 -51.48
C LYS A 91 19.49 2.26 -51.28
N VAL A 92 19.59 2.92 -50.14
CA VAL A 92 20.69 3.86 -49.97
C VAL A 92 21.20 3.86 -48.53
N SER A 93 22.35 4.50 -48.33
CA SER A 93 22.93 4.68 -47.01
C SER A 93 22.35 5.95 -46.39
N PHE A 94 21.61 5.80 -45.29
CA PHE A 94 20.79 6.90 -44.76
C PHE A 94 20.96 7.08 -43.25
N ASP A 95 21.82 8.01 -42.86
CA ASP A 95 21.95 8.40 -41.44
C ASP A 95 22.00 9.92 -41.29
N PRO A 96 20.98 10.52 -40.67
CA PRO A 96 20.89 11.98 -40.61
C PRO A 96 22.13 12.55 -39.96
N ILE A 97 22.70 13.59 -40.58
CA ILE A 97 23.87 14.26 -40.02
C ILE A 97 23.42 15.62 -39.48
N PRO A 98 24.14 16.21 -38.53
CA PRO A 98 23.75 17.54 -38.07
C PRO A 98 23.96 18.55 -39.17
N LEU A 99 23.11 19.60 -39.16
CA LEU A 99 23.14 20.74 -40.08
C LEU A 99 23.11 22.01 -39.26
N HIS A 100 23.89 23.02 -39.68
CA HIS A 100 23.85 24.32 -39.03
C HIS A 100 23.26 25.34 -39.98
N TYR A 101 22.35 26.15 -39.47
CA TYR A 101 21.76 27.24 -40.24
C TYR A 101 22.45 28.55 -39.87
N CYS A 102 23.02 29.22 -40.86
CA CYS A 102 23.80 30.45 -40.72
C CYS A 102 23.12 31.59 -41.45
N ALA A 103 23.29 32.80 -40.89
CA ALA A 103 22.89 34.11 -41.33
C ALA A 103 23.95 34.72 -42.25
N PRO A 104 23.52 35.23 -43.41
CA PRO A 104 24.48 35.83 -44.35
C PRO A 104 24.86 37.26 -43.96
N ALA A 105 25.93 37.75 -44.59
CA ALA A 105 26.52 39.06 -44.27
C ALA A 105 25.46 40.16 -44.19
N GLY A 106 25.45 40.89 -43.05
CA GLY A 106 24.52 41.97 -42.80
C GLY A 106 23.46 41.59 -41.79
N PHE A 107 23.21 40.29 -41.64
CA PHE A 107 22.27 39.68 -40.70
C PHE A 107 23.02 38.89 -39.63
N ALA A 108 22.37 38.69 -38.48
CA ALA A 108 22.92 37.79 -37.48
C ALA A 108 21.79 37.02 -36.82
N ILE A 109 22.13 35.90 -36.17
CA ILE A 109 21.15 35.10 -35.43
C ILE A 109 21.26 35.46 -33.96
N LEU A 110 20.13 35.83 -33.36
CA LEU A 110 20.02 35.96 -31.92
C LEU A 110 19.61 34.64 -31.31
N LYS A 111 20.19 34.33 -30.16
CA LYS A 111 20.04 33.05 -29.47
C LYS A 111 19.55 33.33 -28.06
N CYS A 112 18.43 32.73 -27.67
CA CYS A 112 17.96 32.90 -26.31
C CYS A 112 18.67 31.93 -25.38
N ASN A 113 19.08 32.45 -24.23
CA ASN A 113 19.93 31.75 -23.27
C ASN A 113 19.22 31.33 -22.00
N ASN A 114 18.00 31.85 -21.76
CA ASN A 114 17.17 31.30 -20.69
C ASN A 114 17.06 29.78 -20.75
N LYS A 115 17.80 29.08 -19.90
CA LYS A 115 17.70 27.63 -19.87
C LYS A 115 16.26 27.13 -19.70
N THR A 116 15.34 27.96 -19.22
CA THR A 116 13.94 27.56 -19.07
C THR A 116 12.98 28.25 -20.03
N PHE A 117 13.50 28.99 -21.03
CA PHE A 117 12.66 29.69 -22.02
C PHE A 117 11.64 28.74 -22.62
N ASN A 118 10.36 29.11 -22.54
CA ASN A 118 9.32 28.30 -23.17
C ASN A 118 9.13 28.64 -24.65
N GLY A 119 10.01 29.47 -25.22
CA GLY A 119 10.08 29.63 -26.66
C GLY A 119 9.20 30.72 -27.24
N THR A 120 8.25 31.24 -26.47
CA THR A 120 7.56 32.47 -26.84
C THR A 120 7.76 33.52 -25.76
N GLY A 121 7.90 34.77 -26.18
CA GLY A 121 7.90 35.88 -25.26
C GLY A 121 9.25 36.56 -25.15
N PRO A 122 9.47 37.27 -24.05
CA PRO A 122 10.71 38.01 -23.88
C PRO A 122 11.76 37.13 -23.21
N CYS A 123 12.98 37.31 -23.67
CA CYS A 123 14.13 36.52 -23.24
C CYS A 123 15.19 37.49 -22.75
N ARG A 124 15.57 37.37 -21.48
CA ARG A 124 16.68 38.14 -20.92
C ARG A 124 18.05 37.96 -21.54
N ASN A 125 18.73 36.86 -21.20
CA ASN A 125 20.13 36.64 -21.58
C ASN A 125 20.18 36.24 -23.06
N VAL A 126 20.64 37.14 -23.93
CA VAL A 126 20.64 36.91 -25.39
C VAL A 126 22.08 36.85 -25.92
N SER A 127 22.25 36.22 -27.08
CA SER A 127 23.58 36.17 -27.69
C SER A 127 23.50 36.39 -29.20
N THR A 128 24.63 36.78 -29.78
CA THR A 128 24.78 36.95 -31.22
C THR A 128 25.64 35.82 -31.77
N VAL A 129 25.16 35.18 -32.85
CA VAL A 129 25.86 34.03 -33.40
C VAL A 129 25.77 34.10 -34.91
N GLN A 130 26.78 33.49 -35.52
CA GLN A 130 26.80 33.26 -36.97
C GLN A 130 25.82 32.13 -37.36
N CYS A 131 25.76 31.06 -36.56
CA CYS A 131 25.03 29.86 -36.90
C CYS A 131 24.41 29.19 -35.69
N THR A 132 23.30 28.50 -35.95
CA THR A 132 22.65 27.63 -34.99
C THR A 132 23.56 26.46 -34.65
N HIS A 133 23.23 25.77 -33.56
CA HIS A 133 23.97 24.54 -33.32
C HIS A 133 23.72 23.54 -34.42
N GLY A 134 24.43 22.43 -34.34
CA GLY A 134 24.19 21.34 -35.28
C GLY A 134 22.82 20.75 -35.04
N ILE A 135 22.03 20.61 -36.10
CA ILE A 135 20.67 20.06 -35.98
C ILE A 135 20.53 18.89 -36.95
N LYS A 136 20.22 17.72 -36.40
CA LYS A 136 19.92 16.56 -37.22
C LYS A 136 18.47 16.63 -37.68
N PRO A 137 18.21 16.70 -38.99
CA PRO A 137 16.82 16.73 -39.44
C PRO A 137 16.18 15.36 -39.31
N VAL A 138 15.63 15.00 -38.15
CA VAL A 138 15.13 13.64 -37.94
C VAL A 138 13.61 13.65 -38.05
N VAL A 139 13.09 13.12 -39.15
CA VAL A 139 11.66 13.07 -39.43
C VAL A 139 10.98 11.99 -38.58
N SER A 140 9.97 12.38 -37.80
CA SER A 140 9.26 11.37 -37.02
C SER A 140 7.98 11.98 -36.44
N THR A 141 7.13 11.09 -35.93
CA THR A 141 5.90 11.49 -35.26
C THR A 141 5.96 11.02 -33.80
N GLN A 142 5.07 11.57 -32.98
CA GLN A 142 4.91 11.13 -31.58
C GLN A 142 6.18 11.36 -30.76
N LEU A 143 7.26 10.66 -31.08
CA LEU A 143 8.52 10.76 -30.35
C LEU A 143 9.51 11.58 -31.16
N LEU A 144 10.06 12.63 -30.56
CA LEU A 144 11.14 13.40 -31.16
C LEU A 144 12.49 12.73 -30.83
N LEU A 145 13.24 12.38 -31.88
CA LEU A 145 14.44 11.56 -31.74
C LEU A 145 15.74 12.33 -31.98
N ASN A 146 16.78 11.91 -31.26
CA ASN A 146 18.14 12.38 -31.47
C ASN A 146 18.22 13.92 -31.41
N GLY A 147 17.27 14.53 -30.71
CA GLY A 147 17.32 15.96 -30.53
C GLY A 147 18.33 16.34 -29.45
N SER A 148 18.31 17.61 -29.07
CA SER A 148 19.17 18.12 -28.00
C SER A 148 18.34 18.46 -26.77
N LEU A 149 18.65 17.74 -25.70
CA LEU A 149 18.14 17.84 -24.34
C LEU A 149 17.88 19.28 -23.90
N ALA A 150 16.89 19.44 -23.03
CA ALA A 150 16.93 20.61 -22.16
C ALA A 150 18.02 20.43 -21.13
N GLU A 151 18.24 21.53 -20.44
CA GLU A 151 19.44 22.06 -19.82
C GLU A 151 19.30 21.95 -18.31
N GLU A 152 18.23 22.58 -17.83
CA GLU A 152 17.79 22.54 -16.45
C GLU A 152 16.58 21.64 -16.41
N GLU A 153 15.36 22.17 -16.45
CA GLU A 153 14.26 21.28 -16.12
C GLU A 153 13.46 21.04 -17.41
N ILE A 154 12.45 20.18 -17.33
CA ILE A 154 11.65 19.92 -18.52
C ILE A 154 10.90 21.19 -18.93
N ILE A 155 10.81 21.44 -20.25
CA ILE A 155 10.08 22.61 -20.74
C ILE A 155 8.86 22.13 -21.53
N ILE A 156 7.82 22.96 -21.53
CA ILE A 156 6.61 22.61 -22.25
C ILE A 156 6.26 23.77 -23.17
N ARG A 157 6.24 23.49 -24.48
CA ARG A 157 6.10 24.52 -25.49
C ARG A 157 4.79 24.32 -26.21
N SER A 158 4.09 25.42 -26.44
CA SER A 158 2.85 25.34 -27.18
C SER A 158 2.54 26.73 -27.68
N GLU A 159 2.03 26.80 -28.90
CA GLU A 159 1.54 28.08 -29.39
C GLU A 159 0.43 28.62 -28.50
N ASN A 160 -0.39 27.74 -27.91
CA ASN A 160 -1.52 28.17 -27.08
C ASN A 160 -2.14 26.98 -26.32
N LEU A 161 -1.87 26.88 -25.01
CA LEU A 161 -2.30 25.67 -24.31
C LEU A 161 -3.81 25.58 -24.17
N THR A 162 -4.52 26.70 -24.06
CA THR A 162 -5.97 26.59 -24.09
C THR A 162 -6.41 25.82 -25.33
N ASN A 163 -5.94 26.26 -26.49
CA ASN A 163 -6.43 25.70 -27.75
C ASN A 163 -5.93 24.29 -27.93
N ASN A 164 -6.79 23.32 -27.68
CA ASN A 164 -6.37 21.94 -27.74
C ASN A 164 -6.16 21.44 -29.17
N ALA A 165 -6.11 22.32 -30.16
CA ALA A 165 -5.73 21.90 -31.49
C ALA A 165 -4.31 22.30 -31.78
N LYS A 166 -3.65 22.92 -30.82
CA LYS A 166 -2.26 23.36 -30.97
C LYS A 166 -1.36 22.26 -30.41
N THR A 167 -0.66 21.57 -31.31
CA THR A 167 0.41 20.65 -30.92
C THR A 167 1.21 21.13 -29.73
N ILE A 168 1.46 20.23 -28.78
CA ILE A 168 2.28 20.50 -27.61
C ILE A 168 3.62 19.80 -27.79
N ILE A 169 4.72 20.51 -27.50
CA ILE A 169 6.05 19.92 -27.57
C ILE A 169 6.61 19.82 -26.18
N VAL A 170 6.91 18.60 -25.75
CA VAL A 170 7.56 18.40 -24.46
C VAL A 170 9.05 18.29 -24.72
N HIS A 171 9.83 19.24 -24.21
CA HIS A 171 11.30 19.20 -24.31
C HIS A 171 11.88 18.55 -23.06
N LEU A 172 12.33 17.30 -23.18
CA LEU A 172 12.88 16.57 -22.05
C LEU A 172 14.28 17.04 -21.70
N ASN A 173 14.66 16.85 -20.42
CA ASN A 173 16.01 17.14 -19.98
C ASN A 173 16.87 15.89 -19.85
N GLU A 174 16.38 14.73 -20.25
CA GLU A 174 16.99 13.51 -19.77
C GLU A 174 16.71 12.48 -20.86
N SER A 175 17.68 12.17 -21.73
CA SER A 175 17.31 11.34 -22.86
C SER A 175 16.83 9.95 -22.40
N VAL A 176 16.01 9.29 -23.22
CA VAL A 176 15.40 8.00 -22.89
C VAL A 176 15.59 7.01 -24.04
N ASN A 177 16.38 5.97 -23.80
CA ASN A 177 16.76 5.05 -24.86
C ASN A 177 15.56 4.38 -25.51
N ILE A 178 15.55 4.37 -26.84
CA ILE A 178 14.65 3.54 -27.61
C ILE A 178 15.49 2.80 -28.64
N VAL A 179 15.39 1.47 -28.63
CA VAL A 179 16.14 0.66 -29.59
C VAL A 179 15.16 -0.10 -30.46
N CYS A 180 15.25 0.10 -31.77
CA CYS A 180 14.34 -0.53 -32.72
C CYS A 180 15.12 -1.44 -33.64
N THR A 181 14.61 -2.65 -33.84
CA THR A 181 15.29 -3.63 -34.66
C THR A 181 14.27 -4.39 -35.49
N ARG A 182 14.68 -4.71 -36.71
CA ARG A 182 14.06 -5.75 -37.54
C ARG A 182 15.14 -6.82 -37.71
N PRO A 183 15.03 -7.94 -37.00
CA PRO A 183 16.16 -8.85 -36.84
C PRO A 183 16.42 -9.67 -38.08
N ASN A 184 17.55 -10.40 -38.06
CA ASN A 184 18.14 -10.94 -39.30
C ASN A 184 17.14 -11.87 -40.01
N ASN A 193 8.11 -13.09 -40.76
CA ASN A 193 7.71 -11.94 -41.57
C ASN A 193 8.84 -10.91 -41.70
N ILE A 194 9.33 -10.79 -42.94
CA ILE A 194 10.39 -9.85 -43.28
C ILE A 194 10.06 -8.39 -42.93
N ARG A 195 8.82 -8.10 -42.54
CA ARG A 195 8.38 -6.74 -42.27
C ARG A 195 8.10 -6.47 -40.79
N GLN A 196 8.48 -7.40 -39.90
CA GLN A 196 8.17 -7.29 -38.48
C GLN A 196 9.40 -6.86 -37.69
N ALA A 197 9.22 -5.88 -36.81
CA ALA A 197 10.32 -5.44 -35.96
C ALA A 197 9.74 -4.93 -34.65
N HIS A 198 10.62 -4.60 -33.71
CA HIS A 198 10.18 -4.27 -32.37
C HIS A 198 11.06 -3.18 -31.81
N CYS A 199 10.58 -2.54 -30.75
CA CYS A 199 11.33 -1.46 -30.10
C CYS A 199 11.32 -1.67 -28.59
N ASN A 200 12.47 -1.49 -27.95
CA ASN A 200 12.61 -1.74 -26.53
C ASN A 200 12.98 -0.46 -25.79
N ILE A 201 12.30 -0.25 -24.66
CA ILE A 201 12.43 0.92 -23.80
C ILE A 201 12.46 0.49 -22.35
N ASN A 202 13.36 1.07 -21.57
CA ASN A 202 13.46 0.75 -20.14
C ASN A 202 12.24 1.29 -19.39
N GLU A 203 11.33 0.40 -18.95
CA GLU A 203 10.11 0.87 -18.29
C GLU A 203 10.40 1.75 -17.08
N SER A 204 11.47 1.50 -16.32
CA SER A 204 11.80 2.38 -15.21
C SER A 204 12.13 3.79 -15.70
N LYS A 205 12.92 3.86 -16.77
CA LYS A 205 13.25 5.15 -17.36
C LYS A 205 12.01 5.88 -17.86
N TRP A 206 11.16 5.16 -18.59
CA TRP A 206 9.94 5.74 -19.12
C TRP A 206 9.02 6.21 -18.00
N ASN A 207 8.76 5.32 -17.03
CA ASN A 207 8.26 5.64 -15.69
C ASN A 207 8.58 7.04 -15.26
N ASN A 208 9.85 7.18 -14.86
CA ASN A 208 10.29 8.43 -14.32
C ASN A 208 9.87 9.57 -15.24
N THR A 209 10.15 9.40 -16.53
CA THR A 209 9.95 10.50 -17.47
C THR A 209 8.50 10.96 -17.50
N LEU A 210 7.58 10.03 -17.68
CA LEU A 210 6.18 10.43 -17.74
C LEU A 210 5.72 10.99 -16.40
N GLN A 211 6.26 10.50 -15.28
CA GLN A 211 5.82 11.06 -14.01
C GLN A 211 6.21 12.54 -13.93
N LYS A 212 7.46 12.82 -14.21
CA LYS A 212 8.00 14.17 -14.27
C LYS A 212 7.31 15.03 -15.30
N VAL A 213 6.84 14.40 -16.37
CA VAL A 213 6.16 15.18 -17.39
C VAL A 213 4.79 15.57 -16.91
N GLY A 214 4.07 14.61 -16.35
CA GLY A 214 2.82 14.93 -15.69
C GLY A 214 2.94 15.97 -14.61
N GLU A 215 4.10 16.07 -13.98
CA GLU A 215 4.12 17.04 -12.90
C GLU A 215 3.93 18.36 -13.62
N GLU A 216 4.93 18.61 -14.48
CA GLU A 216 5.03 19.84 -15.26
C GLU A 216 3.75 20.16 -16.02
N LEU A 217 3.09 19.13 -16.54
CA LEU A 217 1.79 19.34 -17.19
C LEU A 217 0.75 19.80 -16.18
N ALA A 218 0.82 19.29 -14.94
CA ALA A 218 -0.12 19.72 -13.89
C ALA A 218 0.06 21.21 -13.57
N LYS A 219 1.30 21.69 -13.52
CA LYS A 219 1.50 23.12 -13.31
C LYS A 219 0.68 23.94 -14.28
N HIS A 220 0.33 23.40 -15.45
CA HIS A 220 -0.48 24.15 -16.41
C HIS A 220 -1.97 23.75 -16.40
N PHE A 221 -2.34 22.65 -15.74
CA PHE A 221 -3.75 22.36 -15.46
C PHE A 221 -3.80 21.76 -14.06
N PRO A 222 -4.14 22.57 -13.05
CA PRO A 222 -3.81 22.20 -11.65
C PRO A 222 -4.82 21.26 -10.99
N SER A 223 -6.11 21.62 -11.05
CA SER A 223 -7.19 20.87 -10.40
C SER A 223 -7.55 19.59 -11.13
N LYS A 224 -6.84 19.28 -12.22
CA LYS A 224 -7.15 18.16 -13.10
C LYS A 224 -6.14 17.03 -12.89
N THR A 225 -6.58 15.81 -13.09
CA THR A 225 -5.69 14.66 -13.06
C THR A 225 -5.19 14.43 -14.49
N ILE A 226 -3.93 14.02 -14.62
CA ILE A 226 -3.28 13.97 -15.94
C ILE A 226 -3.36 12.56 -16.52
N LYS A 227 -3.71 12.46 -17.80
CA LYS A 227 -3.86 11.13 -18.40
C LYS A 227 -3.09 11.02 -19.72
N PHE A 228 -2.41 9.87 -19.92
CA PHE A 228 -1.69 9.54 -21.15
C PHE A 228 -2.38 8.35 -21.82
N GLU A 229 -2.87 8.56 -23.03
CA GLU A 229 -3.62 7.55 -23.76
C GLU A 229 -3.09 7.46 -25.18
N PRO A 230 -3.12 6.26 -25.78
CA PRO A 230 -2.57 6.10 -27.12
C PRO A 230 -3.35 6.93 -28.14
N SER A 231 -2.71 7.17 -29.26
CA SER A 231 -3.25 8.04 -30.31
C SER A 231 -4.62 7.56 -30.76
N SER A 232 -5.61 8.47 -30.79
CA SER A 232 -7.00 8.05 -31.07
C SER A 232 -7.17 7.59 -32.52
N GLY A 233 -7.00 8.50 -33.48
CA GLY A 233 -7.16 8.14 -34.88
C GLY A 233 -6.35 9.00 -35.82
N GLY A 234 -6.22 8.49 -37.04
CA GLY A 234 -5.53 9.22 -38.07
C GLY A 234 -4.93 8.25 -39.07
N ASP A 235 -4.26 8.83 -40.07
CA ASP A 235 -3.33 8.04 -40.87
C ASP A 235 -2.37 7.24 -39.97
N LEU A 236 -2.07 6.03 -40.41
CA LEU A 236 -1.12 5.19 -39.70
C LEU A 236 0.19 5.92 -39.35
N GLU A 237 0.59 6.90 -40.18
CA GLU A 237 1.86 7.57 -39.92
C GLU A 237 1.82 8.40 -38.62
N ILE A 238 0.66 8.86 -38.14
CA ILE A 238 0.64 9.59 -36.86
C ILE A 238 0.06 8.74 -35.73
N THR A 239 -0.80 7.77 -36.02
CA THR A 239 -1.32 7.01 -34.89
C THR A 239 -0.31 6.02 -34.37
N THR A 240 0.83 5.89 -35.03
CA THR A 240 1.95 5.16 -34.48
C THR A 240 3.17 6.09 -34.47
N HIS A 241 4.20 5.67 -33.75
CA HIS A 241 5.50 6.33 -33.81
C HIS A 241 6.21 5.88 -35.07
N SER A 242 6.32 6.79 -36.04
CA SER A 242 6.83 6.47 -37.37
C SER A 242 8.12 7.22 -37.65
N PHE A 243 8.96 6.62 -38.48
CA PHE A 243 10.27 7.24 -38.63
C PHE A 243 11.07 6.42 -39.64
N ASN A 244 12.16 6.99 -40.14
CA ASN A 244 12.98 6.27 -41.08
C ASN A 244 14.25 5.85 -40.39
N CYS A 245 14.62 4.60 -40.57
CA CYS A 245 15.80 4.03 -39.96
C CYS A 245 16.60 3.31 -41.03
N ARG A 246 17.83 3.76 -41.26
CA ARG A 246 18.69 3.07 -42.20
C ARG A 246 18.03 2.94 -43.58
N GLY A 247 17.00 3.73 -43.85
CA GLY A 247 16.33 3.55 -45.12
C GLY A 247 14.90 3.10 -44.99
N GLU A 248 14.62 2.11 -44.16
CA GLU A 248 13.23 1.65 -44.13
C GLU A 248 12.35 2.55 -43.26
N PHE A 249 11.02 2.46 -43.49
CA PHE A 249 10.04 3.26 -42.77
C PHE A 249 9.41 2.40 -41.68
N PHE A 250 9.77 2.67 -40.43
CA PHE A 250 9.24 1.93 -39.29
C PHE A 250 7.95 2.59 -38.84
N TYR A 251 6.94 1.77 -38.56
CA TYR A 251 5.78 2.24 -37.83
C TYR A 251 5.65 1.40 -36.58
N CYS A 252 5.68 2.05 -35.42
CA CYS A 252 5.70 1.34 -34.15
C CYS A 252 4.48 1.73 -33.33
N ASN A 253 3.76 0.72 -32.85
CA ASN A 253 2.61 0.91 -31.98
C ASN A 253 3.05 1.49 -30.64
N THR A 254 2.37 2.52 -30.17
CA THR A 254 2.76 3.15 -28.91
C THR A 254 1.81 2.89 -27.75
N SER A 255 0.77 2.04 -27.92
CA SER A 255 -0.26 2.01 -26.90
C SER A 255 0.28 1.49 -25.57
N ASP A 256 1.30 0.64 -25.60
CA ASP A 256 1.96 0.28 -24.36
C ASP A 256 2.89 1.37 -23.85
N LEU A 257 2.67 2.62 -24.21
CA LEU A 257 3.69 3.62 -23.89
C LEU A 257 3.01 4.91 -23.47
N PHE A 258 2.15 5.43 -24.32
CA PHE A 258 1.29 6.55 -23.94
C PHE A 258 0.03 5.96 -23.34
N ASN A 259 0.17 5.48 -22.09
CA ASN A 259 -0.84 4.65 -21.43
C ASN A 259 -0.55 4.66 -19.92
N GLY A 260 -1.12 5.65 -19.23
CA GLY A 260 -0.84 5.79 -17.81
C GLY A 260 -1.59 6.97 -17.23
N THR A 261 -1.75 6.94 -15.91
CA THR A 261 -2.38 8.03 -15.18
C THR A 261 -1.42 8.67 -14.18
N TYR A 262 -1.66 9.97 -13.93
CA TYR A 262 -0.91 10.80 -13.00
C TYR A 262 -1.93 11.52 -12.14
N ARG A 263 -1.96 11.18 -10.85
CA ARG A 263 -2.91 11.75 -9.89
C ARG A 263 -2.18 11.85 -8.56
N ASN A 264 -2.46 12.94 -7.81
CA ASN A 264 -1.91 13.07 -6.46
C ASN A 264 -0.39 12.88 -6.48
N GLY A 265 0.28 13.65 -7.33
CA GLY A 265 1.73 13.64 -7.35
C GLY A 265 2.38 12.34 -7.75
N THR A 266 1.59 11.29 -8.01
CA THR A 266 2.13 9.99 -8.39
C THR A 266 1.78 9.66 -9.85
N TYR A 267 2.71 9.00 -10.54
CA TYR A 267 2.38 8.43 -11.86
C TYR A 267 2.38 6.91 -11.82
N ASN A 268 1.20 6.34 -12.15
CA ASN A 268 0.98 4.95 -12.55
C ASN A 268 1.05 4.72 -14.04
N HIS A 269 1.93 3.80 -14.44
CA HIS A 269 1.93 3.36 -15.83
C HIS A 269 0.90 2.26 -16.06
N THR A 270 0.00 2.51 -16.99
CA THR A 270 -1.12 1.65 -17.35
C THR A 270 -0.80 0.71 -18.51
N GLY A 271 0.29 0.94 -19.25
CA GLY A 271 0.62 0.06 -20.34
C GLY A 271 1.32 -1.20 -19.87
N ARG A 272 1.38 -2.20 -20.77
CA ARG A 272 1.89 -3.53 -20.40
C ARG A 272 3.38 -3.65 -20.66
N SER A 273 4.13 -4.06 -19.64
CA SER A 273 5.57 -4.30 -19.80
C SER A 273 5.89 -5.77 -19.46
N SER A 274 7.19 -6.08 -19.40
CA SER A 274 7.66 -7.47 -19.31
C SER A 274 9.13 -7.46 -18.97
N ASN A 275 9.51 -8.00 -17.82
CA ASN A 275 10.89 -7.91 -17.38
C ASN A 275 11.37 -6.47 -17.50
N GLY A 276 10.47 -5.55 -17.14
CA GLY A 276 10.86 -4.17 -16.94
C GLY A 276 11.25 -3.42 -18.20
N THR A 277 10.87 -3.92 -19.37
CA THR A 277 11.02 -3.19 -20.62
C THR A 277 9.73 -3.26 -21.39
N ILE A 278 9.34 -2.13 -21.98
CA ILE A 278 8.25 -2.08 -22.94
C ILE A 278 8.83 -2.43 -24.30
N THR A 279 8.16 -3.34 -25.02
CA THR A 279 8.46 -3.53 -26.43
C THR A 279 7.25 -3.11 -27.26
N LEU A 280 7.56 -2.48 -28.37
CA LEU A 280 6.58 -1.99 -29.34
C LEU A 280 6.66 -2.88 -30.57
N GLN A 281 5.51 -3.42 -30.98
CA GLN A 281 5.44 -4.03 -32.30
C GLN A 281 5.49 -2.94 -33.37
N CYS A 282 6.31 -3.18 -34.39
CA CYS A 282 6.46 -2.29 -35.53
C CYS A 282 6.36 -3.07 -36.82
N LYS A 283 5.83 -2.40 -37.84
CA LYS A 283 5.86 -2.95 -39.18
C LYS A 283 6.62 -2.01 -40.09
N ILE A 284 7.33 -2.57 -41.07
CA ILE A 284 8.02 -1.77 -42.08
C ILE A 284 7.11 -1.65 -43.28
N LYS A 285 6.72 -0.42 -43.63
CA LYS A 285 5.66 -0.17 -44.60
C LYS A 285 6.28 0.31 -45.90
N GLN A 286 5.65 -0.11 -46.99
CA GLN A 286 6.12 0.19 -48.35
C GLN A 286 5.38 1.41 -48.87
N ILE A 287 4.06 1.43 -48.66
CA ILE A 287 3.24 2.60 -49.00
C ILE A 287 3.29 3.63 -47.88
N ILE A 288 3.43 4.90 -48.23
CA ILE A 288 3.78 5.86 -47.21
C ILE A 288 3.02 7.16 -47.48
N ASN A 289 2.26 7.61 -46.48
CA ASN A 289 1.65 8.92 -46.55
C ASN A 289 2.73 9.97 -46.36
N MET A 290 2.94 10.79 -47.38
CA MET A 290 4.06 11.71 -47.37
C MET A 290 3.85 12.80 -46.33
N TRP A 291 4.93 13.24 -45.68
CA TRP A 291 4.87 14.40 -44.81
C TRP A 291 5.16 15.68 -45.54
N GLN A 292 5.79 15.59 -46.69
CA GLN A 292 6.19 16.80 -47.40
C GLN A 292 4.97 17.50 -47.98
N GLU A 293 4.11 16.76 -48.68
CA GLU A 293 2.91 17.30 -49.30
C GLU A 293 1.84 16.24 -49.17
N VAL A 294 0.62 16.53 -49.62
CA VAL A 294 -0.47 15.57 -49.47
C VAL A 294 -0.38 14.58 -50.63
N GLY A 295 0.06 13.36 -50.33
CA GLY A 295 0.22 12.37 -51.37
C GLY A 295 0.88 11.11 -50.84
N ARG A 296 1.16 10.18 -51.74
CA ARG A 296 1.70 8.90 -51.31
C ARG A 296 3.01 8.58 -52.00
N ALA A 297 3.80 7.74 -51.35
CA ALA A 297 5.09 7.37 -51.90
C ALA A 297 5.26 5.88 -51.71
N ILE A 298 5.62 5.17 -52.77
CA ILE A 298 5.77 3.72 -52.67
C ILE A 298 7.25 3.35 -52.88
N TYR A 299 7.78 2.57 -51.93
CA TYR A 299 9.19 2.24 -51.86
C TYR A 299 9.38 0.73 -51.98
N ALA A 300 10.62 0.35 -52.24
CA ALA A 300 10.93 -1.05 -52.48
C ALA A 300 10.84 -1.86 -51.20
N PRO A 301 10.70 -3.18 -51.33
CA PRO A 301 10.70 -4.05 -50.15
C PRO A 301 11.95 -3.83 -49.31
N PRO A 302 11.92 -4.22 -48.05
CA PRO A 302 13.03 -3.91 -47.14
C PRO A 302 14.33 -4.60 -47.56
N ILE A 303 15.45 -3.90 -47.34
CA ILE A 303 16.78 -4.49 -47.54
C ILE A 303 16.90 -5.67 -46.59
N GLU A 304 18.02 -6.40 -46.61
CA GLU A 304 18.08 -7.59 -45.79
C GLU A 304 19.10 -7.44 -44.68
N GLY A 305 19.10 -8.43 -43.82
CA GLY A 305 19.91 -8.36 -42.63
C GLY A 305 19.19 -7.64 -41.52
N GLU A 306 19.93 -7.36 -40.45
CA GLU A 306 19.33 -6.86 -39.23
C GLU A 306 19.36 -5.33 -39.29
N ILE A 307 18.18 -4.72 -39.31
CA ILE A 307 18.05 -3.27 -39.42
C ILE A 307 17.84 -2.73 -38.02
N THR A 308 18.80 -1.97 -37.50
CA THR A 308 18.66 -1.45 -36.14
C THR A 308 19.03 0.01 -36.01
N CYS A 309 18.16 0.74 -35.30
CA CYS A 309 18.40 2.11 -34.90
C CYS A 309 18.32 2.20 -33.39
N ASN A 310 19.40 2.69 -32.79
CA ASN A 310 19.51 2.89 -31.35
C ASN A 310 19.50 4.40 -31.14
N SER A 311 18.35 4.93 -30.69
CA SER A 311 18.13 6.38 -30.74
C SER A 311 17.76 6.88 -29.35
N ASN A 312 17.91 8.20 -29.16
CA ASN A 312 17.50 8.88 -27.93
C ASN A 312 16.14 9.54 -28.11
N ILE A 313 15.16 9.11 -27.30
CA ILE A 313 13.97 9.93 -27.18
C ILE A 313 14.33 11.18 -26.39
N THR A 314 14.40 12.34 -27.06
CA THR A 314 14.63 13.60 -26.36
C THR A 314 13.39 14.51 -26.27
N GLY A 315 12.28 14.15 -26.92
CA GLY A 315 11.10 15.00 -26.77
C GLY A 315 9.82 14.30 -27.18
N LEU A 316 8.70 14.91 -26.77
CA LEU A 316 7.39 14.37 -27.12
C LEU A 316 6.62 15.34 -27.99
N LEU A 317 5.67 14.79 -28.77
CA LEU A 317 4.66 15.57 -29.49
C LEU A 317 3.29 15.10 -28.99
N LEU A 318 2.65 15.89 -28.14
CA LEU A 318 1.35 15.52 -27.57
C LEU A 318 0.25 16.47 -28.05
N LEU A 319 -1.00 15.96 -28.05
CA LEU A 319 -2.20 16.74 -28.22
C LEU A 319 -3.15 16.36 -27.10
N ARG A 320 -3.79 17.38 -26.53
CA ARG A 320 -4.79 17.25 -25.47
C ARG A 320 -6.20 17.16 -26.06
N ASP A 321 -7.18 16.73 -25.25
CA ASP A 321 -8.57 16.75 -25.78
C ASP A 321 -9.38 17.90 -25.18
N ASP A 330 -11.85 18.15 -13.11
CA ASP A 330 -11.97 16.95 -13.92
C ASP A 330 -10.64 16.25 -14.32
N THR A 331 -10.62 15.81 -15.57
CA THR A 331 -9.51 15.11 -16.19
C THR A 331 -9.12 15.73 -17.53
N GLU A 332 -7.80 15.90 -17.68
CA GLU A 332 -7.16 16.39 -18.89
C GLU A 332 -6.27 15.26 -19.38
N THR A 333 -6.45 14.83 -20.63
CA THR A 333 -5.69 13.69 -21.13
C THR A 333 -4.99 14.01 -22.45
N PHE A 334 -3.72 13.64 -22.53
CA PHE A 334 -2.87 13.84 -23.69
C PHE A 334 -2.58 12.53 -24.42
N ARG A 335 -2.50 12.61 -25.75
CA ARG A 335 -2.15 11.51 -26.62
C ARG A 335 -1.02 11.91 -27.56
N PRO A 336 -0.28 10.94 -28.10
CA PRO A 336 0.83 11.31 -28.97
C PRO A 336 0.25 11.81 -30.28
N GLY A 337 0.87 12.85 -30.85
CA GLY A 337 0.52 13.40 -32.14
C GLY A 337 1.74 13.65 -33.02
N GLY A 338 1.55 14.54 -33.99
CA GLY A 338 2.57 14.89 -34.95
C GLY A 338 2.01 14.86 -36.34
N GLY A 339 2.88 15.02 -37.34
CA GLY A 339 2.43 14.99 -38.72
C GLY A 339 2.91 16.19 -39.50
N ASP A 340 3.01 17.35 -38.82
CA ASP A 340 3.60 18.56 -39.40
C ASP A 340 5.07 18.56 -39.06
N MET A 341 5.89 17.99 -39.96
CA MET A 341 7.32 17.88 -39.70
C MET A 341 7.97 19.18 -39.28
N ARG A 342 7.30 20.33 -39.48
CA ARG A 342 7.87 21.59 -39.04
C ARG A 342 7.98 21.65 -37.53
N ASP A 343 7.12 20.95 -36.81
CA ASP A 343 7.23 20.96 -35.35
C ASP A 343 8.57 20.39 -34.90
N ASN A 344 9.08 19.35 -35.60
CA ASN A 344 10.40 18.86 -35.24
C ASN A 344 11.41 19.98 -35.35
N TRP A 345 11.46 20.63 -36.50
CA TRP A 345 12.40 21.74 -36.64
C TRP A 345 12.21 22.77 -35.53
N ARG A 346 10.95 23.18 -35.29
CA ARG A 346 10.66 24.15 -34.24
C ARG A 346 11.29 23.76 -32.92
N SER A 347 11.16 22.48 -32.55
CA SER A 347 11.66 22.02 -31.27
C SER A 347 13.15 22.31 -31.10
N GLU A 348 13.92 22.30 -32.20
CA GLU A 348 15.33 22.63 -32.08
C GLU A 348 15.62 24.11 -32.31
N LEU A 349 14.88 24.74 -33.23
CA LEU A 349 15.13 26.13 -33.57
C LEU A 349 14.41 27.09 -32.62
N TYR A 350 13.63 26.57 -31.67
CA TYR A 350 12.78 27.45 -30.85
C TYR A 350 13.57 28.64 -30.34
N LYS A 351 14.85 28.46 -30.07
CA LYS A 351 15.60 29.49 -29.39
C LYS A 351 16.36 30.41 -30.34
N TYR A 352 15.95 30.55 -31.62
CA TYR A 352 16.68 31.60 -32.30
C TYR A 352 15.78 32.38 -33.23
N LYS A 353 16.29 33.56 -33.59
CA LYS A 353 15.65 34.46 -34.55
C LYS A 353 16.76 35.09 -35.38
N VAL A 354 16.45 35.48 -36.63
CA VAL A 354 17.44 36.25 -37.40
C VAL A 354 17.03 37.73 -37.45
N VAL A 355 18.04 38.60 -37.56
CA VAL A 355 17.92 40.01 -37.21
C VAL A 355 18.77 40.85 -38.15
N GLU A 356 18.30 42.08 -38.38
CA GLU A 356 19.03 43.20 -38.99
C GLU A 356 19.13 43.12 -40.51
N LYS B 6 -18.48 38.50 30.33
CA LYS B 6 -19.89 38.93 30.37
C LYS B 6 -20.76 38.49 31.56
N THR B 7 -21.83 37.74 31.31
CA THR B 7 -22.60 37.20 32.41
C THR B 7 -23.28 35.92 31.96
N THR B 8 -23.63 35.08 32.94
CA THR B 8 -24.42 33.88 32.66
C THR B 8 -25.81 34.27 32.16
N LEU B 9 -26.14 33.88 30.94
CA LEU B 9 -27.53 33.99 30.52
C LEU B 9 -28.31 32.74 30.93
N PHE B 10 -29.64 32.82 30.80
CA PHE B 10 -30.53 31.68 30.97
C PHE B 10 -31.37 31.42 29.72
N CYS B 11 -32.05 30.27 29.72
CA CYS B 11 -32.89 29.85 28.61
C CYS B 11 -34.34 29.75 29.03
N ALA B 12 -35.20 30.30 28.17
CA ALA B 12 -36.64 30.19 28.25
C ALA B 12 -37.11 29.33 27.10
N SER B 13 -37.90 28.29 27.40
CA SER B 13 -38.44 27.43 26.34
C SER B 13 -39.94 27.36 26.48
N ASP B 14 -40.59 26.81 25.47
CA ASP B 14 -42.02 26.58 25.55
C ASP B 14 -42.31 25.11 25.87
N ALA B 15 -41.38 24.43 26.54
CA ALA B 15 -41.40 22.98 26.56
C ALA B 15 -42.46 22.46 27.52
N LYS B 16 -42.70 21.16 27.41
CA LYS B 16 -43.82 20.49 28.07
C LYS B 16 -43.31 19.38 28.97
N ALA B 17 -43.62 19.48 30.26
CA ALA B 17 -43.10 18.50 31.23
C ALA B 17 -43.52 17.08 30.89
N TYR B 18 -44.79 16.87 30.53
CA TYR B 18 -45.28 15.56 30.09
C TYR B 18 -44.64 14.96 28.83
N GLU B 19 -43.92 15.71 28.01
CA GLU B 19 -43.29 15.12 26.81
C GLU B 19 -42.15 14.18 27.24
N LYS B 20 -42.13 12.94 26.67
CA LYS B 20 -40.90 12.14 26.76
C LYS B 20 -39.74 12.70 25.95
N GLU B 21 -40.01 13.56 24.97
CA GLU B 21 -38.97 13.90 24.02
C GLU B 21 -37.85 14.67 24.71
N VAL B 22 -36.61 14.34 24.34
CA VAL B 22 -35.47 14.65 25.20
C VAL B 22 -35.21 16.15 25.28
N HIS B 23 -35.33 16.87 24.15
CA HIS B 23 -35.20 18.32 24.23
C HIS B 23 -36.17 18.90 25.25
N ASN B 24 -37.41 18.41 25.25
CA ASN B 24 -38.41 18.91 26.19
C ASN B 24 -37.97 18.64 27.62
N VAL B 25 -37.49 17.42 27.88
CA VAL B 25 -37.08 17.07 29.24
C VAL B 25 -35.97 18.00 29.71
N TRP B 26 -34.88 18.03 28.96
CA TRP B 26 -33.78 18.94 29.28
C TRP B 26 -34.30 20.35 29.56
N ALA B 27 -35.12 20.89 28.65
CA ALA B 27 -35.49 22.29 28.81
C ALA B 27 -36.36 22.51 30.05
N THR B 28 -37.31 21.60 30.34
CA THR B 28 -38.12 21.79 31.55
C THR B 28 -37.25 21.65 32.77
N HIS B 29 -36.10 21.01 32.63
CA HIS B 29 -35.18 20.74 33.70
C HIS B 29 -34.16 21.86 33.86
N ALA B 30 -34.10 22.81 32.90
CA ALA B 30 -33.01 23.78 32.82
C ALA B 30 -33.45 25.15 32.29
N CYS B 31 -34.64 25.25 31.70
CA CYS B 31 -35.13 26.52 31.18
C CYS B 31 -36.40 26.94 31.90
N VAL B 32 -36.55 28.26 32.01
CA VAL B 32 -37.77 28.85 32.56
C VAL B 32 -38.77 29.02 31.42
N PRO B 33 -40.05 29.19 31.74
CA PRO B 33 -41.06 29.35 30.68
C PRO B 33 -40.90 30.68 29.99
N THR B 34 -41.31 30.72 28.73
CA THR B 34 -41.19 31.94 27.94
C THR B 34 -42.24 32.94 28.36
N ASP B 35 -41.88 34.21 28.23
CA ASP B 35 -42.80 35.31 28.50
C ASP B 35 -43.70 35.52 27.29
N PRO B 36 -45.02 35.31 27.40
CA PRO B 36 -45.90 35.52 26.25
C PRO B 36 -45.90 36.97 25.77
N ASN B 37 -45.76 37.91 26.71
CA ASN B 37 -45.64 39.33 26.39
C ASN B 37 -44.22 39.69 25.95
N PRO B 38 -44.01 40.08 24.68
CA PRO B 38 -42.63 40.37 24.25
C PRO B 38 -42.18 41.75 24.69
N GLN B 39 -41.31 41.81 25.70
CA GLN B 39 -40.61 43.05 26.02
C GLN B 39 -39.68 43.46 24.87
N GLU B 40 -39.97 44.55 24.13
CA GLU B 40 -39.00 45.00 23.12
C GLU B 40 -38.97 46.52 22.98
N MET B 41 -37.76 47.09 23.04
CA MET B 41 -37.47 48.50 22.74
C MET B 41 -36.94 48.67 21.32
N VAL B 42 -37.37 49.74 20.64
CA VAL B 42 -36.71 50.22 19.43
C VAL B 42 -35.77 51.35 19.79
N LEU B 43 -34.88 51.71 18.86
CA LEU B 43 -34.03 52.90 19.00
C LEU B 43 -33.10 53.08 17.80
N ALA B 44 -33.66 53.43 16.61
CA ALA B 44 -32.88 53.56 15.38
C ALA B 44 -32.13 54.90 15.35
N ASN B 45 -30.79 54.80 15.38
CA ASN B 45 -29.84 55.88 15.70
C ASN B 45 -28.73 55.44 16.66
N VAL B 46 -28.90 54.31 17.34
CA VAL B 46 -28.02 54.02 18.47
C VAL B 46 -26.63 53.55 18.01
N THR B 47 -26.54 52.79 16.91
CA THR B 47 -25.25 52.52 16.29
C THR B 47 -24.29 51.77 17.21
N GLU B 48 -24.75 50.59 17.66
CA GLU B 48 -23.89 49.58 18.23
C GLU B 48 -23.11 48.89 17.11
N ASN B 49 -21.95 48.34 17.51
CA ASN B 49 -21.16 47.39 16.75
C ASN B 49 -21.37 45.98 17.29
N PHE B 50 -21.36 45.02 16.37
CA PHE B 50 -21.51 43.59 16.66
C PHE B 50 -20.35 42.85 16.00
N ASN B 51 -19.96 41.71 16.57
CA ASN B 51 -19.12 40.79 15.80
C ASN B 51 -19.59 39.37 16.07
N MET B 52 -20.42 38.84 15.15
CA MET B 52 -20.98 37.51 15.31
C MET B 52 -19.89 36.47 15.57
N TRP B 53 -18.67 36.73 15.10
CA TRP B 53 -17.61 35.74 15.17
C TRP B 53 -16.97 35.63 16.55
N LYS B 54 -17.32 36.53 17.46
CA LYS B 54 -16.59 36.72 18.69
C LYS B 54 -17.70 37.12 19.67
N ASN B 55 -18.54 36.16 20.07
CA ASN B 55 -19.81 36.47 20.73
C ASN B 55 -20.08 35.47 21.84
N ASP B 56 -19.82 35.86 23.09
CA ASP B 56 -19.97 34.92 24.18
C ASP B 56 -21.31 34.18 24.18
N MET B 57 -22.37 34.77 23.63
CA MET B 57 -23.65 34.05 23.58
C MET B 57 -23.48 32.69 22.87
N VAL B 58 -22.72 32.67 21.77
CA VAL B 58 -22.51 31.41 21.06
C VAL B 58 -21.86 30.38 21.97
N GLU B 59 -20.83 30.78 22.71
CA GLU B 59 -20.22 29.86 23.66
C GLU B 59 -21.26 29.31 24.65
N GLN B 60 -22.02 30.19 25.30
CA GLN B 60 -22.96 29.69 26.30
C GLN B 60 -23.90 28.67 25.68
N MET B 61 -24.45 28.99 24.49
CA MET B 61 -25.41 28.06 23.90
C MET B 61 -24.73 26.74 23.60
N HIS B 62 -23.56 26.80 22.97
CA HIS B 62 -22.76 25.61 22.71
C HIS B 62 -22.65 24.75 23.96
N GLU B 63 -22.28 25.39 25.08
CA GLU B 63 -22.18 24.71 26.35
C GLU B 63 -23.47 23.95 26.58
N ASP B 64 -24.60 24.68 26.56
CA ASP B 64 -25.89 24.08 26.89
C ASP B 64 -26.17 22.90 25.97
N ILE B 65 -26.08 23.10 24.64
CA ILE B 65 -26.40 22.02 23.71
C ILE B 65 -25.55 20.80 24.01
N ILE B 66 -24.25 20.99 24.27
CA ILE B 66 -23.42 19.85 24.69
C ILE B 66 -24.03 19.19 25.91
N SER B 67 -24.49 19.99 26.89
CA SER B 67 -25.07 19.38 28.09
C SER B 67 -26.29 18.56 27.71
N LEU B 68 -27.13 19.15 26.87
CA LEU B 68 -28.38 18.52 26.48
C LEU B 68 -28.11 17.20 25.75
N TRP B 69 -27.13 17.21 24.84
CA TRP B 69 -26.80 15.96 24.19
C TRP B 69 -26.20 14.96 25.18
N ASP B 70 -25.34 15.36 26.18
CA ASP B 70 -24.80 14.20 26.94
C ASP B 70 -25.87 13.66 27.86
N GLU B 71 -26.87 14.49 28.17
CA GLU B 71 -27.98 14.04 29.01
C GLU B 71 -29.01 13.20 28.25
N SER B 72 -29.23 13.49 26.97
CA SER B 72 -30.32 12.87 26.22
C SER B 72 -29.88 11.82 25.20
N LEU B 73 -28.77 12.04 24.50
CA LEU B 73 -28.41 11.10 23.43
C LEU B 73 -27.19 10.29 23.87
N LYS B 74 -27.35 9.49 24.91
CA LYS B 74 -26.20 8.84 25.52
C LYS B 74 -25.70 7.74 24.59
N PRO B 75 -24.42 7.67 24.28
CA PRO B 75 -23.92 6.56 23.45
C PRO B 75 -23.62 5.31 24.26
N CYS B 76 -23.93 4.14 23.66
CA CYS B 76 -23.50 2.86 24.22
C CYS B 76 -22.04 2.91 24.65
N VAL B 77 -21.18 3.39 23.76
CA VAL B 77 -19.79 3.55 24.16
C VAL B 77 -19.38 4.98 23.83
N LYS B 78 -18.36 5.46 24.52
CA LYS B 78 -17.77 6.75 24.20
C LYS B 78 -16.28 6.56 24.41
N LEU B 79 -15.51 6.73 23.34
CA LEU B 79 -14.06 6.67 23.40
C LEU B 79 -13.54 8.08 23.39
N THR B 80 -12.92 8.52 24.49
CA THR B 80 -12.22 9.79 24.33
C THR B 80 -10.85 9.59 24.96
N GLY B 81 -9.83 10.15 24.34
CA GLY B 81 -8.52 9.88 24.89
C GLY B 81 -8.25 8.38 24.84
N GLY B 82 -7.72 7.87 25.96
CA GLY B 82 -7.59 6.44 26.11
C GLY B 82 -8.83 5.76 26.67
N SER B 83 -9.69 6.53 27.35
CA SER B 83 -10.81 5.96 28.07
C SER B 83 -11.92 5.48 27.13
N ALA B 84 -12.68 4.49 27.62
CA ALA B 84 -13.94 4.08 27.02
C ALA B 84 -15.00 3.98 28.11
N ILE B 85 -15.95 4.91 28.10
CA ILE B 85 -17.08 4.91 29.04
C ILE B 85 -18.26 4.20 28.38
N THR B 86 -18.94 3.30 29.12
CA THR B 86 -20.14 2.63 28.58
C THR B 86 -21.38 3.04 29.37
N GLN B 87 -22.43 3.47 28.68
CA GLN B 87 -23.70 3.75 29.34
C GLN B 87 -24.81 2.98 28.67
N ALA B 88 -25.98 3.03 29.31
CA ALA B 88 -27.18 2.55 28.65
C ALA B 88 -27.54 3.53 27.54
N CYS B 89 -27.74 3.03 26.33
CA CYS B 89 -27.95 3.87 25.14
C CYS B 89 -29.31 3.55 24.53
N PRO B 90 -30.39 3.81 25.27
CA PRO B 90 -31.72 3.46 24.79
C PRO B 90 -32.09 4.37 23.63
N LYS B 91 -32.94 3.87 22.75
CA LYS B 91 -33.54 4.71 21.73
C LYS B 91 -34.44 5.74 22.40
N VAL B 92 -34.59 6.92 21.79
CA VAL B 92 -35.36 7.97 22.46
C VAL B 92 -36.16 8.78 21.45
N SER B 93 -37.07 9.59 21.98
CA SER B 93 -37.86 10.50 21.17
C SER B 93 -37.10 11.82 21.03
N PHE B 94 -36.70 12.16 19.80
CA PHE B 94 -35.73 13.23 19.57
C PHE B 94 -36.18 14.21 18.47
N ASP B 95 -36.78 15.32 18.86
CA ASP B 95 -37.12 16.40 17.93
C ASP B 95 -36.73 17.76 18.50
N PRO B 96 -35.75 18.45 17.90
CA PRO B 96 -35.24 19.69 18.48
C PRO B 96 -36.38 20.70 18.64
N ILE B 97 -36.44 21.32 19.81
CA ILE B 97 -37.46 22.35 20.07
C ILE B 97 -36.76 23.70 20.07
N PRO B 98 -37.46 24.80 19.80
CA PRO B 98 -36.80 26.11 19.88
C PRO B 98 -36.45 26.41 21.32
N LEU B 99 -35.34 27.17 21.49
CA LEU B 99 -34.82 27.66 22.77
C LEU B 99 -34.59 29.15 22.66
N HIS B 100 -34.92 29.89 23.72
CA HIS B 100 -34.64 31.32 23.76
C HIS B 100 -33.57 31.59 24.80
N TYR B 101 -32.60 32.43 24.42
CA TYR B 101 -31.55 32.84 25.34
C TYR B 101 -31.90 34.24 25.86
N CYS B 102 -31.98 34.37 27.18
CA CYS B 102 -32.37 35.58 27.88
C CYS B 102 -31.23 36.07 28.77
N ALA B 103 -31.14 37.40 28.91
CA ALA B 103 -30.29 38.22 29.72
C ALA B 103 -30.87 38.40 31.11
N PRO B 104 -30.07 38.17 32.16
CA PRO B 104 -30.55 38.33 33.54
C PRO B 104 -30.57 39.79 33.99
N ALA B 105 -31.26 40.03 35.11
CA ALA B 105 -31.49 41.37 35.62
C ALA B 105 -30.21 42.19 35.69
N GLY B 106 -30.23 43.39 35.08
CA GLY B 106 -29.11 44.30 35.03
C GLY B 106 -28.46 44.36 33.67
N PHE B 107 -28.66 43.31 32.86
CA PHE B 107 -28.18 43.15 31.49
C PHE B 107 -29.36 43.13 30.52
N ALA B 108 -29.08 43.49 29.25
CA ALA B 108 -30.09 43.33 28.21
C ALA B 108 -29.42 42.86 26.94
N ILE B 109 -30.22 42.31 26.01
CA ILE B 109 -29.73 41.88 24.71
C ILE B 109 -30.05 42.96 23.69
N LEU B 110 -29.03 43.42 22.97
CA LEU B 110 -29.23 44.27 21.82
C LEU B 110 -29.37 43.40 20.58
N LYS B 111 -30.27 43.83 19.69
CA LYS B 111 -30.66 43.09 18.50
C LYS B 111 -30.45 44.00 17.30
N CYS B 112 -29.69 43.53 16.32
CA CYS B 112 -29.50 44.32 15.11
C CYS B 112 -30.67 44.08 14.15
N ASN B 113 -31.15 45.18 13.57
CA ASN B 113 -32.37 45.21 12.78
C ASN B 113 -32.12 45.42 11.29
N ASN B 114 -30.90 45.81 10.91
CA ASN B 114 -30.53 45.78 9.49
C ASN B 114 -30.86 44.46 8.81
N LYS B 115 -31.96 44.42 8.06
CA LYS B 115 -32.31 43.20 7.35
C LYS B 115 -31.17 42.66 6.48
N THR B 116 -30.17 43.48 6.14
CA THR B 116 -29.03 43.01 5.35
C THR B 116 -27.71 42.95 6.12
N PHE B 117 -27.74 43.14 7.45
CA PHE B 117 -26.54 43.08 8.29
C PHE B 117 -25.73 41.82 8.00
N ASN B 118 -24.45 41.99 7.66
CA ASN B 118 -23.61 40.83 7.45
C ASN B 118 -22.98 40.32 8.75
N GLY B 119 -23.41 40.85 9.90
CA GLY B 119 -23.10 40.24 11.18
C GLY B 119 -21.84 40.73 11.84
N THR B 120 -20.97 41.43 11.12
CA THR B 120 -19.88 42.17 11.73
C THR B 120 -20.00 43.65 11.37
N GLY B 121 -19.65 44.50 12.34
CA GLY B 121 -19.53 45.91 12.07
C GLY B 121 -20.60 46.74 12.77
N PRO B 122 -20.84 47.94 12.26
CA PRO B 122 -21.81 48.83 12.89
C PRO B 122 -23.19 48.60 12.30
N CYS B 123 -24.17 48.68 13.18
CA CYS B 123 -25.57 48.41 12.87
C CYS B 123 -26.37 49.62 13.28
N ARG B 124 -27.05 50.25 12.31
CA ARG B 124 -27.97 51.34 12.58
C ARG B 124 -29.16 51.08 13.49
N ASN B 125 -30.19 50.42 12.94
CA ASN B 125 -31.47 50.24 13.65
C ASN B 125 -31.29 49.13 14.70
N VAL B 126 -31.26 49.51 16.00
CA VAL B 126 -31.00 48.55 17.07
C VAL B 126 -32.22 48.44 17.98
N SER B 127 -32.30 47.33 18.72
CA SER B 127 -33.42 47.15 19.66
C SER B 127 -32.93 46.55 20.97
N THR B 128 -33.73 46.74 22.03
CA THR B 128 -33.49 46.14 23.33
C THR B 128 -34.49 45.03 23.57
N VAL B 129 -34.00 43.87 24.01
CA VAL B 129 -34.86 42.72 24.20
C VAL B 129 -34.42 41.98 25.44
N GLN B 130 -35.40 41.28 26.02
CA GLN B 130 -35.15 40.34 27.11
C GLN B 130 -34.50 39.05 26.59
N CYS B 131 -34.95 38.57 25.42
CA CYS B 131 -34.56 37.26 24.91
C CYS B 131 -34.46 37.24 23.39
N THR B 132 -33.58 36.36 22.91
CA THR B 132 -33.45 36.03 21.50
C THR B 132 -34.73 35.37 21.01
N HIS B 133 -34.87 35.30 19.70
CA HIS B 133 -35.98 34.50 19.21
C HIS B 133 -35.80 33.04 19.58
N GLY B 134 -36.81 32.25 19.25
CA GLY B 134 -36.70 30.81 19.45
C GLY B 134 -35.66 30.25 18.51
N ILE B 135 -34.73 29.46 19.05
CA ILE B 135 -33.67 28.86 18.23
C ILE B 135 -33.67 27.36 18.45
N LYS B 136 -33.86 26.62 17.36
CA LYS B 136 -33.74 25.17 17.42
C LYS B 136 -32.27 24.78 17.32
N PRO B 137 -31.71 24.12 18.33
CA PRO B 137 -30.31 23.70 18.23
C PRO B 137 -30.16 22.53 17.29
N VAL B 138 -30.02 22.75 15.99
CA VAL B 138 -30.01 21.64 15.02
C VAL B 138 -28.57 21.37 14.59
N VAL B 139 -28.01 20.28 15.08
CA VAL B 139 -26.63 19.88 14.78
C VAL B 139 -26.53 19.33 13.37
N SER B 140 -25.65 19.91 12.55
CA SER B 140 -25.46 19.36 11.21
C SER B 140 -24.24 19.99 10.55
N THR B 141 -23.83 19.39 9.44
CA THR B 141 -22.73 19.89 8.64
C THR B 141 -23.26 20.28 7.26
N GLN B 142 -22.45 21.03 6.51
CA GLN B 142 -22.76 21.37 5.11
C GLN B 142 -24.05 22.18 4.97
N LEU B 143 -25.19 21.57 5.31
CA LEU B 143 -26.49 22.22 5.19
C LEU B 143 -26.97 22.62 6.57
N LEU B 144 -27.30 23.91 6.74
CA LEU B 144 -27.95 24.40 7.96
C LEU B 144 -29.46 24.20 7.85
N LEU B 145 -30.03 23.46 8.81
CA LEU B 145 -31.41 23.02 8.75
C LEU B 145 -32.33 23.73 9.74
N ASN B 146 -33.58 23.90 9.32
CA ASN B 146 -34.65 24.40 10.19
C ASN B 146 -34.27 25.72 10.85
N GLY B 147 -33.38 26.47 10.23
CA GLY B 147 -33.04 27.78 10.73
C GLY B 147 -34.11 28.79 10.37
N SER B 148 -33.79 30.07 10.62
CA SER B 148 -34.67 31.18 10.27
C SER B 148 -34.08 31.97 9.12
N LEU B 149 -34.83 31.98 8.03
CA LEU B 149 -34.64 32.69 6.77
C LEU B 149 -34.07 34.10 6.96
N ALA B 150 -33.30 34.55 5.98
CA ALA B 150 -33.18 35.98 5.81
C ALA B 150 -34.49 36.54 5.26
N GLU B 151 -34.51 37.86 5.25
CA GLU B 151 -35.61 38.79 5.41
C GLU B 151 -35.85 39.47 4.07
N GLU B 152 -34.78 40.10 3.58
CA GLU B 152 -34.70 40.71 2.28
C GLU B 152 -33.85 39.79 1.42
N GLU B 153 -32.56 40.05 1.26
CA GLU B 153 -31.88 39.32 0.20
C GLU B 153 -30.92 38.34 0.89
N ILE B 154 -30.27 37.49 0.08
CA ILE B 154 -29.33 36.53 0.67
C ILE B 154 -28.16 37.28 1.31
N ILE B 155 -27.70 36.79 2.48
CA ILE B 155 -26.56 37.42 3.15
C ILE B 155 -25.40 36.44 3.16
N ILE B 156 -24.19 36.97 3.17
CA ILE B 156 -22.99 36.13 3.19
C ILE B 156 -22.12 36.57 4.35
N ARG B 157 -21.89 35.66 5.28
CA ARG B 157 -21.23 35.98 6.53
C ARG B 157 -19.91 35.24 6.58
N SER B 158 -18.87 35.94 7.02
CA SER B 158 -17.58 35.32 7.17
C SER B 158 -16.76 36.18 8.09
N GLU B 159 -15.99 35.53 8.95
CA GLU B 159 -15.04 36.28 9.76
C GLU B 159 -14.04 37.04 8.89
N ASN B 160 -13.69 36.50 7.71
CA ASN B 160 -12.71 37.11 6.83
C ASN B 160 -12.66 36.43 5.46
N LEU B 161 -13.24 37.06 4.43
CA LEU B 161 -13.35 36.34 3.16
C LEU B 161 -12.02 36.11 2.48
N THR B 162 -11.05 37.02 2.64
CA THR B 162 -9.74 36.70 2.11
C THR B 162 -9.28 35.34 2.64
N ASN B 163 -9.31 35.17 3.96
CA ASN B 163 -8.74 33.98 4.57
C ASN B 163 -9.60 32.77 4.26
N ASN B 164 -9.14 31.97 3.31
CA ASN B 164 -9.93 30.82 2.89
C ASN B 164 -9.95 29.69 3.92
N ALA B 165 -9.51 29.92 5.13
CA ALA B 165 -9.68 28.94 6.18
C ALA B 165 -10.81 29.32 7.10
N LYS B 166 -11.46 30.45 6.81
CA LYS B 166 -12.57 30.93 7.61
C LYS B 166 -13.86 30.43 6.98
N THR B 167 -14.52 29.49 7.64
CA THR B 167 -15.87 29.06 7.28
C THR B 167 -16.74 30.21 6.80
N ILE B 168 -17.45 29.98 5.70
CA ILE B 168 -18.41 30.94 5.15
C ILE B 168 -19.82 30.46 5.45
N ILE B 169 -20.69 31.37 5.90
CA ILE B 169 -22.08 31.01 6.16
C ILE B 169 -22.95 31.74 5.16
N VAL B 170 -23.69 30.97 4.37
CA VAL B 170 -24.65 31.58 3.45
C VAL B 170 -26.00 31.57 4.13
N HIS B 171 -26.55 32.75 4.41
CA HIS B 171 -27.90 32.88 4.98
C HIS B 171 -28.92 33.07 3.85
N LEU B 172 -29.68 32.00 3.56
CA LEU B 172 -30.67 32.06 2.48
C LEU B 172 -31.91 32.84 2.90
N ASN B 173 -32.59 33.41 1.90
CA ASN B 173 -33.87 34.08 2.13
C ASN B 173 -35.07 33.21 1.77
N GLU B 174 -34.87 31.96 1.40
CA GLU B 174 -35.92 31.26 0.67
C GLU B 174 -35.71 29.78 1.01
N SER B 175 -36.52 29.23 1.92
CA SER B 175 -36.15 27.87 2.34
C SER B 175 -36.24 26.88 1.16
N VAL B 176 -35.49 25.78 1.28
CA VAL B 176 -35.38 24.77 0.20
C VAL B 176 -35.59 23.37 0.76
N ASN B 177 -36.69 22.74 0.38
CA ASN B 177 -37.09 21.47 0.98
C ASN B 177 -36.03 20.40 0.80
N ILE B 178 -35.72 19.70 1.88
CA ILE B 178 -34.96 18.46 1.82
C ILE B 178 -35.73 17.42 2.62
N VAL B 179 -36.03 16.29 1.99
CA VAL B 179 -36.76 15.22 2.67
C VAL B 179 -35.87 13.98 2.71
N CYS B 180 -35.60 13.48 3.92
CA CYS B 180 -34.73 12.33 4.09
C CYS B 180 -35.52 11.19 4.71
N THR B 181 -35.37 10.00 4.14
CA THR B 181 -36.09 8.84 4.61
C THR B 181 -35.19 7.64 4.60
N ARG B 182 -35.39 6.78 5.61
CA ARG B 182 -34.94 5.39 5.60
C ARG B 182 -36.22 4.56 5.65
N PRO B 183 -36.61 3.96 4.52
CA PRO B 183 -37.98 3.45 4.37
C PRO B 183 -38.18 2.14 5.11
N ASN B 184 -39.45 1.71 5.16
CA ASN B 184 -39.87 0.70 6.14
C ASN B 184 -39.07 -0.60 5.96
N ASN B 193 -30.89 -3.32 2.89
CA ASN B 193 -30.01 -2.84 3.93
C ASN B 193 -30.71 -1.88 4.90
N ILE B 194 -30.85 -2.35 6.13
CA ILE B 194 -31.47 -1.59 7.21
C ILE B 194 -30.81 -0.22 7.46
N ARG B 195 -29.65 0.04 6.84
CA ARG B 195 -28.90 1.27 7.08
C ARG B 195 -28.90 2.22 5.88
N GLN B 196 -29.73 1.96 4.87
CA GLN B 196 -29.73 2.74 3.65
C GLN B 196 -30.92 3.69 3.61
N ALA B 197 -30.67 4.96 3.27
CA ALA B 197 -31.74 5.93 3.15
C ALA B 197 -31.35 6.95 2.09
N HIS B 198 -32.28 7.85 1.78
CA HIS B 198 -32.08 8.76 0.66
C HIS B 198 -32.69 10.10 1.00
N CYS B 199 -32.30 11.13 0.25
CA CYS B 199 -32.82 12.48 0.46
C CYS B 199 -33.22 13.08 -0.87
N ASN B 200 -34.38 13.73 -0.92
CA ASN B 200 -34.90 14.28 -2.15
C ASN B 200 -35.03 15.81 -2.05
N ILE B 201 -34.59 16.46 -3.13
CA ILE B 201 -34.56 17.92 -3.26
C ILE B 201 -35.04 18.31 -4.64
N ASN B 202 -35.88 19.34 -4.71
CA ASN B 202 -36.40 19.84 -6.00
C ASN B 202 -35.27 20.50 -6.79
N GLU B 203 -34.80 19.85 -7.88
CA GLU B 203 -33.68 20.42 -8.63
C GLU B 203 -33.96 21.83 -9.12
N SER B 204 -35.19 22.16 -9.49
CA SER B 204 -35.49 23.53 -9.90
C SER B 204 -35.26 24.51 -8.73
N LYS B 205 -35.73 24.12 -7.55
CA LYS B 205 -35.50 24.96 -6.38
C LYS B 205 -34.03 25.13 -6.07
N TRP B 206 -33.29 24.02 -6.09
CA TRP B 206 -31.86 24.06 -5.81
C TRP B 206 -31.13 24.89 -6.85
N ASN B 207 -31.37 24.62 -8.13
CA ASN B 207 -31.12 25.50 -9.27
C ASN B 207 -31.08 26.97 -8.88
N ASN B 208 -32.31 27.45 -8.70
CA ASN B 208 -32.47 28.87 -8.44
C ASN B 208 -31.53 29.28 -7.31
N THR B 209 -31.54 28.52 -6.22
CA THR B 209 -30.82 28.92 -5.03
C THR B 209 -29.34 29.08 -5.30
N LEU B 210 -28.71 28.07 -5.89
CA LEU B 210 -27.29 28.18 -6.15
C LEU B 210 -27.00 29.28 -7.16
N GLN B 211 -27.90 29.52 -8.11
CA GLN B 211 -27.62 30.59 -9.06
C GLN B 211 -27.55 31.93 -8.33
N LYS B 212 -28.56 32.21 -7.53
CA LYS B 212 -28.64 33.39 -6.69
C LYS B 212 -27.51 33.47 -5.70
N VAL B 213 -27.02 32.33 -5.26
CA VAL B 213 -25.92 32.35 -4.31
C VAL B 213 -24.64 32.74 -5.00
N GLY B 214 -24.39 32.11 -6.14
CA GLY B 214 -23.28 32.53 -6.98
C GLY B 214 -23.34 33.99 -7.36
N GLU B 215 -24.53 34.58 -7.42
CA GLU B 215 -24.50 35.95 -7.88
C GLU B 215 -23.76 36.66 -6.75
N GLU B 216 -24.42 36.57 -5.59
CA GLU B 216 -23.97 37.22 -4.36
C GLU B 216 -22.51 36.90 -4.04
N LEU B 217 -22.08 35.67 -4.30
CA LEU B 217 -20.68 35.32 -4.13
C LEU B 217 -19.80 36.09 -5.10
N ALA B 218 -20.30 36.31 -6.33
CA ALA B 218 -19.55 37.09 -7.33
C ALA B 218 -19.33 38.53 -6.87
N LYS B 219 -20.35 39.14 -6.26
CA LYS B 219 -20.15 40.48 -5.72
C LYS B 219 -18.92 40.54 -4.84
N HIS B 220 -18.50 39.43 -4.23
CA HIS B 220 -17.30 39.44 -3.39
C HIS B 220 -16.05 38.89 -4.10
N PHE B 221 -16.19 38.27 -5.26
CA PHE B 221 -15.03 37.96 -6.12
C PHE B 221 -15.48 38.19 -7.55
N PRO B 222 -15.15 39.34 -8.14
CA PRO B 222 -15.89 39.80 -9.34
C PRO B 222 -15.38 39.22 -10.66
N SER B 223 -14.07 39.29 -10.89
CA SER B 223 -13.44 38.85 -12.14
C SER B 223 -13.33 37.33 -12.24
N LYS B 224 -13.83 36.60 -11.24
CA LYS B 224 -13.67 35.16 -11.13
C LYS B 224 -15.00 34.48 -11.45
N THR B 225 -14.90 33.26 -11.99
CA THR B 225 -16.09 32.44 -12.22
C THR B 225 -16.30 31.59 -10.98
N ILE B 226 -17.55 31.35 -10.61
CA ILE B 226 -17.88 30.72 -9.33
C ILE B 226 -18.09 29.22 -9.51
N LYS B 227 -17.51 28.42 -8.62
CA LYS B 227 -17.63 26.96 -8.77
C LYS B 227 -18.09 26.29 -7.47
N PHE B 228 -19.00 25.33 -7.59
CA PHE B 228 -19.49 24.51 -6.48
C PHE B 228 -19.06 23.06 -6.70
N GLU B 229 -18.26 22.53 -5.79
CA GLU B 229 -17.70 21.19 -5.90
C GLU B 229 -17.90 20.45 -4.59
N PRO B 230 -18.09 19.14 -4.65
CA PRO B 230 -18.34 18.38 -3.41
C PRO B 230 -17.15 18.44 -2.49
N SER B 231 -17.41 18.14 -1.22
CA SER B 231 -16.41 18.24 -0.17
C SER B 231 -15.18 17.41 -0.48
N SER B 232 -13.98 18.01 -0.39
CA SER B 232 -12.76 17.32 -0.83
C SER B 232 -12.42 16.16 0.09
N GLY B 233 -12.08 16.44 1.35
CA GLY B 233 -11.71 15.39 2.28
C GLY B 233 -12.00 15.74 3.72
N GLY B 234 -11.99 14.70 4.54
CA GLY B 234 -12.17 14.87 5.96
C GLY B 234 -12.80 13.62 6.56
N ASP B 235 -13.01 13.68 7.87
CA ASP B 235 -13.94 12.73 8.49
C ASP B 235 -15.26 12.67 7.73
N LEU B 236 -15.81 11.47 7.66
CA LEU B 236 -17.10 11.27 7.03
C LEU B 236 -18.17 12.25 7.53
N GLU B 237 -18.07 12.70 8.78
CA GLU B 237 -19.09 13.60 9.30
C GLU B 237 -19.10 14.96 8.59
N ILE B 238 -18.00 15.43 8.00
CA ILE B 238 -18.05 16.70 7.27
C ILE B 238 -18.03 16.50 5.76
N THR B 239 -17.46 15.40 5.27
CA THR B 239 -17.46 15.28 3.82
C THR B 239 -18.83 14.87 3.29
N THR B 240 -19.77 14.58 4.17
CA THR B 240 -21.15 14.39 3.79
C THR B 240 -22.00 15.36 4.61
N HIS B 241 -23.24 15.54 4.19
CA HIS B 241 -24.23 16.26 4.99
C HIS B 241 -24.73 15.33 6.08
N SER B 242 -24.35 15.60 7.32
CA SER B 242 -24.60 14.70 8.44
C SER B 242 -25.52 15.37 9.47
N PHE B 243 -26.30 14.57 10.17
CA PHE B 243 -27.29 15.20 11.03
C PHE B 243 -28.04 14.10 11.77
N ASN B 244 -28.76 14.48 12.81
CA ASN B 244 -29.53 13.49 13.55
C ASN B 244 -30.99 13.69 13.23
N CYS B 245 -31.65 12.59 12.95
CA CYS B 245 -33.07 12.61 12.59
C CYS B 245 -33.78 11.56 13.44
N ARG B 246 -34.73 12.00 14.25
CA ARG B 246 -35.53 11.04 15.02
C ARG B 246 -34.63 10.12 15.86
N GLY B 247 -33.37 10.50 16.09
CA GLY B 247 -32.52 9.59 16.82
C GLY B 247 -31.36 9.06 16.01
N GLU B 248 -31.59 8.63 14.77
CA GLU B 248 -30.45 8.05 14.06
C GLU B 248 -29.56 9.14 13.45
N PHE B 249 -28.31 8.75 13.15
CA PHE B 249 -27.32 9.65 12.55
C PHE B 249 -27.25 9.42 11.06
N PHE B 250 -27.78 10.35 10.28
CA PHE B 250 -27.77 10.24 8.83
C PHE B 250 -26.48 10.84 8.30
N TYR B 251 -25.86 10.14 7.36
CA TYR B 251 -24.79 10.76 6.56
C TYR B 251 -25.22 10.69 5.11
N CYS B 252 -25.31 11.84 4.45
CA CYS B 252 -25.84 11.90 3.10
C CYS B 252 -24.78 12.49 2.18
N ASN B 253 -24.52 11.78 1.07
CA ASN B 253 -23.60 12.23 0.04
C ASN B 253 -24.15 13.47 -0.64
N THR B 254 -23.30 14.49 -0.81
CA THR B 254 -23.77 15.73 -1.42
C THR B 254 -23.23 15.98 -2.82
N SER B 255 -22.49 15.03 -3.43
CA SER B 255 -21.76 15.39 -4.65
C SER B 255 -22.72 15.71 -5.78
N ASP B 256 -23.92 15.14 -5.78
CA ASP B 256 -24.92 15.57 -6.74
C ASP B 256 -25.58 16.89 -6.34
N LEU B 257 -24.92 17.72 -5.56
CA LEU B 257 -25.62 18.88 -5.01
C LEU B 257 -24.72 20.09 -5.02
N PHE B 258 -23.56 19.96 -4.38
CA PHE B 258 -22.51 20.98 -4.49
C PHE B 258 -21.66 20.60 -5.69
N ASN B 259 -22.22 20.87 -6.88
CA ASN B 259 -21.68 20.37 -8.16
C ASN B 259 -22.29 21.21 -9.29
N GLY B 260 -21.63 22.32 -9.61
CA GLY B 260 -22.17 23.22 -10.62
C GLY B 260 -21.24 24.40 -10.82
N THR B 261 -21.40 25.04 -11.98
CA THR B 261 -20.66 26.25 -12.31
C THR B 261 -21.58 27.45 -12.51
N TYR B 262 -21.04 28.63 -12.22
CA TYR B 262 -21.69 29.92 -12.35
C TYR B 262 -20.72 30.83 -13.08
N ARG B 263 -21.08 31.21 -14.31
CA ARG B 263 -20.26 32.06 -15.17
C ARG B 263 -21.20 32.94 -15.98
N ASN B 264 -20.79 34.20 -16.20
CA ASN B 264 -21.57 35.10 -17.05
C ASN B 264 -23.02 35.16 -16.60
N GLY B 265 -23.22 35.45 -15.32
CA GLY B 265 -24.57 35.64 -14.80
C GLY B 265 -25.47 34.43 -14.83
N THR B 266 -24.99 33.30 -15.37
CA THR B 266 -25.80 32.08 -15.45
C THR B 266 -25.25 31.00 -14.52
N TYR B 267 -26.15 30.21 -13.92
CA TYR B 267 -25.71 29.01 -13.21
C TYR B 267 -26.18 27.74 -13.92
N ASN B 268 -25.18 26.92 -14.32
CA ASN B 268 -25.31 25.52 -14.69
C ASN B 268 -25.10 24.56 -13.55
N HIS B 269 -26.09 23.69 -13.32
CA HIS B 269 -25.91 22.60 -12.37
C HIS B 269 -25.23 21.41 -13.05
N THR B 270 -24.11 21.00 -12.47
CA THR B 270 -23.26 19.93 -12.96
C THR B 270 -23.56 18.58 -12.32
N GLY B 271 -24.35 18.56 -11.23
CA GLY B 271 -24.66 17.29 -10.60
C GLY B 271 -25.79 16.57 -11.31
N ARG B 272 -25.95 15.28 -11.00
CA ARG B 272 -26.89 14.43 -11.73
C ARG B 272 -28.26 14.40 -11.05
N SER B 273 -29.30 14.70 -11.81
CA SER B 273 -30.67 14.61 -11.29
C SER B 273 -31.49 13.60 -12.12
N SER B 274 -32.80 13.57 -11.86
CA SER B 274 -33.67 12.51 -12.39
C SER B 274 -35.11 12.92 -12.15
N ASN B 275 -35.88 13.10 -13.21
CA ASN B 275 -37.24 13.61 -13.05
C ASN B 275 -37.22 14.84 -12.14
N GLY B 276 -36.20 15.66 -12.33
CA GLY B 276 -36.19 16.99 -11.73
C GLY B 276 -36.04 17.02 -10.23
N THR B 277 -35.57 15.93 -9.62
CA THR B 277 -35.21 15.92 -8.22
C THR B 277 -33.85 15.26 -8.06
N ILE B 278 -33.02 15.86 -7.20
CA ILE B 278 -31.78 15.24 -6.77
C ILE B 278 -32.11 14.32 -5.62
N THR B 279 -31.59 13.09 -5.67
CA THR B 279 -31.61 12.24 -4.48
C THR B 279 -30.19 11.98 -4.03
N LEU B 280 -30.02 11.98 -2.72
CA LEU B 280 -28.76 11.74 -2.05
C LEU B 280 -28.80 10.36 -1.42
N GLN B 281 -27.81 9.52 -1.72
CA GLN B 281 -27.62 8.31 -0.94
C GLN B 281 -27.11 8.68 0.46
N CYS B 282 -27.71 8.06 1.47
CA CYS B 282 -27.32 8.24 2.86
C CYS B 282 -27.17 6.90 3.54
N LYS B 283 -26.24 6.86 4.50
CA LYS B 283 -26.13 5.70 5.35
C LYS B 283 -26.35 6.13 6.80
N ILE B 284 -26.96 5.25 7.59
CA ILE B 284 -27.12 5.49 9.03
C ILE B 284 -25.96 4.85 9.76
N LYS B 285 -25.16 5.63 10.46
CA LYS B 285 -23.89 5.19 11.00
C LYS B 285 -24.00 5.01 12.50
N GLN B 286 -23.30 3.98 12.99
CA GLN B 286 -23.34 3.60 14.41
C GLN B 286 -22.18 4.25 15.12
N ILE B 287 -20.99 4.19 14.51
CA ILE B 287 -19.80 4.88 15.03
C ILE B 287 -19.80 6.33 14.58
N ILE B 288 -19.46 7.24 15.49
CA ILE B 288 -19.72 8.63 15.21
C ILE B 288 -18.57 9.47 15.74
N ASN B 289 -17.96 10.26 14.86
CA ASN B 289 -16.98 11.23 15.30
C ASN B 289 -17.72 12.37 15.99
N MET B 290 -17.43 12.56 17.27
CA MET B 290 -18.20 13.51 18.07
C MET B 290 -17.90 14.94 17.63
N TRP B 291 -18.94 15.79 17.68
CA TRP B 291 -18.72 17.22 17.44
C TRP B 291 -18.45 17.96 18.73
N GLN B 292 -18.80 17.37 19.86
CA GLN B 292 -18.63 18.08 21.12
C GLN B 292 -17.16 18.19 21.50
N GLU B 293 -16.43 17.08 21.43
CA GLU B 293 -15.02 17.04 21.76
C GLU B 293 -14.37 16.04 20.81
N VAL B 294 -13.05 15.89 20.89
CA VAL B 294 -12.36 15.00 19.96
C VAL B 294 -12.48 13.57 20.48
N GLY B 295 -13.33 12.78 19.86
CA GLY B 295 -13.53 11.42 20.33
C GLY B 295 -14.63 10.73 19.55
N ARG B 296 -14.98 9.52 19.96
CA ARG B 296 -15.96 8.75 19.22
C ARG B 296 -17.10 8.32 20.10
N ALA B 297 -18.24 8.06 19.47
CA ALA B 297 -19.43 7.65 20.19
C ALA B 297 -20.07 6.51 19.44
N ILE B 298 -20.38 5.41 20.11
CA ILE B 298 -20.98 4.27 19.43
C ILE B 298 -22.40 4.07 19.95
N TYR B 299 -23.34 3.99 19.01
CA TYR B 299 -24.77 3.94 19.29
C TYR B 299 -25.38 2.64 18.77
N ALA B 300 -26.58 2.36 19.24
CA ALA B 300 -27.23 1.11 18.93
C ALA B 300 -27.68 1.08 17.47
N PRO B 301 -27.90 -0.12 16.93
CA PRO B 301 -28.45 -0.24 15.58
C PRO B 301 -29.73 0.57 15.42
N PRO B 302 -30.10 0.89 14.20
CA PRO B 302 -31.25 1.78 13.97
C PRO B 302 -32.56 1.17 14.45
N ILE B 303 -33.43 2.04 14.99
CA ILE B 303 -34.81 1.63 15.35
C ILE B 303 -35.49 1.14 14.09
N GLU B 304 -36.74 0.69 14.16
CA GLU B 304 -37.34 0.12 12.97
C GLU B 304 -38.50 0.97 12.47
N GLY B 305 -38.98 0.59 11.31
CA GLY B 305 -39.98 1.38 10.65
C GLY B 305 -39.35 2.46 9.81
N GLU B 306 -40.20 3.36 9.33
CA GLU B 306 -39.77 4.33 8.33
C GLU B 306 -39.33 5.59 9.07
N ILE B 307 -38.04 5.92 8.96
CA ILE B 307 -37.46 7.06 9.66
C ILE B 307 -37.43 8.22 8.67
N THR B 308 -38.20 9.28 8.93
CA THR B 308 -38.23 10.39 7.99
C THR B 308 -38.15 11.74 8.67
N CYS B 309 -37.30 12.60 8.11
CA CYS B 309 -37.20 14.01 8.49
C CYS B 309 -37.45 14.85 7.24
N ASN B 310 -38.43 15.73 7.35
CA ASN B 310 -38.79 16.67 6.29
C ASN B 310 -38.38 18.04 6.80
N SER B 311 -37.27 18.57 6.27
CA SER B 311 -36.62 19.72 6.88
C SER B 311 -36.43 20.81 5.83
N ASN B 312 -36.23 22.04 6.33
CA ASN B 312 -35.92 23.20 5.47
C ASN B 312 -34.43 23.46 5.43
N ILE B 313 -33.83 23.38 4.25
CA ILE B 313 -32.51 23.96 4.10
C ILE B 313 -32.65 25.47 4.14
N THR B 314 -32.21 26.11 5.23
CA THR B 314 -32.20 27.57 5.32
C THR B 314 -30.81 28.20 5.22
N GLY B 315 -29.73 27.41 5.19
CA GLY B 315 -28.42 28.03 5.05
C GLY B 315 -27.35 27.05 4.62
N LEU B 316 -26.23 27.60 4.17
CA LEU B 316 -25.09 26.78 3.76
C LEU B 316 -23.88 27.02 4.65
N LEU B 317 -23.00 26.03 4.71
CA LEU B 317 -21.67 26.15 5.30
C LEU B 317 -20.65 25.82 4.20
N LEU B 318 -20.00 26.84 3.63
CA LEU B 318 -19.04 26.64 2.55
C LEU B 318 -17.63 27.03 2.98
N LEU B 319 -16.64 26.41 2.32
CA LEU B 319 -15.24 26.81 2.40
C LEU B 319 -14.73 26.93 0.98
N ARG B 320 -13.97 27.99 0.74
CA ARG B 320 -13.32 28.30 -0.54
C ARG B 320 -11.90 27.71 -0.58
N ASP B 321 -11.31 27.62 -1.79
CA ASP B 321 -9.90 27.17 -1.82
C ASP B 321 -8.95 28.33 -2.08
N ASP B 330 -9.33 34.47 -12.75
CA ASP B 330 -9.40 33.02 -12.66
C ASP B 330 -10.74 32.42 -12.20
N THR B 331 -10.60 31.39 -11.36
CA THR B 331 -11.70 30.64 -10.77
C THR B 331 -11.58 30.54 -9.26
N GLU B 332 -12.71 30.78 -8.60
CA GLU B 332 -12.88 30.65 -7.16
C GLU B 332 -13.93 29.58 -6.95
N THR B 333 -13.61 28.54 -6.18
CA THR B 333 -14.54 27.42 -6.03
C THR B 333 -14.80 27.12 -4.55
N PHE B 334 -16.07 26.95 -4.20
CA PHE B 334 -16.53 26.63 -2.86
C PHE B 334 -17.02 25.19 -2.75
N ARG B 335 -16.77 24.59 -1.59
CA ARG B 335 -17.23 23.24 -1.26
C ARG B 335 -17.93 23.25 0.09
N PRO B 336 -18.79 22.27 0.35
CA PRO B 336 -19.51 22.29 1.62
C PRO B 336 -18.53 21.93 2.72
N GLY B 337 -18.67 22.61 3.87
CA GLY B 337 -17.87 22.35 5.06
C GLY B 337 -18.73 22.27 6.32
N GLY B 338 -18.06 22.49 7.46
CA GLY B 338 -18.69 22.44 8.76
C GLY B 338 -17.86 21.60 9.70
N GLY B 339 -18.40 21.34 10.88
CA GLY B 339 -17.68 20.53 11.86
C GLY B 339 -17.58 21.22 13.20
N ASP B 340 -17.47 22.55 13.20
CA ASP B 340 -17.53 23.36 14.42
C ASP B 340 -18.97 23.75 14.66
N MET B 341 -19.69 22.92 15.42
CA MET B 341 -21.11 23.16 15.66
C MET B 341 -21.41 24.57 16.13
N ARG B 342 -20.40 25.33 16.57
CA ARG B 342 -20.66 26.71 16.98
C ARG B 342 -21.08 27.56 15.81
N ASP B 343 -20.66 27.22 14.58
CA ASP B 343 -21.09 28.01 13.43
C ASP B 343 -22.61 27.95 13.29
N ASN B 344 -23.23 26.79 13.56
CA ASN B 344 -24.69 26.75 13.50
C ASN B 344 -25.26 27.79 14.46
N TRP B 345 -24.85 27.74 15.71
CA TRP B 345 -25.35 28.74 16.65
C TRP B 345 -25.12 30.16 16.13
N ARG B 346 -23.88 30.45 15.69
CA ARG B 346 -23.56 31.77 15.16
C ARG B 346 -24.56 32.22 14.11
N SER B 347 -24.92 31.32 13.19
CA SER B 347 -25.81 31.67 12.10
C SER B 347 -27.14 32.22 12.61
N GLU B 348 -27.60 31.74 13.77
CA GLU B 348 -28.85 32.29 14.32
C GLU B 348 -28.61 33.44 15.28
N LEU B 349 -27.53 33.40 16.06
CA LEU B 349 -27.25 34.43 17.04
C LEU B 349 -26.52 35.62 16.45
N TYR B 350 -26.18 35.58 15.15
CA TYR B 350 -25.32 36.61 14.59
C TYR B 350 -25.79 37.99 14.97
N LYS B 351 -27.10 38.17 15.12
CA LYS B 351 -27.64 39.50 15.28
C LYS B 351 -27.85 39.89 16.74
N TYR B 352 -27.14 39.29 17.72
CA TYR B 352 -27.35 39.91 19.00
C TYR B 352 -26.06 39.96 19.81
N LYS B 353 -26.11 40.83 20.82
CA LYS B 353 -25.02 41.01 21.77
C LYS B 353 -25.67 41.26 23.13
N VAL B 354 -24.99 40.89 24.23
CA VAL B 354 -25.48 41.28 25.56
C VAL B 354 -24.66 42.43 26.11
N VAL B 355 -25.30 43.26 26.95
CA VAL B 355 -24.85 44.61 27.26
C VAL B 355 -25.17 44.95 28.70
N GLU B 356 -24.31 45.80 29.28
CA GLU B 356 -24.51 46.53 30.55
C GLU B 356 -24.28 45.68 31.79
N LYS C 6 32.85 -10.20 36.88
CA LYS C 6 31.48 -9.65 36.96
C LYS C 6 30.58 -10.06 38.15
N THR C 7 29.45 -10.71 37.87
CA THR C 7 28.64 -11.23 38.96
C THR C 7 27.85 -12.43 38.46
N THR C 8 27.44 -13.27 39.41
CA THR C 8 26.55 -14.39 39.09
C THR C 8 25.20 -13.86 38.62
N LEU C 9 24.82 -14.17 37.38
CA LEU C 9 23.45 -13.93 36.98
C LEU C 9 22.56 -15.13 37.35
N PHE C 10 21.25 -14.92 37.23
CA PHE C 10 20.26 -15.99 37.36
C PHE C 10 19.39 -16.12 36.11
N CYS C 11 18.62 -17.21 36.08
CA CYS C 11 17.74 -17.51 34.95
C CYS C 11 16.28 -17.50 35.38
N ALA C 12 15.48 -16.84 34.56
CA ALA C 12 14.03 -16.83 34.65
C ALA C 12 13.48 -17.60 33.46
N SER C 13 12.61 -18.59 33.73
CA SER C 13 11.99 -19.34 32.64
C SER C 13 10.48 -19.29 32.79
N ASP C 14 9.79 -19.75 31.77
CA ASP C 14 8.34 -19.86 31.85
C ASP C 14 7.93 -21.31 32.11
N ALA C 15 8.81 -22.09 32.75
CA ALA C 15 8.65 -23.54 32.72
C ALA C 15 7.56 -24.01 33.65
N LYS C 16 7.21 -25.28 33.50
CA LYS C 16 6.05 -25.87 34.13
C LYS C 16 6.46 -27.05 34.97
N ALA C 17 6.16 -26.99 36.28
CA ALA C 17 6.61 -28.04 37.20
C ALA C 17 6.07 -29.41 36.81
N TYR C 18 4.80 -29.50 36.44
CA TYR C 18 4.18 -30.74 35.97
C TYR C 18 4.76 -31.34 34.68
N GLU C 19 5.54 -30.62 33.87
CA GLU C 19 6.10 -31.21 32.65
C GLU C 19 7.16 -32.26 33.02
N LYS C 20 7.07 -33.47 32.41
CA LYS C 20 8.23 -34.38 32.45
C LYS C 20 9.42 -33.88 31.65
N GLU C 21 9.22 -32.96 30.71
CA GLU C 21 10.29 -32.68 29.77
C GLU C 21 11.48 -32.03 30.48
N VAL C 22 12.68 -32.45 30.08
CA VAL C 22 13.85 -32.28 30.94
C VAL C 22 14.24 -30.80 31.08
N HIS C 23 14.17 -30.04 29.99
CA HIS C 23 14.42 -28.60 30.12
C HIS C 23 13.52 -27.99 31.17
N ASN C 24 12.23 -28.37 31.16
CA ASN C 24 11.29 -27.83 32.13
C ASN C 24 11.71 -28.19 33.55
N VAL C 25 12.09 -29.46 33.76
CA VAL C 25 12.47 -29.90 35.09
C VAL C 25 13.66 -29.10 35.60
N TRP C 26 14.75 -29.11 34.84
CA TRP C 26 15.92 -28.32 35.19
C TRP C 26 15.53 -26.89 35.53
N ALA C 27 14.75 -26.24 34.65
CA ALA C 27 14.50 -24.82 34.86
C ALA C 27 13.67 -24.58 36.13
N THR C 28 12.64 -25.42 36.38
CA THR C 28 11.86 -25.22 37.60
C THR C 28 12.72 -25.46 38.82
N HIS C 29 13.81 -26.20 38.63
CA HIS C 29 14.72 -26.59 39.69
C HIS C 29 15.83 -25.57 39.88
N ALA C 30 15.95 -24.59 38.96
CA ALA C 30 17.12 -23.72 38.91
C ALA C 30 16.80 -22.29 38.44
N CYS C 31 15.63 -22.07 37.87
CA CYS C 31 15.24 -20.74 37.40
C CYS C 31 14.01 -20.24 38.15
N VAL C 32 13.97 -18.93 38.33
CA VAL C 32 12.82 -18.26 38.91
C VAL C 32 11.83 -17.95 37.79
N PRO C 33 10.56 -17.68 38.13
CA PRO C 33 9.58 -17.40 37.08
C PRO C 33 9.85 -16.05 36.45
N THR C 34 9.43 -15.93 35.18
CA THR C 34 9.65 -14.70 34.47
C THR C 34 8.69 -13.62 34.93
N ASP C 35 9.15 -12.39 34.85
CA ASP C 35 8.34 -11.22 35.16
C ASP C 35 7.45 -10.89 33.97
N PRO C 36 6.11 -11.00 34.09
CA PRO C 36 5.24 -10.65 32.95
C PRO C 36 5.37 -9.19 32.54
N ASN C 37 5.60 -8.31 33.52
CA ASN C 37 5.83 -6.88 33.26
C ASN C 37 7.27 -6.64 32.82
N PRO C 38 7.52 -6.21 31.56
CA PRO C 38 8.91 -6.02 31.13
C PRO C 38 9.48 -4.71 31.63
N GLN C 39 10.36 -4.76 32.62
CA GLN C 39 11.16 -3.61 32.99
C GLN C 39 12.12 -3.22 31.85
N GLU C 40 11.92 -2.09 31.16
CA GLU C 40 12.91 -1.67 30.16
C GLU C 40 13.07 -0.16 30.08
N MET C 41 14.33 0.31 30.15
CA MET C 41 14.73 1.70 29.91
C MET C 41 15.27 1.87 28.49
N VAL C 42 14.92 3.01 27.86
CA VAL C 42 15.62 3.48 26.66
C VAL C 42 16.66 4.52 27.06
N LEU C 43 17.57 4.84 26.14
CA LEU C 43 18.52 5.94 26.32
C LEU C 43 19.46 6.09 25.10
N ALA C 44 18.92 6.55 23.95
CA ALA C 44 19.69 6.66 22.71
C ALA C 44 20.56 7.92 22.73
N ASN C 45 21.89 7.71 22.74
CA ASN C 45 22.92 8.69 23.10
C ASN C 45 24.00 8.12 24.03
N VAL C 46 23.74 6.97 24.67
CA VAL C 46 24.60 6.55 25.78
C VAL C 46 25.93 6.00 25.28
N THR C 47 25.95 5.29 24.15
CA THR C 47 27.22 4.92 23.51
C THR C 47 28.12 4.05 24.39
N GLU C 48 27.56 2.91 24.78
CA GLU C 48 28.34 1.80 25.31
C GLU C 48 29.05 1.09 24.16
N ASN C 49 30.15 0.43 24.52
CA ASN C 49 30.85 -0.55 23.71
C ASN C 49 30.53 -1.96 24.20
N PHE C 50 30.44 -2.88 23.23
CA PHE C 50 30.18 -4.29 23.48
C PHE C 50 31.26 -5.11 22.77
N ASN C 51 31.57 -6.29 23.29
CA ASN C 51 32.32 -7.25 22.47
C ASN C 51 31.73 -8.64 22.69
N MET C 52 30.85 -9.05 21.76
CA MET C 52 30.18 -10.33 21.87
C MET C 52 31.17 -11.47 22.07
N TRP C 53 32.41 -11.30 21.60
CA TRP C 53 33.38 -12.39 21.62
C TRP C 53 34.02 -12.60 22.99
N LYS C 54 33.75 -11.71 23.94
CA LYS C 54 34.50 -11.64 25.18
C LYS C 54 33.45 -11.20 26.18
N ASN C 55 32.53 -12.09 26.54
CA ASN C 55 31.29 -11.70 27.23
C ASN C 55 30.95 -12.73 28.29
N ASP C 56 31.24 -12.41 29.56
CA ASP C 56 31.02 -13.38 30.61
C ASP C 56 29.62 -14.00 30.60
N MET C 57 28.62 -13.30 30.07
CA MET C 57 27.28 -13.90 30.01
C MET C 57 27.33 -15.25 29.25
N VAL C 58 28.07 -15.28 28.14
CA VAL C 58 28.16 -16.53 27.38
C VAL C 58 28.73 -17.63 28.23
N GLU C 59 29.80 -17.36 28.98
CA GLU C 59 30.33 -18.37 29.88
C GLU C 59 29.27 -18.87 30.86
N GLN C 60 28.58 -17.95 31.55
CA GLN C 60 27.60 -18.41 32.54
C GLN C 60 26.57 -19.32 31.88
N MET C 61 26.05 -18.92 30.72
CA MET C 61 25.01 -19.73 30.09
C MET C 61 25.56 -21.10 29.73
N HIS C 62 26.74 -21.11 29.10
CA HIS C 62 27.43 -22.35 28.79
C HIS C 62 27.49 -23.26 30.00
N GLU C 63 27.91 -22.69 31.14
CA GLU C 63 27.96 -23.44 32.38
C GLU C 63 26.61 -24.11 32.58
N ASP C 64 25.55 -23.27 32.61
CA ASP C 64 24.21 -23.78 32.93
C ASP C 64 23.83 -24.89 31.97
N ILE C 65 23.92 -24.64 30.65
CA ILE C 65 23.51 -25.65 29.68
C ILE C 65 24.25 -26.95 29.91
N ILE C 66 25.56 -26.89 30.16
CA ILE C 66 26.28 -28.11 30.53
C ILE C 66 25.63 -28.77 31.73
N SER C 67 25.24 -27.97 32.74
CA SER C 67 24.64 -28.58 33.93
C SER C 67 23.34 -29.27 33.52
N LEU C 68 22.56 -28.59 32.71
CA LEU C 68 21.25 -29.09 32.31
C LEU C 68 21.40 -30.39 31.53
N TRP C 69 22.37 -30.42 30.61
CA TRP C 69 22.60 -31.67 29.91
C TRP C 69 23.11 -32.76 30.84
N ASP C 70 24.00 -32.47 31.85
CA ASP C 70 24.46 -33.71 32.55
C ASP C 70 23.34 -34.18 33.46
N GLU C 71 22.42 -33.30 33.82
CA GLU C 71 21.28 -33.69 34.66
C GLU C 71 20.18 -34.40 33.87
N SER C 72 19.97 -34.05 32.60
CA SER C 72 18.83 -34.53 31.83
C SER C 72 19.17 -35.57 30.78
N LEU C 73 20.30 -35.42 30.06
CA LEU C 73 20.57 -36.34 28.97
C LEU C 73 21.71 -37.26 29.34
N LYS C 74 21.50 -38.09 30.36
CA LYS C 74 22.59 -38.87 30.93
C LYS C 74 22.98 -39.96 29.95
N PRO C 75 24.26 -40.13 29.63
CA PRO C 75 24.65 -41.24 28.75
C PRO C 75 24.84 -42.54 29.50
N CYS C 76 24.43 -43.65 28.86
CA CYS C 76 24.76 -45.00 29.36
C CYS C 76 26.22 -45.08 29.78
N VAL C 77 27.11 -44.64 28.91
CA VAL C 77 28.52 -44.62 29.28
C VAL C 77 29.04 -43.23 29.01
N LYS C 78 30.10 -42.86 29.72
CA LYS C 78 30.81 -41.61 29.45
C LYS C 78 32.26 -41.93 29.63
N LEU C 79 33.04 -41.78 28.56
CA LEU C 79 34.49 -41.97 28.61
C LEU C 79 35.12 -40.61 28.65
N THR C 80 35.79 -40.27 29.76
CA THR C 80 36.59 -39.07 29.64
C THR C 80 37.93 -39.40 30.26
N GLY C 81 39.00 -38.90 29.65
CA GLY C 81 40.29 -39.31 30.17
C GLY C 81 40.42 -40.81 30.06
N GLY C 82 40.91 -41.42 31.15
CA GLY C 82 40.92 -42.87 31.24
C GLY C 82 39.64 -43.46 31.78
N SER C 83 38.86 -42.65 32.50
CA SER C 83 37.68 -43.14 33.21
C SER C 83 36.54 -43.49 32.26
N ALA C 84 35.71 -44.44 32.73
CA ALA C 84 34.41 -44.72 32.12
C ALA C 84 33.35 -44.77 33.22
N ILE C 85 32.48 -43.76 33.25
CA ILE C 85 31.37 -43.70 34.20
C ILE C 85 30.12 -44.28 33.52
N THR C 86 29.38 -45.14 34.22
CA THR C 86 28.12 -45.69 33.68
C THR C 86 26.91 -45.21 34.49
N GLN C 87 25.90 -44.66 33.83
CA GLN C 87 24.66 -44.30 34.50
C GLN C 87 23.48 -44.95 33.82
N ALA C 88 22.33 -44.83 34.47
CA ALA C 88 21.09 -45.17 33.80
C ALA C 88 20.81 -44.11 32.75
N CYS C 89 20.56 -44.55 31.50
CA CYS C 89 20.42 -43.65 30.36
C CYS C 89 19.02 -43.83 29.75
N PRO C 90 17.98 -43.51 30.51
CA PRO C 90 16.62 -43.71 30.03
C PRO C 90 16.33 -42.74 28.92
N LYS C 91 15.43 -43.13 28.03
CA LYS C 91 14.90 -42.18 27.05
C LYS C 91 14.10 -41.11 27.77
N VAL C 92 14.04 -39.90 27.21
CA VAL C 92 13.37 -38.83 27.93
C VAL C 92 12.64 -37.90 26.96
N SER C 93 11.79 -37.04 27.54
CA SER C 93 11.08 -36.03 26.78
C SER C 93 11.96 -34.78 26.68
N PHE C 94 12.37 -34.42 25.46
CA PHE C 94 13.44 -33.43 25.27
C PHE C 94 13.06 -32.37 24.21
N ASP C 95 12.56 -31.23 24.65
CA ASP C 95 12.31 -30.09 23.77
C ASP C 95 12.82 -28.78 24.38
N PRO C 96 13.85 -28.17 23.81
CA PRO C 96 14.46 -26.99 24.44
C PRO C 96 13.42 -25.91 24.65
N ILE C 97 13.42 -25.32 25.83
CA ILE C 97 12.50 -24.23 26.15
C ILE C 97 13.31 -22.95 26.21
N PRO C 98 12.70 -21.78 25.99
CA PRO C 98 13.47 -20.54 26.11
C PRO C 98 13.86 -20.32 27.56
N LEU C 99 15.02 -19.67 27.75
CA LEU C 99 15.59 -19.27 29.04
C LEU C 99 15.95 -17.80 28.99
N HIS C 100 15.69 -17.09 30.09
CA HIS C 100 16.09 -15.69 30.18
C HIS C 100 17.19 -15.55 31.23
N TYR C 101 18.23 -14.79 30.88
CA TYR C 101 19.32 -14.50 31.80
C TYR C 101 19.09 -13.11 32.38
N CYS C 102 19.02 -13.03 33.71
CA CYS C 102 18.75 -11.81 34.46
C CYS C 102 19.93 -11.46 35.36
N ALA C 103 20.13 -10.15 35.55
CA ALA C 103 21.05 -9.44 36.38
C ALA C 103 20.50 -9.26 37.79
N PRO C 104 21.29 -9.62 38.82
CA PRO C 104 20.82 -9.48 40.21
C PRO C 104 20.94 -8.04 40.72
N ALA C 105 20.27 -7.79 41.85
CA ALA C 105 20.16 -6.44 42.43
C ALA C 105 21.52 -5.75 42.52
N GLY C 106 21.59 -4.53 41.95
CA GLY C 106 22.79 -3.72 41.93
C GLY C 106 23.42 -3.66 40.55
N PHE C 107 23.14 -4.66 39.72
CA PHE C 107 23.58 -4.80 38.33
C PHE C 107 22.41 -4.67 37.38
N ALA C 108 22.71 -4.29 36.12
CA ALA C 108 21.68 -4.31 35.09
C ALA C 108 22.31 -4.78 33.78
N ILE C 109 21.46 -5.22 32.84
CA ILE C 109 21.90 -5.64 31.52
C ILE C 109 21.67 -4.49 30.56
N LEU C 110 22.71 -4.10 29.85
CA LEU C 110 22.59 -3.19 28.72
C LEU C 110 22.36 -3.98 27.45
N LYS C 111 21.49 -3.44 26.60
CA LYS C 111 21.03 -4.09 25.37
C LYS C 111 21.31 -3.15 24.21
N CYS C 112 22.03 -3.65 23.20
CA CYS C 112 22.26 -2.83 22.03
C CYS C 112 21.09 -2.92 21.08
N ASN C 113 20.69 -1.76 20.55
CA ASN C 113 19.47 -1.59 19.77
C ASN C 113 19.74 -1.34 18.29
N ASN C 114 20.98 -1.05 17.91
CA ASN C 114 21.34 -1.05 16.49
C ASN C 114 20.88 -2.30 15.77
N LYS C 115 19.78 -2.22 15.01
CA LYS C 115 19.32 -3.37 14.25
C LYS C 115 20.41 -3.97 13.35
N THR C 116 21.48 -3.23 13.04
CA THR C 116 22.56 -3.76 12.21
C THR C 116 23.88 -3.96 12.97
N PHE C 117 23.88 -3.83 14.32
CA PHE C 117 25.07 -4.02 15.13
C PHE C 117 25.76 -5.34 14.79
N ASN C 118 27.06 -5.26 14.45
CA ASN C 118 27.80 -6.49 14.18
C ASN C 118 28.38 -7.10 15.45
N GLY C 119 28.00 -6.59 16.62
CA GLY C 119 28.27 -7.26 17.87
C GLY C 119 29.58 -6.92 18.55
N THR C 120 30.50 -6.26 17.84
CA THR C 120 31.65 -5.63 18.47
C THR C 120 31.65 -4.15 18.18
N GLY C 121 32.08 -3.37 19.17
CA GLY C 121 32.32 -1.96 18.96
C GLY C 121 31.33 -1.09 19.70
N PRO C 122 31.20 0.16 19.24
CA PRO C 122 30.31 1.10 19.92
C PRO C 122 28.91 1.01 19.33
N CYS C 123 27.94 1.15 20.23
CA CYS C 123 26.53 1.00 19.92
C CYS C 123 25.83 2.27 20.39
N ARG C 124 25.21 2.99 19.45
CA ARG C 124 24.38 4.15 19.78
C ARG C 124 23.18 3.94 20.68
N ASN C 125 22.09 3.40 20.13
CA ASN C 125 20.81 3.29 20.83
C ASN C 125 20.90 2.14 21.84
N VAL C 126 20.97 2.44 23.14
CA VAL C 126 21.16 1.44 24.19
C VAL C 126 19.93 1.39 25.10
N SER C 127 19.76 0.26 25.79
CA SER C 127 18.64 0.14 26.74
C SER C 127 19.08 -0.56 28.02
N THR C 128 18.31 -0.35 29.08
CA THR C 128 18.51 -1.01 30.37
C THR C 128 17.41 -2.05 30.57
N VAL C 129 17.81 -3.26 30.95
CA VAL C 129 16.85 -4.35 31.09
C VAL C 129 17.24 -5.18 32.31
N GLN C 130 16.20 -5.80 32.86
CA GLN C 130 16.37 -6.81 33.91
C GLN C 130 16.91 -8.13 33.32
N CYS C 131 16.41 -8.53 32.15
CA CYS C 131 16.69 -9.84 31.58
C CYS C 131 16.78 -9.80 30.06
N THR C 132 17.57 -10.73 29.53
CA THR C 132 17.66 -11.00 28.11
C THR C 132 16.34 -11.54 27.61
N HIS C 133 16.17 -11.54 26.30
CA HIS C 133 15.00 -12.22 25.78
C HIS C 133 15.06 -13.70 26.09
N GLY C 134 13.98 -14.39 25.74
CA GLY C 134 13.97 -15.84 25.89
C GLY C 134 14.95 -16.45 24.91
N ILE C 135 15.82 -17.34 25.39
CA ILE C 135 16.81 -17.99 24.55
C ILE C 135 16.69 -19.49 24.70
N LYS C 136 16.43 -20.18 23.59
CA LYS C 136 16.42 -21.62 23.59
C LYS C 136 17.85 -22.13 23.47
N PRO C 137 18.35 -22.88 24.44
CA PRO C 137 19.72 -23.40 24.31
C PRO C 137 19.76 -24.56 23.32
N VAL C 138 19.91 -24.29 22.02
CA VAL C 138 19.82 -25.35 21.01
C VAL C 138 21.22 -25.72 20.55
N VAL C 139 21.70 -26.89 20.99
CA VAL C 139 23.03 -27.38 20.67
C VAL C 139 23.08 -27.89 19.22
N SER C 140 24.00 -27.35 18.42
CA SER C 140 24.13 -27.85 17.06
C SER C 140 25.40 -27.30 16.42
N THR C 141 25.75 -27.89 15.28
CA THR C 141 26.90 -27.44 14.49
C THR C 141 26.39 -26.97 13.14
N GLN C 142 27.25 -26.25 12.40
CA GLN C 142 26.96 -25.83 11.03
C GLN C 142 25.74 -24.91 10.93
N LEU C 143 24.55 -25.42 11.25
CA LEU C 143 23.32 -24.67 11.17
C LEU C 143 22.88 -24.28 12.58
N LEU C 144 22.66 -22.98 12.80
CA LEU C 144 22.08 -22.49 14.05
C LEU C 144 20.55 -22.56 13.95
N LEU C 145 19.92 -23.27 14.88
CA LEU C 145 18.50 -23.59 14.82
C LEU C 145 17.66 -22.85 15.85
N ASN C 146 16.42 -22.56 15.45
CA ASN C 146 15.40 -22.01 16.34
C ASN C 146 15.89 -20.75 17.06
N GLY C 147 16.85 -20.06 16.45
CA GLY C 147 17.30 -18.80 17.01
C GLY C 147 16.33 -17.69 16.70
N SER C 148 16.75 -16.46 17.00
CA SER C 148 15.97 -15.27 16.70
C SER C 148 16.61 -14.47 15.58
N LEU C 149 15.86 -14.36 14.49
CA LEU C 149 16.10 -13.61 13.27
C LEU C 149 16.79 -12.27 13.52
N ALA C 150 17.59 -11.84 12.55
CA ALA C 150 17.83 -10.42 12.43
C ALA C 150 16.57 -9.73 11.92
N GLU C 151 16.66 -8.42 11.97
CA GLU C 151 15.66 -7.40 12.17
C GLU C 151 15.45 -6.65 10.86
N GLU C 152 16.58 -6.09 10.39
CA GLU C 152 16.70 -5.43 9.11
C GLU C 152 17.46 -6.39 8.21
N GLU C 153 18.77 -6.23 8.04
CA GLU C 153 19.38 -6.98 6.96
C GLU C 153 20.26 -8.07 7.58
N ILE C 154 20.83 -8.93 6.74
CA ILE C 154 21.69 -9.98 7.28
C ILE C 154 22.92 -9.36 7.95
N ILE C 155 23.34 -9.94 9.08
CA ILE C 155 24.53 -9.44 9.77
C ILE C 155 25.61 -10.52 9.73
N ILE C 156 26.86 -10.09 9.75
CA ILE C 156 27.98 -11.03 9.72
C ILE C 156 28.89 -10.71 10.89
N ARG C 157 29.05 -11.68 11.79
CA ARG C 157 29.75 -11.48 13.04
C ARG C 157 31.00 -12.33 13.04
N SER C 158 32.10 -11.73 13.49
CA SER C 158 33.34 -12.47 13.60
C SER C 158 34.22 -11.73 14.56
N GLU C 159 34.95 -12.48 15.38
CA GLU C 159 35.97 -11.84 16.21
C GLU C 159 37.01 -11.13 15.36
N ASN C 160 37.31 -11.66 14.16
CA ASN C 160 38.34 -11.08 13.30
C ASN C 160 38.31 -11.71 11.90
N LEU C 161 37.79 -10.99 10.90
CA LEU C 161 37.59 -11.64 9.61
C LEU C 161 38.91 -11.95 8.91
N THR C 162 39.94 -11.15 9.09
CA THR C 162 41.23 -11.55 8.54
C THR C 162 41.57 -12.96 9.00
N ASN C 163 41.53 -13.19 10.32
CA ASN C 163 42.00 -14.44 10.87
C ASN C 163 41.05 -15.56 10.51
N ASN C 164 41.42 -16.36 9.53
CA ASN C 164 40.54 -17.41 9.07
C ASN C 164 40.43 -18.58 10.05
N ALA C 165 40.90 -18.44 11.28
CA ALA C 165 40.64 -19.46 12.27
C ALA C 165 39.57 -19.01 13.23
N LYS C 166 39.00 -17.83 12.99
CA LYS C 166 37.94 -17.28 13.82
C LYS C 166 36.61 -17.65 13.18
N THR C 167 35.88 -18.55 13.82
CA THR C 167 34.49 -18.85 13.45
C THR C 167 33.72 -17.60 13.02
N ILE C 168 32.99 -17.73 11.92
CA ILE C 168 32.11 -16.67 11.42
C ILE C 168 30.66 -17.05 11.71
N ILE C 169 29.88 -16.09 12.21
CA ILE C 169 28.47 -16.33 12.47
C ILE C 169 27.66 -15.50 11.51
N VAL C 170 26.85 -16.15 10.70
CA VAL C 170 25.95 -15.44 9.80
C VAL C 170 24.60 -15.36 10.50
N HIS C 171 24.14 -14.15 10.83
CA HIS C 171 22.83 -13.93 11.43
C HIS C 171 21.81 -13.60 10.32
N LEU C 172 20.96 -14.59 9.98
CA LEU C 172 19.97 -14.40 8.93
C LEU C 172 18.81 -13.54 9.38
N ASN C 173 18.16 -12.87 8.41
CA ASN C 173 16.95 -12.11 8.68
C ASN C 173 15.69 -12.84 8.29
N GLU C 174 15.78 -14.09 7.87
CA GLU C 174 14.67 -14.67 7.13
C GLU C 174 14.75 -16.17 7.40
N SER C 175 13.90 -16.70 8.30
CA SER C 175 14.15 -18.09 8.66
C SER C 175 13.97 -19.03 7.44
N VAL C 176 14.63 -20.20 7.50
CA VAL C 176 14.65 -21.16 6.39
C VAL C 176 14.32 -22.56 6.90
N ASN C 177 13.17 -23.08 6.49
CA ASN C 177 12.68 -24.33 7.04
C ASN C 177 13.63 -25.48 6.80
N ILE C 178 13.88 -26.25 7.86
CA ILE C 178 14.54 -27.54 7.74
C ILE C 178 13.69 -28.54 8.50
N VAL C 179 13.28 -29.62 7.83
CA VAL C 179 12.47 -30.65 8.47
C VAL C 179 13.25 -31.96 8.45
N CYS C 180 13.48 -32.53 9.63
CA CYS C 180 14.26 -33.76 9.75
C CYS C 180 13.37 -34.85 10.33
N THR C 181 13.41 -36.02 9.71
CA THR C 181 12.60 -37.14 10.14
C THR C 181 13.40 -38.42 10.07
N ARG C 182 13.13 -39.29 11.05
CA ARG C 182 13.46 -40.72 10.98
C ARG C 182 12.12 -41.45 11.00
N PRO C 183 11.67 -41.95 9.85
CA PRO C 183 10.27 -42.34 9.68
C PRO C 183 9.94 -43.65 10.38
N ASN C 184 8.65 -43.98 10.43
CA ASN C 184 8.15 -44.98 11.36
C ASN C 184 8.83 -46.35 11.13
N ASN C 193 16.73 -49.62 7.87
CA ASN C 193 17.67 -49.26 8.92
C ASN C 193 17.04 -48.29 9.93
N ILE C 194 16.87 -48.79 11.15
CA ILE C 194 16.33 -48.02 12.26
C ILE C 194 17.11 -46.73 12.55
N ARG C 195 18.28 -46.54 11.93
CA ARG C 195 19.14 -45.39 12.22
C ARG C 195 19.21 -44.40 11.07
N GLN C 196 18.37 -44.54 10.05
CA GLN C 196 18.41 -43.71 8.86
C GLN C 196 17.31 -42.67 8.87
N ALA C 197 17.66 -41.42 8.59
CA ALA C 197 16.67 -40.34 8.52
C ALA C 197 17.15 -39.32 7.50
N HIS C 198 16.30 -38.34 7.23
CA HIS C 198 16.57 -37.39 6.16
C HIS C 198 16.07 -36.02 6.56
N CYS C 199 16.55 -35.01 5.84
CA CYS C 199 16.15 -33.63 6.11
C CYS C 199 15.79 -32.94 4.81
N ASN C 200 14.70 -32.18 4.80
CA ASN C 200 14.21 -31.53 3.59
C ASN C 200 14.21 -30.02 3.76
N ILE C 201 14.70 -29.35 2.71
CA ILE C 201 14.86 -27.90 2.64
C ILE C 201 14.41 -27.41 1.27
N ASN C 202 13.65 -26.31 1.26
CA ASN C 202 13.17 -25.72 0.01
C ASN C 202 14.35 -25.12 -0.78
N GLU C 203 14.75 -25.76 -1.90
CA GLU C 203 15.92 -25.27 -2.63
C GLU C 203 15.76 -23.81 -3.07
N SER C 204 14.55 -23.37 -3.41
CA SER C 204 14.37 -21.95 -3.75
C SER C 204 14.69 -21.05 -2.56
N LYS C 205 14.20 -21.45 -1.38
CA LYS C 205 14.50 -20.68 -0.17
C LYS C 205 15.99 -20.66 0.12
N TRP C 206 16.62 -21.83 0.06
CA TRP C 206 18.05 -21.92 0.32
C TRP C 206 18.85 -21.10 -0.70
N ASN C 207 18.58 -21.30 -1.99
CA ASN C 207 18.89 -20.39 -3.09
C ASN C 207 19.05 -18.95 -2.65
N ASN C 208 17.87 -18.37 -2.43
CA ASN C 208 17.85 -16.95 -2.10
C ASN C 208 18.82 -16.67 -0.97
N THR C 209 18.75 -17.49 0.08
CA THR C 209 19.52 -17.20 1.29
C THR C 209 21.00 -17.16 1.01
N LEU C 210 21.52 -18.19 0.37
CA LEU C 210 22.96 -18.19 0.10
C LEU C 210 23.34 -17.08 -0.86
N GLN C 211 22.46 -16.71 -1.79
CA GLN C 211 22.82 -15.63 -2.70
C GLN C 211 23.02 -14.34 -1.91
N LYS C 212 22.03 -14.01 -1.10
CA LYS C 212 22.06 -12.86 -0.20
C LYS C 212 23.20 -12.92 0.78
N VAL C 213 23.60 -14.12 1.16
CA VAL C 213 24.69 -14.23 2.10
C VAL C 213 26.00 -13.92 1.41
N GLY C 214 26.19 -14.52 0.24
CA GLY C 214 27.32 -14.17 -0.59
C GLY C 214 27.39 -12.69 -0.91
N GLU C 215 26.26 -12.00 -0.93
CA GLU C 215 26.39 -10.61 -1.33
C GLU C 215 27.20 -10.01 -0.18
N GLU C 216 26.54 -10.10 0.99
CA GLU C 216 27.06 -9.54 2.23
C GLU C 216 28.48 -10.00 2.53
N LEU C 217 28.80 -11.25 2.21
CA LEU C 217 30.17 -11.73 2.35
C LEU C 217 31.11 -11.01 1.40
N ALA C 218 30.62 -10.68 0.18
CA ALA C 218 31.43 -9.94 -0.78
C ALA C 218 31.77 -8.54 -0.26
N LYS C 219 30.81 -7.86 0.37
CA LYS C 219 31.13 -6.57 0.97
C LYS C 219 32.36 -6.65 1.85
N HIS C 220 32.70 -7.81 2.40
CA HIS C 220 33.89 -7.95 3.22
C HIS C 220 35.08 -8.56 2.48
N PHE C 221 34.89 -9.13 1.29
CA PHE C 221 36.01 -9.50 0.42
C PHE C 221 35.57 -9.18 -1.01
N PRO C 222 35.99 -8.03 -1.55
CA PRO C 222 35.30 -7.46 -2.71
C PRO C 222 35.74 -8.03 -4.07
N SER C 223 37.05 -8.05 -4.31
CA SER C 223 37.64 -8.50 -5.58
C SER C 223 37.62 -10.01 -5.73
N LYS C 224 37.06 -10.73 -4.77
CA LYS C 224 37.09 -12.19 -4.72
C LYS C 224 35.71 -12.75 -5.06
N THR C 225 35.70 -13.93 -5.65
CA THR C 225 34.45 -14.64 -5.90
C THR C 225 34.17 -15.53 -4.69
N ILE C 226 32.90 -15.67 -4.32
CA ILE C 226 32.53 -16.33 -3.06
C ILE C 226 32.19 -17.79 -3.30
N LYS C 227 32.72 -18.69 -2.46
CA LYS C 227 32.46 -20.11 -2.67
C LYS C 227 31.96 -20.79 -1.39
N PHE C 228 30.97 -21.67 -1.54
CA PHE C 228 30.42 -22.49 -0.46
C PHE C 228 30.72 -23.96 -0.74
N GLU C 229 31.47 -24.60 0.15
CA GLU C 229 31.91 -25.97 -0.03
C GLU C 229 31.66 -26.75 1.25
N PRO C 230 31.36 -28.03 1.14
CA PRO C 230 31.05 -28.83 2.34
C PRO C 230 32.25 -28.91 3.26
N SER C 231 31.98 -29.23 4.51
CA SER C 231 32.99 -29.26 5.56
C SER C 231 34.13 -30.19 5.20
N SER C 232 35.38 -29.69 5.30
CA SER C 232 36.53 -30.46 4.82
C SER C 232 36.79 -31.68 5.69
N GLY C 233 37.17 -31.48 6.96
CA GLY C 233 37.43 -32.60 7.84
C GLY C 233 37.19 -32.29 9.30
N GLY C 234 37.12 -33.36 10.07
CA GLY C 234 36.95 -33.24 11.50
C GLY C 234 36.23 -34.44 12.06
N ASP C 235 36.03 -34.43 13.37
CA ASP C 235 35.04 -35.32 13.96
C ASP C 235 33.70 -35.24 13.21
N LEU C 236 33.05 -36.39 13.09
CA LEU C 236 31.74 -36.43 12.46
C LEU C 236 30.76 -35.40 13.02
N GLU C 237 30.91 -35.01 14.29
CA GLU C 237 29.98 -34.06 14.85
C GLU C 237 30.07 -32.67 14.20
N ILE C 238 31.21 -32.26 13.63
CA ILE C 238 31.26 -30.98 12.95
C ILE C 238 31.26 -31.11 11.43
N THR C 239 31.73 -32.22 10.88
CA THR C 239 31.71 -32.28 9.43
C THR C 239 30.32 -32.56 8.90
N THR C 240 29.36 -32.81 9.77
CA THR C 240 27.96 -32.85 9.40
C THR C 240 27.20 -31.85 10.27
N HIS C 241 25.97 -31.55 9.87
CA HIS C 241 25.05 -30.79 10.71
C HIS C 241 24.48 -31.72 11.76
N SER C 242 24.90 -31.52 13.02
CA SER C 242 24.58 -32.45 14.10
C SER C 242 23.73 -31.74 15.16
N PHE C 243 22.89 -32.51 15.83
CA PHE C 243 21.96 -31.82 16.73
C PHE C 243 21.12 -32.89 17.43
N ASN C 244 20.44 -32.49 18.49
CA ASN C 244 19.60 -33.45 19.20
C ASN C 244 18.16 -33.11 18.91
N CYS C 245 17.39 -34.13 18.59
CA CYS C 245 15.99 -33.98 18.25
C CYS C 245 15.20 -35.00 19.05
N ARG C 246 14.29 -34.52 19.89
CA ARG C 246 13.42 -35.43 20.62
C ARG C 246 14.24 -36.46 21.41
N GLY C 247 15.52 -36.20 21.65
CA GLY C 247 16.30 -37.22 22.33
C GLY C 247 17.40 -37.80 21.49
N GLU C 248 17.13 -38.16 20.24
CA GLU C 248 18.22 -38.80 19.50
C GLU C 248 19.20 -37.78 18.92
N PHE C 249 20.40 -38.25 18.59
CA PHE C 249 21.46 -37.41 18.02
C PHE C 249 21.50 -37.59 16.51
N PHE C 250 21.05 -36.59 15.78
CA PHE C 250 21.04 -36.64 14.33
C PHE C 250 22.37 -36.12 13.82
N TYR C 251 22.93 -36.83 12.83
CA TYR C 251 24.03 -36.27 12.05
C TYR C 251 23.59 -36.25 10.60
N CYS C 252 23.59 -35.07 10.00
CA CYS C 252 23.07 -34.89 8.65
C CYS C 252 24.17 -34.37 7.74
N ASN C 253 24.36 -35.05 6.61
CA ASN C 253 25.31 -34.64 5.59
C ASN C 253 24.87 -33.33 4.97
N THR C 254 25.79 -32.38 4.83
CA THR C 254 25.43 -31.08 4.28
C THR C 254 25.99 -30.82 2.89
N SER C 255 26.64 -31.81 2.23
CA SER C 255 27.38 -31.46 1.02
C SER C 255 26.45 -31.01 -0.08
N ASP C 256 25.21 -31.47 -0.10
CA ASP C 256 24.25 -30.92 -1.03
C ASP C 256 23.70 -29.56 -0.57
N LEU C 257 24.43 -28.82 0.24
CA LEU C 257 23.83 -27.64 0.84
C LEU C 257 24.84 -26.51 0.87
N PHE C 258 25.99 -26.76 1.49
CA PHE C 258 27.11 -25.84 1.41
C PHE C 258 27.93 -26.23 0.19
N ASN C 259 27.39 -25.86 -0.98
CA ASN C 259 27.86 -26.36 -2.28
C ASN C 259 27.32 -25.41 -3.38
N GLY C 260 28.07 -24.36 -3.66
CA GLY C 260 27.61 -23.37 -4.62
C GLY C 260 28.63 -22.27 -4.79
N THR C 261 28.51 -21.57 -5.92
CA THR C 261 29.35 -20.41 -6.20
C THR C 261 28.54 -19.13 -6.34
N TYR C 262 29.19 -18.02 -6.00
CA TYR C 262 28.64 -16.66 -6.07
C TYR C 262 29.69 -15.80 -6.78
N ARG C 263 29.36 -15.35 -7.99
CA ARG C 263 30.24 -14.55 -8.82
C ARG C 263 29.37 -13.55 -9.58
N ASN C 264 29.88 -12.32 -9.75
CA ASN C 264 29.18 -11.33 -10.56
C ASN C 264 27.73 -11.16 -10.09
N GLY C 265 27.57 -10.91 -8.79
CA GLY C 265 26.26 -10.63 -8.26
C GLY C 265 25.25 -11.76 -8.33
N THR C 266 25.63 -12.89 -8.92
CA THR C 266 24.72 -14.04 -9.04
C THR C 266 25.19 -15.20 -8.16
N TYR C 267 24.22 -15.94 -7.58
CA TYR C 267 24.56 -17.20 -6.94
C TYR C 267 23.99 -18.40 -7.69
N ASN C 268 24.91 -19.27 -8.13
CA ASN C 268 24.66 -20.64 -8.56
C ASN C 268 24.79 -21.67 -7.47
N HIS C 269 23.73 -22.45 -7.26
CA HIS C 269 23.82 -23.59 -6.36
C HIS C 269 24.39 -24.81 -7.08
N THR C 270 25.47 -25.33 -6.54
CA THR C 270 26.23 -26.45 -7.09
C THR C 270 25.82 -27.80 -6.49
N GLY C 271 25.04 -27.80 -5.40
CA GLY C 271 24.62 -29.07 -4.82
C GLY C 271 23.42 -29.66 -5.55
N ARG C 272 23.16 -30.95 -5.29
CA ARG C 272 22.14 -31.68 -6.04
C ARG C 272 20.79 -31.61 -5.35
N SER C 273 19.76 -31.19 -6.09
CA SER C 273 18.39 -31.18 -5.56
C SER C 273 17.49 -32.09 -6.42
N SER C 274 16.18 -32.03 -6.16
CA SER C 274 15.22 -32.98 -6.71
C SER C 274 13.82 -32.46 -6.45
N ASN C 275 13.06 -32.16 -7.49
CA ASN C 275 11.75 -31.56 -7.29
C ASN C 275 11.89 -30.37 -6.34
N GLY C 276 12.97 -29.63 -6.51
CA GLY C 276 13.10 -28.34 -5.86
C GLY C 276 13.26 -28.37 -4.36
N THR C 277 13.64 -29.53 -3.79
CA THR C 277 14.01 -29.63 -2.39
C THR C 277 15.30 -30.40 -2.29
N ILE C 278 16.19 -29.92 -1.41
CA ILE C 278 17.37 -30.65 -1.01
C ILE C 278 16.97 -31.59 0.11
N THR C 279 17.39 -32.86 0.00
CA THR C 279 17.29 -33.75 1.15
C THR C 279 18.69 -34.15 1.58
N LEU C 280 18.88 -34.23 2.89
CA LEU C 280 20.11 -34.60 3.53
C LEU C 280 19.95 -36.00 4.11
N GLN C 281 20.87 -36.90 3.76
CA GLN C 281 20.96 -38.15 4.50
C GLN C 281 21.51 -37.89 5.89
N CYS C 282 20.87 -38.50 6.89
CA CYS C 282 21.28 -38.41 8.28
C CYS C 282 21.33 -39.79 8.90
N LYS C 283 22.23 -39.95 9.84
CA LYS C 283 22.26 -41.14 10.65
C LYS C 283 22.09 -40.77 12.11
N ILE C 284 21.42 -41.62 12.88
CA ILE C 284 21.29 -41.42 14.33
C ILE C 284 22.39 -42.21 15.01
N LYS C 285 23.26 -41.52 15.75
CA LYS C 285 24.50 -42.09 16.25
C LYS C 285 24.36 -42.32 17.75
N GLN C 286 24.97 -43.41 18.19
CA GLN C 286 24.92 -43.86 19.58
C GLN C 286 26.13 -43.34 20.32
N ILE C 287 27.31 -43.47 19.69
CA ILE C 287 28.55 -42.92 20.22
C ILE C 287 28.68 -41.45 19.84
N ILE C 288 29.09 -40.62 20.78
CA ILE C 288 28.96 -39.19 20.56
C ILE C 288 30.17 -38.48 21.11
N ASN C 289 30.85 -37.71 20.27
CA ASN C 289 31.91 -36.84 20.73
C ASN C 289 31.27 -35.67 21.47
N MET C 290 31.59 -35.56 22.75
CA MET C 290 30.91 -34.59 23.61
C MET C 290 31.33 -33.17 23.22
N TRP C 291 30.37 -32.22 23.31
CA TRP C 291 30.70 -30.82 23.14
C TRP C 291 31.06 -30.16 24.45
N GLN C 292 30.66 -30.77 25.55
CA GLN C 292 30.89 -30.13 26.85
C GLN C 292 32.37 -30.16 27.21
N GLU C 293 33.00 -31.32 27.09
CA GLU C 293 34.41 -31.50 27.42
C GLU C 293 34.96 -32.50 26.40
N VAL C 294 36.26 -32.77 26.47
CA VAL C 294 36.86 -33.68 25.49
C VAL C 294 36.63 -35.11 25.96
N GLY C 295 35.71 -35.81 25.31
CA GLY C 295 35.40 -37.17 25.72
C GLY C 295 34.24 -37.72 24.92
N ARG C 296 33.79 -38.91 25.30
CA ARG C 296 32.74 -39.56 24.53
C ARG C 296 31.57 -39.93 25.41
N ALA C 297 30.42 -40.06 24.78
CA ALA C 297 29.19 -40.40 25.50
C ALA C 297 28.45 -41.44 24.69
N ILE C 298 28.06 -42.54 25.33
CA ILE C 298 27.36 -43.60 24.61
C ILE C 298 25.93 -43.71 25.13
N TYR C 299 24.97 -43.67 24.20
CA TYR C 299 23.56 -43.61 24.49
C TYR C 299 22.84 -44.82 23.92
N ALA C 300 21.61 -45.01 24.40
CA ALA C 300 20.86 -46.20 24.04
C ALA C 300 20.40 -46.13 22.59
N PRO C 301 20.07 -47.28 22.00
CA PRO C 301 19.51 -47.30 20.64
C PRO C 301 18.30 -46.38 20.53
N PRO C 302 17.95 -45.97 19.32
CA PRO C 302 16.88 -44.97 19.15
C PRO C 302 15.52 -45.49 19.62
N ILE C 303 14.73 -44.58 20.20
CA ILE C 303 13.33 -44.88 20.55
C ILE C 303 12.60 -45.26 19.28
N GLU C 304 11.31 -45.60 19.35
CA GLU C 304 10.66 -46.06 18.13
C GLU C 304 9.59 -45.10 17.69
N GLY C 305 9.05 -45.39 16.53
CA GLY C 305 8.12 -44.49 15.91
C GLY C 305 8.84 -43.42 15.11
N GLU C 306 8.07 -42.44 14.66
CA GLU C 306 8.57 -41.47 13.70
C GLU C 306 9.13 -40.28 14.49
N ILE C 307 10.44 -40.06 14.39
CA ILE C 307 11.12 -39.00 15.12
C ILE C 307 11.24 -37.81 14.18
N THR C 308 10.57 -36.71 14.49
CA THR C 308 10.62 -35.56 13.61
C THR C 308 10.82 -34.24 14.34
N CYS C 309 11.74 -33.44 13.80
CA CYS C 309 11.96 -32.07 14.23
C CYS C 309 11.78 -31.15 13.03
N ASN C 310 10.88 -30.19 13.18
CA ASN C 310 10.58 -29.19 12.17
C ASN C 310 11.12 -27.88 12.73
N SER C 311 12.27 -27.43 12.21
CA SER C 311 13.03 -26.36 12.86
C SER C 311 13.30 -25.25 11.86
N ASN C 312 13.61 -24.05 12.40
CA ASN C 312 14.01 -22.90 11.59
C ASN C 312 15.52 -22.76 11.55
N ILE C 313 16.10 -22.84 10.36
CA ILE C 313 17.46 -22.37 10.22
C ILE C 313 17.45 -20.86 10.32
N THR C 314 17.95 -20.30 11.44
CA THR C 314 18.09 -18.86 11.59
C THR C 314 19.53 -18.34 11.49
N GLY C 315 20.53 -19.22 11.42
CA GLY C 315 21.89 -18.72 11.30
C GLY C 315 22.87 -19.77 10.82
N LEU C 316 24.04 -19.29 10.38
CA LEU C 316 25.08 -20.19 9.93
C LEU C 316 26.32 -20.08 10.82
N LEU C 317 27.12 -21.16 10.82
CA LEU C 317 28.46 -21.17 11.40
C LEU C 317 29.43 -21.54 10.28
N LEU C 318 30.16 -20.56 9.74
CA LEU C 318 31.10 -20.79 8.65
C LEU C 318 32.54 -20.54 9.08
N LEU C 319 33.47 -21.21 8.38
CA LEU C 319 34.90 -20.93 8.47
C LEU C 319 35.41 -20.80 7.05
N ARG C 320 36.26 -19.80 6.85
CA ARG C 320 36.91 -19.49 5.58
C ARG C 320 38.28 -20.20 5.49
N ASP C 321 38.86 -20.29 4.28
CA ASP C 321 40.23 -20.86 4.22
C ASP C 321 41.28 -19.77 3.99
N ASP C 330 41.35 -13.18 -6.41
CA ASP C 330 41.17 -14.62 -6.39
C ASP C 330 39.77 -15.12 -5.93
N THR C 331 39.83 -16.19 -5.14
CA THR C 331 38.67 -16.87 -4.57
C THR C 331 38.79 -17.05 -3.06
N GLU C 332 37.70 -16.74 -2.38
CA GLU C 332 37.52 -16.91 -0.95
C GLU C 332 36.38 -17.90 -0.77
N THR C 333 36.61 -19.00 -0.06
CA THR C 333 35.59 -20.04 0.07
C THR C 333 35.33 -20.38 1.53
N PHE C 334 34.05 -20.45 1.89
CA PHE C 334 33.57 -20.79 3.22
C PHE C 334 32.95 -22.18 3.27
N ARG C 335 33.17 -22.86 4.40
CA ARG C 335 32.59 -24.17 4.69
C ARG C 335 31.90 -24.15 6.04
N PRO C 336 30.96 -25.07 6.28
CA PRO C 336 30.25 -25.05 7.55
C PRO C 336 31.21 -25.52 8.62
N GLY C 337 31.13 -24.89 9.81
CA GLY C 337 31.91 -25.26 10.97
C GLY C 337 31.07 -25.32 12.23
N GLY C 338 31.75 -25.21 13.38
CA GLY C 338 31.13 -25.27 14.68
C GLY C 338 31.90 -26.21 15.57
N GLY C 339 31.35 -26.47 16.75
CA GLY C 339 32.00 -27.38 17.68
C GLY C 339 32.16 -26.76 19.05
N ASP C 340 32.38 -25.44 19.10
CA ASP C 340 32.40 -24.68 20.35
C ASP C 340 30.99 -24.18 20.63
N MET C 341 30.21 -24.98 21.36
CA MET C 341 28.82 -24.62 21.62
C MET C 341 28.64 -23.21 22.16
N ARG C 342 29.72 -22.56 22.61
CA ARG C 342 29.58 -21.19 23.09
C ARG C 342 29.24 -20.25 21.96
N ASP C 343 29.62 -20.58 20.71
CA ASP C 343 29.24 -19.71 19.60
C ASP C 343 27.72 -19.64 19.46
N ASN C 344 27.01 -20.75 19.70
CA ASN C 344 25.56 -20.65 19.64
C ASN C 344 25.08 -19.61 20.65
N TRP C 345 25.49 -19.75 21.91
CA TRP C 345 25.07 -18.76 22.89
C TRP C 345 25.44 -17.34 22.42
N ARG C 346 26.68 -17.14 21.98
CA ARG C 346 27.11 -15.82 21.50
C ARG C 346 26.15 -15.25 20.48
N SER C 347 25.72 -16.07 19.53
CA SER C 347 24.85 -15.61 18.46
C SER C 347 23.58 -14.97 19.00
N GLU C 348 23.07 -15.46 20.15
CA GLU C 348 21.90 -14.83 20.74
C GLU C 348 22.24 -13.73 21.74
N LEU C 349 23.31 -13.91 22.50
CA LEU C 349 23.67 -12.94 23.53
C LEU C 349 24.50 -11.80 22.98
N TYR C 350 24.84 -11.81 21.68
CA TYR C 350 25.78 -10.83 21.16
C TYR C 350 25.42 -9.43 21.59
N LYS C 351 24.14 -9.15 21.76
CA LYS C 351 23.71 -7.79 21.98
C LYS C 351 23.55 -7.45 23.46
N TYR C 352 24.22 -8.15 24.41
CA TYR C 352 24.06 -7.56 25.72
C TYR C 352 25.35 -7.65 26.51
N LYS C 353 25.40 -6.83 27.55
CA LYS C 353 26.49 -6.78 28.51
C LYS C 353 25.88 -6.54 29.88
N VAL C 354 26.54 -7.01 30.96
CA VAL C 354 26.08 -6.63 32.30
C VAL C 354 27.01 -5.57 32.89
N VAL C 355 26.44 -4.74 33.78
CA VAL C 355 27.00 -3.44 34.13
C VAL C 355 26.72 -3.13 35.59
N GLU C 356 27.67 -2.40 36.20
CA GLU C 356 27.52 -1.69 37.49
C GLU C 356 27.69 -2.62 38.70
N LYS D 6 -22.98 -36.05 12.73
CA LYS D 6 -21.70 -36.80 12.85
C LYS D 6 -21.18 -37.17 14.25
N THR D 7 -20.00 -36.68 14.62
CA THR D 7 -19.53 -36.91 15.98
C THR D 7 -18.60 -35.77 16.37
N THR D 8 -18.45 -35.59 17.68
CA THR D 8 -17.48 -34.63 18.20
C THR D 8 -16.07 -35.09 17.87
N LEU D 9 -15.34 -34.29 17.09
CA LEU D 9 -13.91 -34.54 16.97
C LEU D 9 -13.14 -33.85 18.10
N PHE D 10 -11.86 -34.19 18.21
CA PHE D 10 -10.92 -33.52 19.10
C PHE D 10 -9.72 -32.94 18.34
N CYS D 11 -8.94 -32.13 19.07
CA CYS D 11 -7.75 -31.49 18.50
C CYS D 11 -6.49 -31.96 19.19
N ALA D 12 -5.50 -32.26 18.37
CA ALA D 12 -4.15 -32.56 18.78
C ALA D 12 -3.24 -31.42 18.33
N SER D 13 -2.47 -30.85 19.26
CA SER D 13 -1.54 -29.78 18.91
C SER D 13 -0.14 -30.17 19.37
N ASP D 14 0.83 -29.40 18.92
CA ASP D 14 2.20 -29.60 19.38
C ASP D 14 2.55 -28.56 20.44
N ALA D 15 1.55 -28.05 21.16
CA ALA D 15 1.75 -26.81 21.92
C ALA D 15 2.53 -27.05 23.19
N LYS D 16 2.94 -25.96 23.80
CA LYS D 16 3.89 -25.96 24.89
C LYS D 16 3.27 -25.28 26.11
N ALA D 17 3.17 -26.02 27.22
CA ALA D 17 2.51 -25.49 28.41
C ALA D 17 3.18 -24.21 28.92
N TYR D 18 4.51 -24.18 28.97
CA TYR D 18 5.28 -22.99 29.36
C TYR D 18 5.12 -21.75 28.47
N GLU D 19 4.59 -21.85 27.25
CA GLU D 19 4.42 -20.65 26.41
C GLU D 19 3.33 -19.74 27.00
N LYS D 20 3.64 -18.43 27.14
CA LYS D 20 2.53 -17.47 27.38
C LYS D 20 1.61 -17.30 26.17
N GLU D 21 2.06 -17.67 24.98
CA GLU D 21 1.32 -17.27 23.80
C GLU D 21 -0.05 -17.96 23.77
N VAL D 22 -1.07 -17.20 23.38
CA VAL D 22 -2.45 -17.55 23.71
C VAL D 22 -2.90 -18.82 22.98
N HIS D 23 -2.54 -18.96 21.70
CA HIS D 23 -2.85 -20.21 21.00
C HIS D 23 -2.32 -21.41 21.78
N ASN D 24 -1.08 -21.30 22.27
CA ASN D 24 -0.48 -22.40 23.02
C ASN D 24 -1.29 -22.69 24.27
N VAL D 25 -1.68 -21.64 25.00
CA VAL D 25 -2.42 -21.85 26.23
C VAL D 25 -3.73 -22.57 25.96
N TRP D 26 -4.54 -22.00 25.07
CA TRP D 26 -5.78 -22.65 24.68
C TRP D 26 -5.55 -24.11 24.32
N ALA D 27 -4.57 -24.37 23.45
CA ALA D 27 -4.44 -25.74 22.96
C ALA D 27 -4.01 -26.70 24.07
N THR D 28 -3.08 -26.29 24.95
CA THR D 28 -2.69 -27.19 26.05
C THR D 28 -3.87 -27.41 26.98
N HIS D 29 -4.84 -26.49 26.93
CA HIS D 29 -6.00 -26.52 27.80
C HIS D 29 -7.15 -27.30 27.16
N ALA D 30 -7.03 -27.65 25.87
CA ALA D 30 -8.15 -28.18 25.09
C ALA D 30 -7.75 -29.23 24.05
N CYS D 31 -6.47 -29.36 23.75
CA CYS D 31 -6.00 -30.33 22.78
C CYS D 31 -5.06 -31.34 23.42
N VAL D 32 -5.11 -32.56 22.90
CA VAL D 32 -4.19 -33.61 23.31
C VAL D 32 -2.93 -33.51 22.48
N PRO D 33 -1.83 -34.12 22.90
CA PRO D 33 -0.59 -34.04 22.15
C PRO D 33 -0.69 -34.83 20.86
N THR D 34 0.08 -34.39 19.86
CA THR D 34 0.04 -35.07 18.58
C THR D 34 0.79 -36.38 18.63
N ASP D 35 0.33 -37.32 17.83
CA ASP D 35 0.98 -38.61 17.68
C ASP D 35 2.18 -38.47 16.73
N PRO D 36 3.41 -38.67 17.21
CA PRO D 36 4.57 -38.58 16.30
C PRO D 36 4.53 -39.60 15.18
N ASN D 37 4.00 -40.78 15.47
CA ASN D 37 3.82 -41.84 14.47
C ASN D 37 2.56 -41.59 13.64
N PRO D 38 2.68 -41.31 12.32
CA PRO D 38 1.47 -41.02 11.54
C PRO D 38 0.74 -42.30 11.14
N GLN D 39 -0.39 -42.56 11.78
CA GLN D 39 -1.30 -43.60 11.31
C GLN D 39 -1.89 -43.20 9.93
N GLU D 40 -1.52 -43.88 8.83
CA GLU D 40 -2.19 -43.58 7.56
C GLU D 40 -2.36 -44.81 6.67
N MET D 41 -3.59 -45.02 6.20
CA MET D 41 -3.95 -46.03 5.18
C MET D 41 -4.05 -45.40 3.80
N VAL D 42 -3.57 -46.12 2.77
CA VAL D 42 -3.89 -45.82 1.38
C VAL D 42 -5.04 -46.72 0.93
N LEU D 43 -5.64 -46.40 -0.22
CA LEU D 43 -6.63 -47.27 -0.85
C LEU D 43 -7.18 -46.64 -2.15
N ALA D 44 -6.34 -46.57 -3.21
CA ALA D 44 -6.72 -45.93 -4.48
C ALA D 44 -7.58 -46.87 -5.32
N ASN D 45 -8.85 -46.46 -5.52
CA ASN D 45 -9.97 -47.30 -5.97
C ASN D 45 -11.26 -47.07 -5.17
N VAL D 46 -11.17 -46.44 -3.99
CA VAL D 46 -12.30 -46.47 -3.06
C VAL D 46 -13.42 -45.52 -3.50
N THR D 47 -13.08 -44.36 -4.08
CA THR D 47 -14.10 -43.51 -4.72
C THR D 47 -15.18 -43.04 -3.76
N GLU D 48 -14.74 -42.34 -2.71
CA GLU D 48 -15.59 -41.51 -1.90
C GLU D 48 -15.92 -40.22 -2.65
N ASN D 49 -17.07 -39.65 -2.27
CA ASN D 49 -17.47 -38.29 -2.60
C ASN D 49 -17.27 -37.38 -1.40
N PHE D 50 -16.88 -36.13 -1.70
CA PHE D 50 -16.65 -35.08 -0.72
C PHE D 50 -17.45 -33.86 -1.14
N ASN D 51 -17.86 -33.03 -0.17
CA ASN D 51 -18.31 -31.69 -0.53
C ASN D 51 -17.78 -30.71 0.50
N MET D 52 -16.65 -30.06 0.15
CA MET D 52 -16.01 -29.12 1.06
C MET D 52 -16.98 -28.07 1.58
N TRP D 53 -18.03 -27.78 0.81
CA TRP D 53 -18.94 -26.68 1.16
C TRP D 53 -19.94 -27.06 2.24
N LYS D 54 -19.99 -28.32 2.64
CA LYS D 54 -21.07 -28.85 3.43
C LYS D 54 -20.37 -29.91 4.28
N ASN D 55 -19.58 -29.47 5.26
CA ASN D 55 -18.61 -30.36 5.92
C ASN D 55 -18.56 -30.05 7.41
N ASP D 56 -19.22 -30.89 8.21
CA ASP D 56 -19.29 -30.61 9.64
C ASP D 56 -17.94 -30.31 10.28
N MET D 57 -16.84 -30.83 9.72
CA MET D 57 -15.52 -30.51 10.30
C MET D 57 -15.31 -28.99 10.35
N VAL D 58 -15.69 -28.29 9.28
CA VAL D 58 -15.52 -26.84 9.27
C VAL D 58 -16.29 -26.20 10.42
N GLU D 59 -17.54 -26.62 10.63
CA GLU D 59 -18.28 -26.09 11.77
C GLU D 59 -17.53 -26.32 13.08
N GLN D 60 -17.10 -27.57 13.34
CA GLN D 60 -16.45 -27.82 14.63
C GLN D 60 -15.25 -26.90 14.80
N MET D 61 -14.42 -26.78 13.76
CA MET D 61 -13.22 -25.95 13.91
C MET D 61 -13.60 -24.52 14.18
N HIS D 62 -14.54 -23.99 13.39
CA HIS D 62 -15.07 -22.66 13.60
C HIS D 62 -15.45 -22.45 15.05
N GLU D 63 -16.20 -23.42 15.60
CA GLU D 63 -16.60 -23.36 17.00
C GLU D 63 -15.35 -23.13 17.83
N ASP D 64 -14.37 -24.04 17.67
CA ASP D 64 -13.18 -24.00 18.50
C ASP D 64 -12.49 -22.65 18.38
N ILE D 65 -12.20 -22.21 17.14
CA ILE D 65 -11.49 -20.94 16.96
C ILE D 65 -12.23 -19.81 17.65
N ILE D 66 -13.56 -19.76 17.51
CA ILE D 66 -14.33 -18.77 18.26
C ILE D 66 -14.04 -18.89 19.76
N SER D 67 -13.99 -20.14 20.26
CA SER D 67 -13.73 -20.30 21.70
C SER D 67 -12.37 -19.72 22.03
N LEU D 68 -11.39 -20.07 21.20
CA LEU D 68 -10.01 -19.66 21.44
C LEU D 68 -9.89 -18.15 21.42
N TRP D 69 -10.54 -17.50 20.46
CA TRP D 69 -10.52 -16.05 20.46
C TRP D 69 -11.25 -15.49 21.68
N ASP D 70 -12.41 -16.07 22.14
CA ASP D 70 -13.01 -15.27 23.25
C ASP D 70 -12.21 -15.48 24.51
N GLU D 71 -11.46 -16.58 24.57
CA GLU D 71 -10.60 -16.85 25.73
C GLU D 71 -9.29 -16.05 25.71
N SER D 72 -8.73 -15.78 24.53
CA SER D 72 -7.40 -15.19 24.42
C SER D 72 -7.39 -13.72 23.99
N LEU D 73 -8.26 -13.31 23.07
CA LEU D 73 -8.17 -11.95 22.57
C LEU D 73 -9.35 -11.14 23.09
N LYS D 74 -9.42 -10.95 24.40
CA LYS D 74 -10.61 -10.39 25.01
C LYS D 74 -10.66 -8.89 24.67
N PRO D 75 -11.78 -8.37 24.19
CA PRO D 75 -11.88 -6.93 23.94
C PRO D 75 -12.24 -6.14 25.18
N CYS D 76 -11.62 -4.95 25.32
CA CYS D 76 -12.04 -3.99 26.35
C CYS D 76 -13.56 -3.86 26.39
N VAL D 77 -14.17 -3.66 25.24
CA VAL D 77 -15.62 -3.62 25.21
C VAL D 77 -16.08 -4.59 24.13
N LYS D 78 -17.32 -5.06 24.27
CA LYS D 78 -17.94 -5.88 23.24
C LYS D 78 -19.38 -5.44 23.22
N LEU D 79 -19.82 -4.91 22.07
CA LEU D 79 -21.20 -4.51 21.86
C LEU D 79 -21.86 -5.60 21.05
N THR D 80 -22.83 -6.30 21.63
CA THR D 80 -23.60 -7.14 20.72
C THR D 80 -25.05 -6.92 21.08
N GLY D 81 -25.91 -6.86 20.07
CA GLY D 81 -27.28 -6.54 20.41
C GLY D 81 -27.33 -5.17 21.05
N GLY D 82 -28.10 -5.10 22.14
CA GLY D 82 -28.10 -3.90 22.96
C GLY D 82 -27.01 -3.88 24.02
N SER D 83 -26.50 -5.07 24.38
CA SER D 83 -25.58 -5.18 25.49
C SER D 83 -24.19 -4.63 25.16
N ALA D 84 -23.50 -4.19 26.22
CA ALA D 84 -22.08 -3.88 26.18
C ALA D 84 -21.40 -4.55 27.36
N ILE D 85 -20.60 -5.59 27.08
CA ILE D 85 -19.81 -6.28 28.09
C ILE D 85 -18.41 -5.69 28.14
N THR D 86 -17.88 -5.41 29.34
CA THR D 86 -16.51 -4.89 29.47
C THR D 86 -15.61 -5.92 30.18
N GLN D 87 -14.45 -6.23 29.60
CA GLN D 87 -13.48 -7.09 30.26
C GLN D 87 -12.14 -6.40 30.31
N ALA D 88 -11.24 -7.04 31.06
CA ALA D 88 -9.84 -6.63 30.97
C ALA D 88 -9.29 -7.08 29.63
N CYS D 89 -8.67 -6.14 28.89
CA CYS D 89 -8.23 -6.38 27.51
C CYS D 89 -6.72 -6.18 27.43
N PRO D 90 -5.96 -7.01 28.15
CA PRO D 90 -4.50 -6.83 28.18
C PRO D 90 -3.93 -7.18 26.83
N LYS D 91 -2.79 -6.57 26.51
CA LYS D 91 -2.02 -7.00 25.35
C LYS D 91 -1.50 -8.41 25.58
N VAL D 92 -1.31 -9.18 24.52
CA VAL D 92 -0.91 -10.57 24.72
C VAL D 92 0.04 -11.02 23.61
N SER D 93 0.66 -12.18 23.84
CA SER D 93 1.53 -12.81 22.86
C SER D 93 0.68 -13.67 21.93
N PHE D 94 0.63 -13.32 20.65
CA PHE D 94 -0.35 -13.89 19.72
C PHE D 94 0.28 -14.35 18.41
N ASP D 95 0.60 -15.63 18.30
CA ASP D 95 1.07 -16.23 17.04
C ASP D 95 0.37 -17.56 16.76
N PRO D 96 -0.46 -17.63 15.72
CA PRO D 96 -1.27 -18.83 15.49
C PRO D 96 -0.37 -20.04 15.35
N ILE D 97 -0.74 -21.12 16.03
CA ILE D 97 0.03 -22.38 15.95
C ILE D 97 -0.80 -23.36 15.14
N PRO D 98 -0.20 -24.36 14.50
CA PRO D 98 -1.00 -25.35 13.79
C PRO D 98 -1.81 -26.17 14.78
N LEU D 99 -2.99 -26.62 14.32
CA LEU D 99 -3.93 -27.47 15.05
C LEU D 99 -4.29 -28.66 14.16
N HIS D 100 -4.39 -29.85 14.76
CA HIS D 100 -4.84 -31.02 14.03
C HIS D 100 -6.19 -31.45 14.55
N TYR D 101 -7.10 -31.75 13.63
CA TYR D 101 -8.42 -32.26 13.98
C TYR D 101 -8.42 -33.77 13.80
N CYS D 102 -8.75 -34.49 14.87
CA CYS D 102 -8.74 -35.96 14.92
C CYS D 102 -10.15 -36.48 15.21
N ALA D 103 -10.42 -37.67 14.64
CA ALA D 103 -11.57 -38.51 14.74
C ALA D 103 -11.46 -39.45 15.94
N PRO D 104 -12.51 -39.50 16.78
CA PRO D 104 -12.48 -40.38 17.97
C PRO D 104 -12.78 -41.83 17.62
N ALA D 105 -12.48 -42.71 18.58
CA ALA D 105 -12.59 -44.16 18.39
C ALA D 105 -13.92 -44.57 17.79
N GLY D 106 -13.86 -45.33 16.67
CA GLY D 106 -15.03 -45.81 15.95
C GLY D 106 -15.23 -45.08 14.64
N PHE D 107 -14.68 -43.87 14.53
CA PHE D 107 -14.70 -43.01 13.36
C PHE D 107 -13.30 -42.86 12.78
N ALA D 108 -13.23 -42.52 11.48
CA ALA D 108 -11.94 -42.17 10.89
C ALA D 108 -12.14 -41.03 9.91
N ILE D 109 -11.04 -40.34 9.57
CA ILE D 109 -11.06 -39.27 8.58
C ILE D 109 -10.59 -39.83 7.25
N LEU D 110 -11.39 -39.64 6.21
CA LEU D 110 -10.97 -39.90 4.85
C LEU D 110 -10.36 -38.64 4.27
N LYS D 111 -9.30 -38.84 3.49
CA LYS D 111 -8.47 -37.78 2.93
C LYS D 111 -8.43 -37.96 1.42
N CYS D 112 -8.80 -36.93 0.67
CA CYS D 112 -8.71 -37.01 -0.78
C CYS D 112 -7.30 -36.68 -1.24
N ASN D 113 -6.80 -37.49 -2.17
CA ASN D 113 -5.41 -37.46 -2.61
C ASN D 113 -5.22 -36.92 -4.02
N ASN D 114 -6.32 -36.77 -4.79
CA ASN D 114 -6.25 -36.02 -6.03
C ASN D 114 -5.55 -34.67 -5.87
N LYS D 115 -4.29 -34.58 -6.28
CA LYS D 115 -3.59 -33.30 -6.20
C LYS D 115 -4.36 -32.16 -6.89
N THR D 116 -5.30 -32.46 -7.79
CA THR D 116 -6.09 -31.41 -8.46
C THR D 116 -7.57 -31.38 -8.04
N PHE D 117 -7.95 -32.14 -7.00
CA PHE D 117 -9.33 -32.16 -6.51
C PHE D 117 -9.85 -30.75 -6.28
N ASN D 118 -10.99 -30.42 -6.91
CA ASN D 118 -11.58 -29.11 -6.69
C ASN D 118 -12.50 -29.10 -5.46
N GLY D 119 -12.50 -30.18 -4.66
CA GLY D 119 -13.09 -30.15 -3.35
C GLY D 119 -14.56 -30.55 -3.29
N THR D 120 -15.24 -30.61 -4.43
CA THR D 120 -16.55 -31.25 -4.49
C THR D 120 -16.51 -32.39 -5.50
N GLY D 121 -17.24 -33.45 -5.19
CA GLY D 121 -17.44 -34.52 -6.15
C GLY D 121 -16.74 -35.80 -5.75
N PRO D 122 -16.51 -36.68 -6.74
CA PRO D 122 -15.89 -37.96 -6.45
C PRO D 122 -14.37 -37.84 -6.55
N CYS D 123 -13.71 -38.55 -5.65
CA CYS D 123 -12.27 -38.54 -5.50
C CYS D 123 -11.78 -39.97 -5.59
N ARG D 124 -10.93 -40.24 -6.58
CA ARG D 124 -10.26 -41.54 -6.72
C ARG D 124 -9.38 -42.01 -5.58
N ASN D 125 -8.16 -41.47 -5.50
CA ASN D 125 -7.15 -41.94 -4.56
C ASN D 125 -7.48 -41.42 -3.17
N VAL D 126 -7.94 -42.30 -2.26
CA VAL D 126 -8.41 -41.91 -0.92
C VAL D 126 -7.50 -42.53 0.14
N SER D 127 -7.50 -41.93 1.34
CA SER D 127 -6.71 -42.47 2.44
C SER D 127 -7.49 -42.42 3.75
N THR D 128 -7.07 -43.25 4.70
CA THR D 128 -7.61 -43.26 6.05
C THR D 128 -6.60 -42.67 7.01
N VAL D 129 -7.06 -41.75 7.85
CA VAL D 129 -6.15 -41.05 8.77
C VAL D 129 -6.85 -40.86 10.09
N GLN D 130 -6.01 -40.77 11.12
CA GLN D 130 -6.45 -40.39 12.46
C GLN D 130 -6.77 -38.88 12.53
N CYS D 131 -5.92 -38.06 11.89
CA CYS D 131 -5.98 -36.60 12.03
C CYS D 131 -5.62 -35.89 10.74
N THR D 132 -6.20 -34.70 10.59
CA THR D 132 -5.86 -33.76 9.54
C THR D 132 -4.43 -33.29 9.72
N HIS D 133 -3.88 -32.68 8.67
CA HIS D 133 -2.60 -32.06 8.87
C HIS D 133 -2.71 -30.92 9.87
N GLY D 134 -1.55 -30.35 10.20
CA GLY D 134 -1.54 -29.17 11.06
C GLY D 134 -2.17 -28.01 10.34
N ILE D 135 -3.12 -27.33 10.99
CA ILE D 135 -3.81 -26.20 10.40
C ILE D 135 -3.68 -25.00 11.32
N LYS D 136 -3.10 -23.93 10.82
CA LYS D 136 -3.04 -22.68 11.57
C LYS D 136 -4.36 -21.93 11.38
N PRO D 137 -5.11 -21.68 12.45
CA PRO D 137 -6.36 -20.93 12.29
C PRO D 137 -6.08 -19.45 12.06
N VAL D 138 -5.84 -19.03 10.81
CA VAL D 138 -5.43 -17.65 10.55
C VAL D 138 -6.63 -16.86 10.03
N VAL D 139 -7.18 -15.99 10.87
CA VAL D 139 -8.34 -15.18 10.54
C VAL D 139 -7.95 -14.04 9.60
N SER D 140 -8.61 -13.95 8.44
CA SER D 140 -8.32 -12.83 7.54
C SER D 140 -9.36 -12.77 6.43
N THR D 141 -9.34 -11.66 5.72
CA THR D 141 -10.22 -11.46 4.57
C THR D 141 -9.35 -11.30 3.32
N GLN D 142 -9.98 -11.40 2.15
CA GLN D 142 -9.32 -11.16 0.86
C GLN D 142 -8.14 -12.11 0.61
N LEU D 143 -7.09 -12.03 1.42
CA LEU D 143 -5.90 -12.85 1.25
C LEU D 143 -5.91 -13.94 2.32
N LEU D 144 -5.80 -15.21 1.89
CA LEU D 144 -5.62 -16.33 2.80
C LEU D 144 -4.13 -16.49 3.11
N LEU D 145 -3.78 -16.44 4.40
CA LEU D 145 -2.41 -16.38 4.84
C LEU D 145 -1.92 -17.65 5.52
N ASN D 146 -0.63 -17.94 5.34
CA ASN D 146 0.06 -19.01 6.04
C ASN D 146 -0.64 -20.35 5.86
N GLY D 147 -1.41 -20.49 4.78
CA GLY D 147 -2.03 -21.76 4.48
C GLY D 147 -1.05 -22.73 3.88
N SER D 148 -1.57 -23.86 3.40
CA SER D 148 -0.77 -24.87 2.73
C SER D 148 -1.08 -24.89 1.24
N LEU D 149 -0.04 -24.60 0.46
CA LEU D 149 0.06 -24.60 -0.98
C LEU D 149 -0.71 -25.76 -1.64
N ALA D 150 -1.20 -25.51 -2.84
CA ALA D 150 -1.43 -26.64 -3.73
C ALA D 150 -0.10 -27.19 -4.21
N GLU D 151 -0.23 -28.32 -4.86
CA GLU D 151 0.63 -29.47 -4.98
C GLU D 151 1.18 -29.52 -6.40
N GLU D 152 0.24 -29.57 -7.34
CA GLU D 152 0.48 -29.50 -8.76
C GLU D 152 0.04 -28.11 -9.19
N GLU D 153 -1.16 -27.94 -9.72
CA GLU D 153 -1.41 -26.66 -10.38
C GLU D 153 -2.40 -25.88 -9.51
N ILE D 154 -2.67 -24.63 -9.90
CA ILE D 154 -3.62 -23.84 -9.11
C ILE D 154 -5.01 -24.48 -9.18
N ILE D 155 -5.73 -24.47 -8.05
CA ILE D 155 -7.09 -25.02 -8.02
C ILE D 155 -8.07 -23.88 -7.75
N ILE D 156 -9.29 -24.04 -8.25
CA ILE D 156 -10.31 -23.03 -8.06
C ILE D 156 -11.54 -23.71 -7.48
N ARG D 157 -11.93 -23.28 -6.29
CA ARG D 157 -12.96 -23.95 -5.52
C ARG D 157 -14.14 -23.00 -5.38
N SER D 158 -15.34 -23.54 -5.57
CA SER D 158 -16.53 -22.74 -5.40
C SER D 158 -17.68 -23.69 -5.21
N GLU D 159 -18.59 -23.32 -4.31
CA GLU D 159 -19.83 -24.08 -4.19
C GLU D 159 -20.60 -24.10 -5.52
N ASN D 160 -20.52 -23.02 -6.29
CA ASN D 160 -21.26 -22.91 -7.55
C ASN D 160 -20.81 -21.69 -8.38
N LEU D 161 -20.04 -21.93 -9.44
CA LEU D 161 -19.46 -20.77 -10.13
C LEU D 161 -20.49 -19.94 -10.87
N THR D 162 -21.57 -20.54 -11.37
CA THR D 162 -22.61 -19.70 -11.92
C THR D 162 -23.04 -18.65 -10.90
N ASN D 163 -23.38 -19.11 -9.69
CA ASN D 163 -23.95 -18.22 -8.70
C ASN D 163 -22.91 -17.25 -8.19
N ASN D 164 -22.96 -16.02 -8.68
CA ASN D 164 -21.94 -15.05 -8.30
C ASN D 164 -22.10 -14.54 -6.88
N ALA D 165 -22.91 -15.18 -6.04
CA ALA D 165 -22.93 -14.83 -4.64
C ALA D 165 -22.19 -15.87 -3.84
N LYS D 166 -21.62 -16.87 -4.50
CA LYS D 166 -20.87 -17.92 -3.84
C LYS D 166 -19.40 -17.53 -3.87
N THR D 167 -18.86 -17.18 -2.70
CA THR D 167 -17.42 -16.99 -2.53
C THR D 167 -16.59 -17.99 -3.32
N ILE D 168 -15.56 -17.48 -3.99
CA ILE D 168 -14.60 -18.29 -4.75
C ILE D 168 -13.30 -18.37 -3.97
N ILE D 169 -12.73 -19.56 -3.86
CA ILE D 169 -11.44 -19.73 -3.19
C ILE D 169 -10.41 -20.12 -4.21
N VAL D 170 -9.39 -19.31 -4.36
CA VAL D 170 -8.27 -19.64 -5.24
C VAL D 170 -7.20 -20.28 -4.39
N HIS D 171 -6.90 -21.56 -4.64
CA HIS D 171 -5.81 -22.27 -3.94
C HIS D 171 -4.54 -22.18 -4.78
N LEU D 172 -3.58 -21.34 -4.35
CA LEU D 172 -2.33 -21.15 -5.08
C LEU D 172 -1.38 -22.32 -4.88
N ASN D 173 -0.50 -22.53 -5.86
CA ASN D 173 0.55 -23.52 -5.74
C ASN D 173 1.90 -22.92 -5.38
N GLU D 174 1.97 -21.64 -5.11
CA GLU D 174 3.26 -20.96 -5.17
C GLU D 174 3.15 -19.80 -4.19
N SER D 175 3.71 -19.93 -2.98
CA SER D 175 3.41 -18.87 -2.01
C SER D 175 3.95 -17.51 -2.49
N VAL D 176 3.35 -16.42 -2.00
CA VAL D 176 3.69 -15.06 -2.44
C VAL D 176 3.89 -14.16 -1.21
N ASN D 177 5.13 -13.72 -1.00
CA ASN D 177 5.47 -13.00 0.21
C ASN D 177 4.66 -11.73 0.38
N ILE D 178 4.13 -11.53 1.58
CA ILE D 178 3.57 -10.26 1.99
C ILE D 178 4.19 -9.92 3.34
N VAL D 179 4.81 -8.74 3.44
CA VAL D 179 5.43 -8.31 4.69
C VAL D 179 4.73 -7.03 5.16
N CYS D 180 4.18 -7.08 6.37
CA CYS D 180 3.44 -5.94 6.91
C CYS D 180 4.14 -5.44 8.16
N THR D 181 4.30 -4.13 8.25
CA THR D 181 4.99 -3.54 9.37
C THR D 181 4.28 -2.26 9.78
N ARG D 182 4.28 -2.03 11.09
CA ARG D 182 4.03 -0.72 11.69
C ARG D 182 5.33 -0.34 12.40
N PRO D 183 6.11 0.57 11.82
CA PRO D 183 7.50 0.74 12.22
C PRO D 183 7.64 1.48 13.54
N ASN D 184 8.88 1.50 14.06
CA ASN D 184 9.12 1.82 15.47
C ASN D 184 8.57 3.23 15.81
N ASN D 193 2.07 8.99 12.92
CA ASN D 193 0.86 8.33 13.38
C ASN D 193 1.13 6.91 13.86
N ILE D 194 0.94 6.72 15.16
CA ILE D 194 1.12 5.42 15.82
C ILE D 194 0.24 4.30 15.22
N ARG D 195 -0.70 4.65 14.33
CA ARG D 195 -1.63 3.68 13.77
C ARG D 195 -1.40 3.40 12.29
N GLN D 196 -0.27 3.87 11.73
CA GLN D 196 0.01 3.74 10.30
C GLN D 196 1.02 2.64 10.04
N ALA D 197 0.74 1.77 9.08
CA ALA D 197 1.66 0.72 8.71
C ALA D 197 1.48 0.41 7.23
N HIS D 198 2.35 -0.45 6.70
CA HIS D 198 2.37 -0.69 5.27
C HIS D 198 2.70 -2.15 5.01
N CYS D 199 2.42 -2.59 3.79
CA CYS D 199 2.68 -3.97 3.40
C CYS D 199 3.39 -4.00 2.04
N ASN D 200 4.42 -4.82 1.91
CA ASN D 200 5.22 -4.88 0.71
C ASN D 200 5.12 -6.26 0.06
N ILE D 201 4.95 -6.24 -1.26
CA ILE D 201 4.78 -7.42 -2.10
C ILE D 201 5.59 -7.26 -3.38
N ASN D 202 6.29 -8.33 -3.77
CA ASN D 202 7.10 -8.30 -4.99
C ASN D 202 6.18 -8.23 -6.22
N GLU D 203 6.15 -7.08 -6.90
CA GLU D 203 5.23 -6.94 -8.05
C GLU D 203 5.47 -8.00 -9.11
N SER D 204 6.73 -8.44 -9.34
CA SER D 204 6.95 -9.51 -10.31
C SER D 204 6.26 -10.80 -9.86
N LYS D 205 6.40 -11.12 -8.58
CA LYS D 205 5.75 -12.31 -8.05
C LYS D 205 4.23 -12.21 -8.17
N TRP D 206 3.68 -11.07 -7.78
CA TRP D 206 2.23 -10.87 -7.85
C TRP D 206 1.74 -10.94 -9.29
N ASN D 207 2.39 -10.18 -10.19
CA ASN D 207 2.39 -10.38 -11.64
C ASN D 207 2.07 -11.79 -12.05
N ASN D 208 3.12 -12.61 -11.90
CA ASN D 208 3.00 -13.99 -12.35
C ASN D 208 1.73 -14.61 -11.79
N THR D 209 1.52 -14.43 -10.48
CA THR D 209 0.42 -15.14 -9.82
C THR D 209 -0.92 -14.78 -10.43
N LEU D 210 -1.21 -13.48 -10.55
CA LEU D 210 -2.50 -13.11 -11.12
C LEU D 210 -2.61 -13.53 -12.57
N GLN D 211 -1.50 -13.54 -13.32
CA GLN D 211 -1.61 -13.96 -14.71
C GLN D 211 -2.07 -15.43 -14.77
N LYS D 212 -1.37 -16.27 -14.03
CA LYS D 212 -1.69 -17.67 -13.89
C LYS D 212 -3.07 -17.91 -13.32
N VAL D 213 -3.52 -16.99 -12.48
CA VAL D 213 -4.84 -17.16 -11.91
C VAL D 213 -5.90 -16.86 -12.95
N GLY D 214 -5.72 -15.76 -13.66
CA GLY D 214 -6.57 -15.47 -14.79
C GLY D 214 -6.59 -16.56 -15.83
N GLU D 215 -5.51 -17.33 -15.93
CA GLU D 215 -5.58 -18.31 -17.01
C GLU D 215 -6.70 -19.23 -16.56
N GLU D 216 -6.41 -19.84 -15.40
CA GLU D 216 -7.28 -20.83 -14.77
C GLU D 216 -8.72 -20.33 -14.64
N LEU D 217 -8.90 -19.06 -14.34
CA LEU D 217 -10.22 -18.48 -14.29
C LEU D 217 -10.85 -18.47 -15.68
N ALA D 218 -10.05 -18.24 -16.73
CA ALA D 218 -10.57 -18.27 -18.10
C ALA D 218 -11.08 -19.66 -18.47
N LYS D 219 -10.37 -20.72 -18.06
CA LYS D 219 -10.88 -22.06 -18.31
C LYS D 219 -12.32 -22.21 -17.85
N HIS D 220 -12.77 -21.41 -16.87
CA HIS D 220 -14.15 -21.49 -16.42
C HIS D 220 -15.05 -20.40 -16.98
N PHE D 221 -14.50 -19.37 -17.63
CA PHE D 221 -15.31 -18.43 -18.43
C PHE D 221 -14.47 -18.10 -19.66
N PRO D 222 -14.75 -18.74 -20.80
CA PRO D 222 -13.77 -18.79 -21.89
C PRO D 222 -13.77 -17.57 -22.82
N SER D 223 -14.95 -17.20 -23.32
CA SER D 223 -15.12 -16.11 -24.27
C SER D 223 -15.02 -14.73 -23.62
N LYS D 224 -14.74 -14.68 -22.31
CA LYS D 224 -14.75 -13.45 -21.53
C LYS D 224 -13.32 -13.05 -21.20
N THR D 225 -13.10 -11.75 -21.07
CA THR D 225 -11.82 -11.24 -20.62
C THR D 225 -11.88 -11.11 -19.09
N ILE D 226 -10.77 -11.39 -18.42
CA ILE D 226 -10.77 -11.50 -16.96
C ILE D 226 -10.32 -10.18 -16.32
N LYS D 227 -11.05 -9.74 -15.28
CA LYS D 227 -10.71 -8.46 -14.67
C LYS D 227 -10.59 -8.57 -13.14
N PHE D 228 -9.56 -7.93 -12.58
CA PHE D 228 -9.33 -7.85 -11.14
C PHE D 228 -9.49 -6.39 -10.69
N GLU D 229 -10.46 -6.15 -9.81
CA GLU D 229 -10.80 -4.82 -9.36
C GLU D 229 -10.90 -4.82 -7.84
N PRO D 230 -10.55 -3.70 -7.20
CA PRO D 230 -10.58 -3.66 -5.73
C PRO D 230 -12.00 -3.82 -5.21
N SER D 231 -12.09 -4.21 -3.95
CA SER D 231 -13.37 -4.51 -3.31
C SER D 231 -14.34 -3.34 -3.41
N SER D 232 -15.57 -3.60 -3.88
CA SER D 232 -16.50 -2.51 -4.14
C SER D 232 -16.97 -1.83 -2.86
N GLY D 233 -17.70 -2.56 -2.01
CA GLY D 233 -18.19 -1.98 -0.77
C GLY D 233 -18.39 -2.99 0.33
N GLY D 234 -18.52 -2.46 1.53
CA GLY D 234 -18.79 -3.29 2.69
C GLY D 234 -18.22 -2.65 3.93
N ASP D 235 -18.42 -3.34 5.05
CA ASP D 235 -17.62 -3.03 6.23
C ASP D 235 -16.12 -2.97 5.89
N LEU D 236 -15.44 -2.04 6.54
CA LEU D 236 -13.99 -1.91 6.36
C LEU D 236 -13.26 -3.25 6.52
N GLU D 237 -13.78 -4.17 7.34
CA GLU D 237 -13.08 -5.43 7.54
C GLU D 237 -13.03 -6.28 6.26
N ILE D 238 -13.96 -6.15 5.30
CA ILE D 238 -13.84 -6.93 4.07
C ILE D 238 -13.38 -6.07 2.89
N THR D 239 -13.64 -4.77 2.90
CA THR D 239 -13.19 -4.01 1.74
C THR D 239 -11.69 -3.76 1.77
N THR D 240 -11.03 -4.14 2.85
CA THR D 240 -9.59 -4.17 2.90
C THR D 240 -9.15 -5.58 3.28
N HIS D 241 -7.87 -5.86 3.09
CA HIS D 241 -7.25 -7.07 3.60
C HIS D 241 -6.99 -6.89 5.09
N SER D 242 -7.76 -7.60 5.92
CA SER D 242 -7.75 -7.39 7.36
C SER D 242 -7.26 -8.64 8.07
N PHE D 243 -6.64 -8.46 9.23
CA PHE D 243 -6.03 -9.64 9.84
C PHE D 243 -5.41 -9.22 11.16
N ASN D 244 -5.08 -10.19 12.00
CA ASN D 244 -4.46 -9.86 13.27
C ASN D 244 -3.01 -10.26 13.20
N CYS D 245 -2.15 -9.35 13.64
CA CYS D 245 -0.71 -9.57 13.61
C CYS D 245 -0.16 -9.22 14.99
N ARG D 246 0.44 -10.21 15.65
CA ARG D 246 1.08 -9.93 16.93
C ARG D 246 0.10 -9.29 17.92
N GLY D 247 -1.20 -9.40 17.67
CA GLY D 247 -2.11 -8.72 18.57
C GLY D 247 -2.91 -7.62 17.92
N GLU D 248 -2.28 -6.76 17.13
CA GLU D 248 -3.07 -5.66 16.60
C GLU D 248 -3.87 -6.09 15.35
N PHE D 249 -4.90 -5.31 15.03
CA PHE D 249 -5.78 -5.57 13.89
C PHE D 249 -5.37 -4.68 12.73
N PHE D 250 -4.75 -5.26 11.72
CA PHE D 250 -4.32 -4.52 10.55
C PHE D 250 -5.45 -4.48 9.55
N TYR D 251 -5.68 -3.30 8.97
CA TYR D 251 -6.52 -3.21 7.78
C TYR D 251 -5.68 -2.60 6.67
N CYS D 252 -5.52 -3.32 5.57
CA CYS D 252 -4.64 -2.91 4.50
C CYS D 252 -5.44 -2.73 3.21
N ASN D 253 -5.26 -1.56 2.58
CA ASN D 253 -5.88 -1.25 1.31
C ASN D 253 -5.32 -2.15 0.22
N THR D 254 -6.20 -2.74 -0.59
CA THR D 254 -5.71 -3.65 -1.64
C THR D 254 -5.85 -3.09 -3.05
N SER D 255 -6.25 -1.82 -3.24
CA SER D 255 -6.61 -1.40 -4.59
C SER D 255 -5.40 -1.41 -5.51
N ASP D 256 -4.21 -1.23 -4.99
CA ASP D 256 -3.03 -1.42 -5.82
C ASP D 256 -2.68 -2.90 -6.00
N LEU D 257 -3.64 -3.80 -5.89
CA LEU D 257 -3.28 -5.20 -5.86
C LEU D 257 -4.28 -6.02 -6.65
N PHE D 258 -5.56 -5.91 -6.28
CA PHE D 258 -6.63 -6.46 -7.09
C PHE D 258 -7.04 -5.40 -8.09
N ASN D 259 -6.18 -5.23 -9.11
CA ASN D 259 -6.25 -4.09 -10.05
C ASN D 259 -5.44 -4.47 -11.30
N GLY D 260 -6.11 -5.10 -12.26
CA GLY D 260 -5.41 -5.57 -13.45
C GLY D 260 -6.37 -6.25 -14.40
N THR D 261 -5.94 -6.32 -15.67
CA THR D 261 -6.70 -7.04 -16.69
C THR D 261 -5.90 -8.20 -17.27
N TYR D 262 -6.65 -9.21 -17.71
CA TYR D 262 -6.16 -10.43 -18.34
C TYR D 262 -6.97 -10.63 -19.61
N ARG D 263 -6.30 -10.51 -20.76
CA ARG D 263 -6.94 -10.63 -22.07
C ARG D 263 -5.91 -11.27 -22.99
N ASN D 264 -6.39 -12.15 -23.89
CA ASN D 264 -5.51 -12.74 -24.91
C ASN D 264 -4.26 -13.36 -24.26
N GLY D 265 -4.50 -14.23 -23.29
CA GLY D 265 -3.41 -14.97 -22.68
C GLY D 265 -2.39 -14.14 -21.91
N THR D 266 -2.54 -12.81 -21.90
CA THR D 266 -1.62 -11.93 -21.21
C THR D 266 -2.28 -11.28 -19.99
N TYR D 267 -1.51 -11.09 -18.91
CA TYR D 267 -1.98 -10.27 -17.80
C TYR D 267 -1.18 -8.97 -17.67
N ASN D 268 -1.90 -7.85 -17.80
CA ASN D 268 -1.51 -6.51 -17.40
C ASN D 268 -1.92 -6.13 -15.99
N HIS D 269 -0.95 -5.75 -15.18
CA HIS D 269 -1.26 -5.19 -13.86
C HIS D 269 -1.56 -3.70 -13.97
N THR D 270 -2.74 -3.32 -13.51
CA THR D 270 -3.27 -1.97 -13.57
C THR D 270 -3.02 -1.18 -12.28
N GLY D 271 -2.59 -1.84 -11.20
CA GLY D 271 -2.32 -1.10 -9.97
C GLY D 271 -0.95 -0.45 -9.99
N ARG D 272 -0.74 0.48 -9.05
CA ARG D 272 0.47 1.30 -9.05
C ARG D 272 1.56 0.67 -8.20
N SER D 273 2.75 0.49 -8.77
CA SER D 273 3.89 -0.02 -8.01
C SER D 273 5.05 1.02 -8.05
N SER D 274 6.21 0.61 -7.55
CA SER D 274 7.33 1.52 -7.28
C SER D 274 8.57 0.71 -7.00
N ASN D 275 9.59 0.83 -7.83
CA ASN D 275 10.77 -0.02 -7.67
C ASN D 275 10.33 -1.47 -7.53
N GLY D 276 9.32 -1.84 -8.30
CA GLY D 276 8.96 -3.23 -8.46
C GLY D 276 8.37 -3.90 -7.24
N THR D 277 7.88 -3.12 -6.28
CA THR D 277 7.11 -3.65 -5.16
C THR D 277 5.87 -2.81 -4.98
N ILE D 278 4.75 -3.50 -4.72
CA ILE D 278 3.52 -2.86 -4.30
C ILE D 278 3.60 -2.66 -2.79
N THR D 279 3.28 -1.45 -2.33
CA THR D 279 3.06 -1.25 -0.90
C THR D 279 1.59 -0.88 -0.68
N LEU D 280 1.05 -1.42 0.40
CA LEU D 280 -0.32 -1.20 0.82
C LEU D 280 -0.29 -0.30 2.06
N GLN D 281 -1.04 0.79 2.02
CA GLN D 281 -1.31 1.53 3.24
C GLN D 281 -2.25 0.73 4.13
N CYS D 282 -1.92 0.65 5.42
CA CYS D 282 -2.72 -0.03 6.43
C CYS D 282 -2.90 0.87 7.63
N LYS D 283 -4.05 0.70 8.28
CA LYS D 283 -4.28 1.35 9.55
C LYS D 283 -4.56 0.27 10.61
N ILE D 284 -4.11 0.52 11.84
CA ILE D 284 -4.41 -0.38 12.95
C ILE D 284 -5.65 0.16 13.66
N LYS D 285 -6.71 -0.64 13.70
CA LYS D 285 -8.03 -0.18 14.11
C LYS D 285 -8.33 -0.72 15.50
N GLN D 286 -9.02 0.11 16.29
CA GLN D 286 -9.36 -0.19 17.67
C GLN D 286 -10.75 -0.78 17.72
N ILE D 287 -11.69 -0.16 16.99
CA ILE D 287 -13.05 -0.68 16.85
C ILE D 287 -13.09 -1.73 15.74
N ILE D 288 -13.80 -2.83 16.00
CA ILE D 288 -13.63 -3.97 15.11
C ILE D 288 -14.98 -4.63 14.91
N ASN D 289 -15.40 -4.76 13.66
CA ASN D 289 -16.57 -5.55 13.34
C ASN D 289 -16.22 -7.02 13.50
N MET D 290 -16.90 -7.69 14.43
CA MET D 290 -16.53 -9.05 14.79
C MET D 290 -16.85 -10.01 13.65
N TRP D 291 -15.99 -11.02 13.47
CA TRP D 291 -16.30 -12.09 12.52
C TRP D 291 -17.05 -13.22 13.18
N GLN D 292 -16.98 -13.31 14.50
CA GLN D 292 -17.58 -14.44 15.18
C GLN D 292 -19.11 -14.34 15.14
N GLU D 293 -19.64 -13.17 15.49
CA GLU D 293 -21.07 -12.93 15.50
C GLU D 293 -21.28 -11.49 15.06
N VAL D 294 -22.53 -11.06 14.95
CA VAL D 294 -22.79 -9.70 14.46
C VAL D 294 -22.68 -8.75 15.64
N GLY D 295 -21.59 -7.99 15.68
CA GLY D 295 -21.36 -7.09 16.79
C GLY D 295 -20.00 -6.42 16.70
N ARG D 296 -19.66 -5.66 17.71
CA ARG D 296 -18.41 -4.91 17.67
C ARG D 296 -17.54 -5.23 18.88
N ALA D 297 -16.25 -5.01 18.69
CA ALA D 297 -15.28 -5.28 19.75
C ALA D 297 -14.31 -4.12 19.80
N ILE D 298 -14.08 -3.56 20.98
CA ILE D 298 -13.17 -2.42 21.10
C ILE D 298 -11.96 -2.84 21.92
N TYR D 299 -10.77 -2.58 21.36
CA TYR D 299 -9.51 -3.03 21.90
C TYR D 299 -8.62 -1.84 22.24
N ALA D 300 -7.58 -2.11 23.02
CA ALA D 300 -6.72 -1.06 23.51
C ALA D 300 -5.85 -0.50 22.39
N PRO D 301 -5.33 0.71 22.58
CA PRO D 301 -4.40 1.29 21.60
C PRO D 301 -3.25 0.35 21.32
N PRO D 302 -2.56 0.52 20.20
CA PRO D 302 -1.52 -0.44 19.80
C PRO D 302 -0.35 -0.45 20.78
N ILE D 303 0.22 -1.65 20.97
CA ILE D 303 1.46 -1.82 21.75
C ILE D 303 2.54 -1.00 21.07
N GLU D 304 3.76 -0.96 21.61
CA GLU D 304 4.75 -0.09 21.01
C GLU D 304 5.88 -0.89 20.40
N GLY D 305 6.74 -0.17 19.72
CA GLY D 305 7.78 -0.80 18.96
C GLY D 305 7.30 -1.20 17.58
N GLU D 306 8.15 -1.97 16.89
CA GLU D 306 7.92 -2.24 15.48
C GLU D 306 7.12 -3.54 15.40
N ILE D 307 5.90 -3.46 14.88
CA ILE D 307 5.00 -4.60 14.78
C ILE D 307 5.12 -5.15 13.37
N THR D 308 5.65 -6.36 13.22
CA THR D 308 5.82 -6.91 11.88
C THR D 308 5.38 -8.36 11.76
N CYS D 309 4.63 -8.62 10.68
CA CYS D 309 4.26 -9.97 10.28
C CYS D 309 4.75 -10.20 8.87
N ASN D 310 5.55 -11.25 8.71
CA ASN D 310 6.10 -11.68 7.44
C ASN D 310 5.38 -12.98 7.09
N SER D 311 4.42 -12.92 6.16
CA SER D 311 3.49 -14.01 5.96
C SER D 311 3.49 -14.44 4.51
N ASN D 312 2.99 -15.66 4.26
CA ASN D 312 2.83 -16.19 2.90
C ASN D 312 1.38 -16.03 2.45
N ILE D 313 1.18 -15.28 1.36
CA ILE D 313 -0.09 -15.38 0.68
C ILE D 313 -0.16 -16.73 -0.01
N THR D 314 -0.98 -17.66 0.51
CA THR D 314 -1.19 -18.95 -0.15
C THR D 314 -2.55 -19.09 -0.83
N GLY D 315 -3.47 -18.12 -0.67
CA GLY D 315 -4.74 -18.27 -1.36
C GLY D 315 -5.52 -16.96 -1.45
N LEU D 316 -6.51 -16.96 -2.33
CA LEU D 316 -7.36 -15.79 -2.50
C LEU D 316 -8.80 -16.09 -2.12
N LEU D 317 -9.53 -15.03 -1.75
CA LEU D 317 -10.99 -15.07 -1.58
C LEU D 317 -11.58 -14.03 -2.55
N LEU D 318 -12.14 -14.49 -3.66
CA LEU D 318 -12.71 -13.59 -4.67
C LEU D 318 -14.23 -13.77 -4.78
N LEU D 319 -14.89 -12.69 -5.24
CA LEU D 319 -16.28 -12.72 -5.65
C LEU D 319 -16.36 -12.06 -7.01
N ARG D 320 -17.13 -12.67 -7.89
CA ARG D 320 -17.40 -12.21 -9.25
C ARG D 320 -18.66 -11.33 -9.29
N ASP D 321 -18.86 -10.56 -10.38
CA ASP D 321 -20.12 -9.80 -10.46
C ASP D 321 -21.10 -10.44 -11.46
N ASP D 330 -18.30 -11.03 -23.43
CA ASP D 330 -18.09 -9.84 -22.63
C ASP D 330 -16.88 -9.88 -21.66
N THR D 331 -17.13 -9.34 -20.47
CA THR D 331 -16.18 -9.24 -19.38
C THR D 331 -16.73 -9.78 -18.07
N GLU D 332 -15.88 -10.58 -17.41
CA GLU D 332 -16.14 -11.15 -16.11
C GLU D 332 -15.06 -10.58 -15.18
N THR D 333 -15.48 -9.96 -14.08
CA THR D 333 -14.50 -9.30 -13.19
C THR D 333 -14.67 -9.76 -11.76
N PHE D 334 -13.55 -10.10 -11.12
CA PHE D 334 -13.47 -10.53 -9.73
C PHE D 334 -12.86 -9.48 -8.83
N ARG D 335 -13.38 -9.41 -7.61
CA ARG D 335 -12.87 -8.53 -6.56
C ARG D 335 -12.61 -9.32 -5.29
N PRO D 336 -11.75 -8.80 -4.40
CA PRO D 336 -11.46 -9.57 -3.19
C PRO D 336 -12.67 -9.50 -2.29
N GLY D 337 -12.97 -10.64 -1.62
CA GLY D 337 -14.04 -10.74 -0.66
C GLY D 337 -13.60 -11.46 0.62
N GLY D 338 -14.59 -11.98 1.34
CA GLY D 338 -14.38 -12.67 2.60
C GLY D 338 -15.35 -12.17 3.63
N GLY D 339 -15.16 -12.61 4.87
CA GLY D 339 -16.03 -12.16 5.94
C GLY D 339 -16.61 -13.34 6.72
N ASP D 340 -16.87 -14.46 6.02
CA ASP D 340 -17.28 -15.71 6.67
C ASP D 340 -16.02 -16.51 6.97
N MET D 341 -15.48 -16.32 8.17
CA MET D 341 -14.24 -16.99 8.54
C MET D 341 -14.26 -18.49 8.29
N ARG D 342 -15.44 -19.08 8.07
CA ARG D 342 -15.48 -20.51 7.79
C ARG D 342 -14.84 -20.83 6.46
N ASP D 343 -14.83 -19.88 5.52
CA ASP D 343 -14.17 -20.16 4.24
C ASP D 343 -12.69 -20.42 4.45
N ASN D 344 -12.05 -19.71 5.39
CA ASN D 344 -10.65 -20.01 5.65
C ASN D 344 -10.51 -21.47 6.04
N TRP D 345 -11.28 -21.89 7.05
CA TRP D 345 -11.19 -23.29 7.45
C TRP D 345 -11.44 -24.21 6.25
N ARG D 346 -12.51 -23.95 5.49
CA ARG D 346 -12.81 -24.77 4.31
C ARG D 346 -11.61 -24.94 3.41
N SER D 347 -10.90 -23.85 3.15
CA SER D 347 -9.76 -23.89 2.23
C SER D 347 -8.73 -24.91 2.67
N GLU D 348 -8.57 -25.14 3.98
CA GLU D 348 -7.63 -26.17 4.42
C GLU D 348 -8.28 -27.54 4.59
N LEU D 349 -9.52 -27.57 5.07
CA LEU D 349 -10.21 -28.83 5.33
C LEU D 349 -10.87 -29.41 4.09
N TYR D 350 -10.80 -28.70 2.95
CA TYR D 350 -11.58 -29.12 1.78
C TYR D 350 -11.41 -30.60 1.51
N LYS D 351 -10.24 -31.14 1.81
CA LYS D 351 -9.94 -32.50 1.38
C LYS D 351 -10.23 -33.53 2.47
N TYR D 352 -11.12 -33.27 3.45
CA TYR D 352 -11.37 -34.43 4.27
C TYR D 352 -12.83 -34.51 4.66
N LYS D 353 -13.21 -35.72 5.09
CA LYS D 353 -14.53 -36.03 5.59
C LYS D 353 -14.36 -37.01 6.74
N VAL D 354 -15.29 -37.02 7.72
CA VAL D 354 -15.26 -38.07 8.74
C VAL D 354 -16.34 -39.09 8.46
N VAL D 355 -16.08 -40.34 8.89
CA VAL D 355 -16.77 -41.53 8.38
C VAL D 355 -16.94 -42.54 9.50
N GLU D 356 -18.03 -43.32 9.39
CA GLU D 356 -18.30 -44.57 10.13
C GLU D 356 -18.79 -44.33 11.56
C1 NAG E . 5.35 31.06 -22.41
C2 NAG E . 3.91 31.07 -21.93
C3 NAG E . 3.34 32.48 -22.13
C4 NAG E . 4.21 33.49 -21.38
C5 NAG E . 5.66 33.37 -21.83
C6 NAG E . 6.63 34.22 -21.04
C7 NAG E . 3.20 28.77 -22.44
C8 NAG E . 2.27 27.90 -23.25
N2 NAG E . 3.09 30.09 -22.64
O3 NAG E . 2.00 32.55 -21.67
O4 NAG E . 3.72 34.80 -21.66
O5 NAG E . 6.11 32.01 -21.68
O6 NAG E . 7.98 33.88 -21.36
O7 NAG E . 4.01 28.29 -21.64
C1 NAG F . 20.04 8.43 -33.71
C2 NAG F . 19.69 7.66 -34.96
C3 NAG F . 20.39 6.30 -34.96
C4 NAG F . 21.88 6.46 -34.76
C5 NAG F . 22.20 7.34 -33.56
C6 NAG F . 23.65 7.78 -33.54
C7 NAG F . 17.56 8.05 -36.08
C8 NAG F . 16.08 7.77 -36.10
N2 NAG F . 18.26 7.48 -35.09
O3 NAG F . 20.13 5.67 -36.22
O4 NAG F . 22.44 5.18 -34.50
O5 NAG F . 21.44 8.56 -33.61
O6 NAG F . 23.92 8.63 -34.66
O7 NAG F . 18.10 8.80 -36.91
C1 NAG G . -5.82 30.47 -26.94
C2 NAG G . -5.64 31.98 -26.64
C3 NAG G . -6.84 32.52 -25.87
C4 NAG G . -8.14 32.17 -26.58
C5 NAG G . -8.20 30.67 -26.75
C6 NAG G . -9.45 30.17 -27.44
C7 NAG G . -3.49 33.11 -26.27
C8 NAG G . -2.26 33.16 -25.41
N2 NAG G . -4.41 32.20 -25.91
O3 NAG G . -6.68 33.93 -25.73
O4 NAG G . -9.28 32.62 -25.85
O5 NAG G . -7.10 30.24 -27.55
O6 NAG G . -9.37 28.78 -27.70
O7 NAG G . -3.65 33.84 -27.26
C1 NAG H . 14.34 17.70 -15.14
C2 NAG H . 15.14 17.95 -13.88
C3 NAG H . 14.49 17.21 -12.72
C4 NAG H . 13.06 17.69 -12.55
C5 NAG H . 12.27 17.59 -13.87
C6 NAG H . 10.88 18.19 -13.81
C7 NAG H . 17.02 16.39 -14.19
C8 NAG H . 16.02 15.28 -14.13
N2 NAG H . 16.54 17.62 -14.05
O3 NAG H . 15.24 17.40 -11.52
O4 NAG H . 12.41 16.91 -11.54
O5 NAG H . 12.98 18.22 -14.97
O6 NAG H . 10.76 19.38 -14.57
O7 NAG H . 18.22 16.19 -14.37
C1 NAG I . 16.98 -0.50 -17.09
C2 NAG I . 17.21 0.17 -15.71
C3 NAG I . 17.65 -0.88 -14.69
C4 NAG I . 16.64 -2.03 -14.62
C5 NAG I . 16.42 -2.64 -16.00
C6 NAG I . 15.30 -3.67 -16.02
C7 NAG I . 18.14 2.33 -14.96
C8 NAG I . 19.22 3.35 -15.18
N2 NAG I . 18.16 1.26 -15.77
O3 NAG I . 17.83 -0.28 -13.41
O4 NAG I . 17.11 -3.05 -13.74
O5 NAG I . 16.06 -1.63 -16.96
O6 NAG I . 14.45 -3.54 -17.15
O7 NAG I . 17.27 2.47 -14.10
C1 NAG J . 8.67 1.54 -12.74
C2 NAG J . 7.26 1.44 -12.15
C3 NAG J . 7.17 0.23 -11.21
C4 NAG J . 7.79 -1.03 -11.82
C5 NAG J . 9.15 -0.74 -12.47
C6 NAG J . 9.71 -1.95 -13.19
C7 NAG J . 5.76 3.32 -11.58
C8 NAG J . 5.60 4.56 -10.75
N2 NAG J . 6.92 2.66 -11.44
O3 NAG J . 5.78 0.00 -10.96
O4 NAG J . 8.06 -2.00 -10.82
O5 NAG J . 9.00 0.32 -13.42
O6 NAG J . 9.72 -1.79 -14.60
O7 NAG J . 4.87 2.93 -12.35
C1 NAG K . -1.84 -1.02 -31.53
C2 NAG K . -2.83 -0.98 -32.70
C3 NAG K . -4.24 -0.89 -32.18
C4 NAG K . -4.52 -2.12 -31.32
C5 NAG K . -3.52 -2.17 -30.16
C6 NAG K . -3.67 -3.39 -29.30
C7 NAG K . -1.81 -0.03 -34.73
C8 NAG K . -1.68 1.20 -35.59
N2 NAG K . -2.55 0.12 -33.62
O3 NAG K . -5.17 -0.76 -33.26
O4 NAG K . -5.85 -2.09 -30.81
O5 NAG K . -2.17 -2.17 -30.66
O6 NAG K . -2.59 -4.29 -29.51
O7 NAG K . -1.23 -1.10 -35.01
C1 NAG L . -3.07 0.11 -21.93
C2 NAG L . -4.31 0.31 -22.78
C3 NAG L . -5.28 -0.83 -22.55
C4 NAG L . -4.63 -2.16 -22.86
C5 NAG L . -3.37 -2.33 -22.03
C6 NAG L . -2.60 -3.59 -22.41
C7 NAG L . -5.54 2.31 -23.43
C8 NAG L . -6.20 3.57 -22.97
N2 NAG L . -4.95 1.57 -22.49
O3 NAG L . -6.44 -0.65 -23.37
O4 NAG L . -5.53 -3.22 -22.53
O5 NAG L . -2.48 -1.21 -22.20
O6 NAG L . -1.20 -3.36 -22.43
O7 NAG L . -5.52 1.97 -24.62
C1 NAG M . 22.05 9.80 -26.28
C2 NAG M . 23.06 10.06 -27.45
C3 NAG M . 24.51 10.14 -26.94
C4 NAG M . 24.63 11.07 -25.73
C5 NAG M . 23.65 10.62 -24.67
C6 NAG M . 23.68 11.47 -23.42
C7 NAG M . 22.84 7.72 -28.27
C8 NAG M . 22.68 6.85 -29.50
N2 NAG M . 22.92 9.04 -28.50
O3 NAG M . 25.33 10.67 -27.99
O4 NAG M . 25.95 11.09 -25.21
O5 NAG M . 22.31 10.71 -25.19
O6 NAG M . 22.98 12.69 -23.59
O7 NAG M . 22.90 7.24 -27.15
C10 I6M N . 6.89 10.07 -40.79
C10 I6M N . 6.84 10.05 -40.83
C15 I6M N . 0.48 14.66 -42.65
C15 I6M N . 0.53 14.68 -42.56
C17 I6M N . 0.07 16.76 -41.63
C17 I6M N . -0.05 16.68 -41.49
C20 I6M N . -0.20 15.64 -44.80
C20 I6M N . -0.14 15.72 -44.69
C22 I6M N . -0.74 13.55 -46.11
C22 I6M N . -0.61 13.68 -46.06
C26 I6M N . -1.05 17.14 -39.47
C26 I6M N . -1.24 16.88 -39.37
C02 I6M N . 2.10 12.82 -42.72
C02 I6M N . 2.09 12.87 -42.66
C03 I6M N . 3.44 12.19 -42.28
C03 I6M N . 3.40 12.19 -42.23
C05 I6M N . 5.14 10.35 -42.38
C05 I6M N . 5.07 10.34 -42.39
C06 I6M N . 5.93 9.74 -43.34
C06 I6M N . 5.86 9.75 -43.37
C07 I6M N . 7.18 9.26 -43.02
C07 I6M N . 7.13 9.26 -43.06
C08 I6M N . 7.67 9.43 -41.74
C08 I6M N . 7.61 9.41 -41.78
C12 I6M N . 5.62 10.54 -41.10
C12 I6M N . 5.57 10.53 -41.11
C16 I6M N . -0.11 15.40 -41.46
C16 I6M N . -0.14 15.31 -41.36
C18 I6M N . 0.80 17.00 -42.97
C18 I6M N . 0.67 17.05 -42.79
C19 I6M N . 0.83 15.67 -43.69
C19 I6M N . 0.86 15.76 -43.55
C25 I6M N . -0.41 17.64 -40.63
C25 I6M N . -0.61 17.47 -40.48
C27 I6M N . -1.54 18.13 -38.39
C27 I6M N . -1.81 17.80 -38.29
C29 I6M N . -3.42 17.98 -37.22
C29 I6M N . -3.47 18.48 -37.00
C30 I6M N . -3.33 19.24 -36.29
C30 I6M N . -4.02 19.83 -37.60
C31 I6M N . -2.12 19.33 -35.96
C31 I6M N . -3.82 19.78 -38.85
C32 I6M N . -1.41 17.91 -36.33
C32 I6M N . -3.56 18.22 -39.24
C33 I6M N . 0.13 18.03 -36.48
C33 I6M N . -4.84 17.41 -39.53
C35 I6M N . -1.22 15.75 -39.31
C35 I6M N . -1.32 15.48 -39.24
C36 I6M N . -0.75 14.88 -40.30
C36 I6M N . -0.76 14.69 -40.24
F11 I6M N . 7.36 10.23 -39.52
F11 I6M N . 7.32 10.21 -39.56
N04 I6M N . 3.84 10.87 -42.79
N04 I6M N . 3.77 10.87 -42.78
N14 I6M N . 1.74 14.13 -42.21
N14 I6M N . 1.77 14.16 -42.10
N21 I6M N . 0.20 14.61 -45.75
N21 I6M N . 0.34 14.68 -45.59
N23 I6M N . -0.34 12.52 -47.08
N23 I6M N . -0.13 12.62 -46.98
N24 I6M N . -1.89 13.54 -45.60
N24 I6M N . -1.82 13.75 -45.66
N28 I6M N . -1.98 17.55 -37.44
N28 I6M N . -3.00 17.69 -38.21
O01 I6M N . 1.36 12.27 -43.46
O01 I6M N . 1.31 12.40 -43.42
O13 I6M N . 4.12 12.81 -41.53
O13 I6M N . 4.08 12.80 -41.44
O34 I6M N . 0.76 17.70 -35.26
O34 I6M N . -4.46 16.07 -39.42
CL09 I6M N . 9.29 8.82 -41.29
CL09 I6M N . 9.24 8.80 -41.33
N1 IMD O . 2.84 -1.86 -15.45
C2 IMD O . 3.52 -1.75 -14.28
N3 IMD O . 2.63 -1.33 -13.35
C4 IMD O . 1.41 -1.19 -13.91
C5 IMD O . 1.54 -1.52 -15.27
HN1 IMD O . 3.23 -2.14 -16.31
H2 IMD O . 4.48 -1.94 -14.14
HN3 IMD O . 2.85 -1.18 -12.40
H4 IMD O . 0.59 -0.91 -13.45
H5 IMD O . 0.84 -1.51 -15.94
C1 NAG P . -19.27 42.96 6.68
C2 NAG P . -18.03 43.03 5.80
C3 NAG P . -17.04 44.03 6.38
C4 NAG P . -17.71 45.39 6.53
C5 NAG P . -18.99 45.26 7.36
C6 NAG P . -19.81 46.53 7.42
C7 NAG P . -17.95 40.72 4.93
C8 NAG P . -17.17 39.44 4.89
N2 NAG P . -17.42 41.71 5.65
O3 NAG P . -15.88 44.14 5.57
O4 NAG P . -16.80 46.26 7.18
O5 NAG P . -19.85 44.26 6.77
O6 NAG P . -21.08 46.27 8.00
O7 NAG P . -19.04 40.84 4.34
C1 NAG Q . -37.09 20.18 10.91
C2 NAG Q . -36.71 18.82 11.47
C3 NAG Q . -37.76 17.78 11.11
C4 NAG Q . -39.15 18.23 11.53
C5 NAG Q . -39.46 19.65 11.05
C6 NAG Q . -40.66 20.23 11.74
C7 NAG Q . -34.37 18.26 11.83
C8 NAG Q . -33.09 17.80 11.20
N2 NAG Q . -35.40 18.40 11.00
O3 NAG Q . -37.44 16.57 11.77
O4 NAG Q . -40.12 17.38 10.93
O5 NAG Q . -38.38 20.53 11.37
O6 NAG Q . -40.41 20.41 13.13
O7 NAG Q . -34.45 18.53 13.04
C1 NAG R . -8.06 38.50 6.26
C2 NAG R . -7.84 39.94 6.75
C3 NAG R . -6.75 40.63 5.94
C4 NAG R . -5.48 39.79 5.92
C5 NAG R . -5.84 38.42 5.35
C6 NAG R . -4.67 37.47 5.27
C7 NAG R . -9.58 41.40 7.71
C8 NAG R . -10.90 42.07 7.45
N2 NAG R . -9.08 40.70 6.68
O3 NAG R . -6.50 41.91 6.51
O4 NAG R . -4.47 40.39 5.12
O5 NAG R . -6.81 37.81 6.21
O6 NAG R . -5.11 36.17 4.88
O7 NAG R . -8.99 41.49 8.79
C1 NAG S . -33.26 36.82 -2.17
C2 NAG S . -34.20 37.81 -2.83
C3 NAG S . -34.10 37.69 -4.34
C4 NAG S . -32.67 37.98 -4.76
C5 NAG S . -31.67 37.09 -3.99
C6 NAG S . -30.21 37.43 -4.26
C7 NAG S . -36.35 36.60 -2.61
C8 NAG S . -35.77 35.56 -3.51
N2 NAG S . -35.57 37.65 -2.34
O3 NAG S . -35.00 38.58 -4.98
O4 NAG S . -32.52 37.76 -6.17
O5 NAG S . -31.89 37.15 -2.56
O6 NAG S . -29.57 38.03 -3.14
O7 NAG S . -37.49 36.51 -2.14
C1 NAG T . -40.73 20.88 -7.84
C2 NAG T . -41.05 22.19 -8.60
C3 NAG T . -42.00 21.89 -9.75
C4 NAG T . -41.43 20.83 -10.68
C5 NAG T . -41.09 19.57 -9.90
C6 NAG T . -40.36 18.53 -10.72
C7 NAG T . -41.43 24.54 -7.92
C8 NAG T . -42.07 25.43 -6.90
N2 NAG T . -41.59 23.21 -7.72
O3 NAG T . -42.27 23.10 -10.48
O4 NAG T . -42.36 20.50 -11.70
O5 NAG T . -40.24 19.87 -8.78
O6 NAG T . -39.27 17.92 -10.03
O7 NAG T . -40.77 24.98 -8.86
C1 NAG U . -33.40 23.66 -13.39
C2 NAG U . -32.26 23.68 -14.41
C3 NAG U . -32.75 23.14 -15.76
C4 NAG U . -33.57 21.85 -15.60
C5 NAG U . -34.59 21.95 -14.47
C6 NAG U . -35.31 20.64 -14.22
C7 NAG U . -30.43 25.34 -14.56
C8 NAG U . -30.11 26.79 -14.74
N2 NAG U . -31.74 25.03 -14.57
O3 NAG U . -31.60 22.87 -16.55
O4 NAG U . -34.33 21.59 -16.78
O5 NAG U . -33.92 22.33 -13.27
O6 NAG U . -34.96 20.03 -12.99
O7 NAG U . -29.56 24.48 -14.41
C1 NAG V . -20.16 10.19 -2.74
C2 NAG V . -18.97 9.48 -2.10
C3 NAG V . -17.74 9.61 -2.98
C4 NAG V . -18.05 8.99 -4.34
C5 NAG V . -19.26 9.70 -4.97
C6 NAG V . -19.68 9.10 -6.28
C7 NAG V . -19.16 9.36 0.35
C8 NAG V . -18.73 9.96 1.65
N2 NAG V . -18.68 9.95 -0.76
O3 NAG V . -16.60 9.03 -2.36
O4 NAG V . -16.93 9.09 -5.22
O5 NAG V . -20.39 9.64 -4.08
O6 NAG V . -20.90 8.38 -6.12
O7 NAG V . -19.96 8.41 0.30
C1 NAG W . -20.87 15.97 -10.56
C2 NAG W . -19.46 15.51 -10.20
C3 NAG W . -18.96 14.53 -11.24
C4 NAG W . -19.90 13.34 -11.36
C5 NAG W . -21.30 13.82 -11.69
C6 NAG W . -22.30 12.69 -11.67
C7 NAG W . -17.57 16.68 -9.20
C8 NAG W . -16.68 17.89 -9.24
N2 NAG W . -18.56 16.64 -10.10
O3 NAG W . -17.64 14.10 -10.89
O4 NAG W . -19.45 12.50 -12.42
O5 NAG W . -21.75 14.80 -10.73
O6 NAG W . -23.52 13.06 -11.05
O7 NAG W . -17.42 15.77 -8.37
C1 NAG X . -40.24 25.49 6.12
C2 NAG X . -40.83 25.24 7.54
C3 NAG X . -42.26 25.79 7.68
C4 NAG X . -42.37 27.22 7.14
C5 NAG X . -41.84 27.25 5.70
C6 NAG X . -41.89 28.62 5.08
C7 NAG X . -41.14 22.81 7.10
C8 NAG X . -40.97 21.43 7.66
N2 NAG X . -40.77 23.83 7.91
O3 NAG X . -42.62 25.80 9.06
O4 NAG X . -43.71 27.70 7.17
O5 NAG X . -40.45 26.85 5.72
O6 NAG X . -40.85 29.45 5.52
O7 NAG X . -41.59 23.00 5.97
C10 I6M Y . -22.79 15.87 12.90
C10 I6M Y . -22.78 15.85 12.89
C15 I6M Y . -14.97 17.87 14.28
C15 I6M Y . -15.00 17.94 14.22
C17 I6M Y . -14.30 20.13 14.16
C17 I6M Y . -14.23 20.19 13.97
C20 I6M Y . -13.64 17.57 16.32
C20 I6M Y . -13.67 17.70 16.28
C22 I6M Y . -13.56 15.04 16.26
C22 I6M Y . -13.62 15.18 16.36
C26 I6M Y . -13.63 21.36 12.15
C26 I6M Y . -13.62 21.31 11.86
C02 I6M Y . -17.09 16.50 14.11
C02 I6M Y . -17.07 16.53 14.07
C03 I6M Y . -18.62 16.50 13.97
C03 I6M Y . -18.60 16.50 13.95
C05 I6M Y . -20.72 15.18 13.83
C05 I6M Y . -20.70 15.16 13.81
C06 I6M Y . -21.38 14.30 14.65
C06 I6M Y . -21.36 14.28 14.65
C07 I6M Y . -22.75 14.18 14.59
C07 I6M Y . -22.74 14.18 14.60
C08 I6M Y . -23.44 14.98 13.72
C08 I6M Y . -23.43 14.97 13.72
C12 I6M Y . -21.40 15.99 12.93
C12 I6M Y . -21.40 15.97 12.92
C16 I6M Y . -14.47 19.01 13.38
C16 I6M Y . -14.51 19.04 13.25
C18 I6M Y . -14.63 19.79 15.64
C18 I6M Y . -14.49 19.94 15.48
C19 I6M Y . -14.83 18.28 15.70
C19 I6M Y . -14.81 18.45 15.61
C25 I6M Y . -13.86 21.32 13.54
C25 I6M Y . -13.79 21.33 13.26
C27 I6M Y . -13.17 22.69 11.54
C27 I6M Y . -13.15 22.56 11.12
C29 I6M Y . -11.75 22.91 9.91
C29 I6M Y . -11.66 23.56 9.80
C30 I6M Y . -11.66 24.48 9.96
C30 I6M Y . -10.61 24.28 10.72
C31 I6M Y . -12.84 24.90 10.13
C31 I6M Y . -10.58 23.63 11.79
C32 I6M Y . -13.84 23.63 9.93
C32 I6M Y . -11.17 22.17 11.43
C33 I6M Y . -15.15 23.83 10.71
C33 I6M Y . -10.10 21.27 10.77
C35 I6M Y . -13.80 20.23 11.35
C35 I6M Y . -13.90 20.14 11.15
C36 I6M Y . -14.23 19.06 11.97
C36 I6M Y . -14.34 19.01 11.84
F11 I6M Y . -23.55 16.63 12.06
F11 I6M Y . -23.53 16.61 12.05
N04 I6M Y . -19.28 15.22 13.94
N04 I6M Y . -19.26 15.21 13.91
N14 I6M Y . -16.41 17.79 14.15
N14 I6M Y . -16.42 17.83 14.11
N21 I6M Y . -14.10 16.28 16.83
N21 I6M Y . -14.20 16.45 16.82
N23 I6M Y . -14.05 13.75 16.75
N23 I6M Y . -14.15 13.92 16.87
N24 I6M Y . -12.68 15.09 15.34
N24 I6M Y . -12.68 15.19 15.51
N28 I6M Y . -13.16 22.61 10.37
N28 I6M Y . -12.11 22.34 10.57
O01 I6M Y . -16.52 15.46 14.16
O01 I6M Y . -16.46 15.52 14.12
O13 I6M Y . -19.20 17.53 13.89
O13 I6M Y . -19.20 17.52 13.88
O34 I6M Y . -16.05 24.39 9.81
O34 I6M Y . -10.77 20.20 10.16
CL09 I6M Y . -25.21 14.83 13.66
CL09 I6M Y . -25.21 14.82 13.68
C1 NAG Z . 32.30 -4.69 13.45
C2 NAG Z . 33.53 -4.70 12.56
C3 NAG Z . 34.61 -3.81 13.18
C4 NAG Z . 34.06 -2.41 13.39
C5 NAG Z . 32.78 -2.46 14.22
C6 NAG Z . 32.06 -1.13 14.35
C7 NAG Z . 33.40 -6.97 11.60
C8 NAG Z . 34.08 -8.31 11.49
N2 NAG Z . 34.03 -6.05 12.35
O3 NAG Z . 35.77 -3.77 12.36
O4 NAG Z . 35.04 -1.64 14.07
O5 NAG Z . 31.83 -3.35 13.61
O6 NAG Z . 30.79 -1.29 14.93
O7 NAG Z . 32.33 -6.72 11.03
C1 NAG AA . 12.61 -26.04 16.91
C2 NAG AA . 12.88 -27.44 17.41
C3 NAG AA . 11.74 -28.37 17.02
C4 NAG AA . 10.40 -27.82 17.47
C5 NAG AA . 10.22 -26.36 17.06
C6 NAG AA . 9.07 -25.71 17.78
C7 NAG AA . 15.17 -28.21 17.73
C8 NAG AA . 16.41 -28.75 17.07
N2 NAG AA . 14.14 -27.95 16.91
O3 NAG AA . 11.97 -29.64 17.62
O4 NAG AA . 9.37 -28.57 16.86
O5 NAG AA . 11.37 -25.58 17.41
O6 NAG AA . 9.35 -25.61 19.17
O7 NAG AA . 15.11 -27.98 18.94
C1 NAG BA . 43.08 -10.08 12.74
C2 NAG BA . 43.43 -8.68 13.29
C3 NAG BA . 44.57 -8.04 12.50
C4 NAG BA . 45.76 -9.00 12.43
C5 NAG BA . 45.28 -10.31 11.81
C6 NAG BA . 46.37 -11.35 11.68
C7 NAG BA . 41.82 -7.12 14.31
C8 NAG BA . 40.56 -6.32 14.11
N2 NAG BA . 42.26 -7.82 13.26
O3 NAG BA . 44.93 -6.82 13.12
O4 NAG BA . 46.82 -8.46 11.65
O5 NAG BA . 44.26 -10.87 12.65
O6 NAG BA . 45.82 -12.59 11.24
O7 NAG BA . 42.42 -7.13 15.40
C1 NAG CA . 17.78 -9.24 4.49
C2 NAG CA . 16.92 -8.15 3.89
C3 NAG CA . 17.00 -8.22 2.37
C4 NAG CA . 18.45 -8.03 1.95
C5 NAG CA . 19.37 -9.03 2.67
C6 NAG CA . 20.85 -8.81 2.40
C7 NAG CA . 14.67 -9.18 4.08
C8 NAG CA . 15.16 -10.23 3.12
N2 NAG CA . 15.55 -8.21 4.37
O3 NAG CA . 16.18 -7.22 1.78
O4 NAG CA . 18.57 -8.20 0.54
O5 NAG CA . 19.18 -9.01 4.10
O6 NAG CA . 21.55 -8.32 3.55
O7 NAG CA . 13.54 -9.19 4.55
C1 NAG DA . 8.93 -24.24 -1.76
C2 NAG DA . 8.73 -22.87 -2.46
C3 NAG DA . 7.74 -23.03 -3.61
C4 NAG DA . 8.22 -24.11 -4.59
C5 NAG DA . 8.44 -25.43 -3.86
C6 NAG DA . 9.08 -26.49 -4.75
C7 NAG DA . 8.55 -20.54 -1.67
C8 NAG DA . 7.99 -19.62 -0.61
N2 NAG DA . 8.27 -21.84 -1.53
O3 NAG DA . 7.56 -21.79 -4.29
O4 NAG DA . 7.24 -24.31 -5.61
O5 NAG DA . 9.34 -25.24 -2.74
O6 NAG DA . 10.12 -27.21 -4.09
O7 NAG DA . 9.22 -20.11 -2.60
C1 NAG EA . 16.44 -21.86 -7.27
C2 NAG EA . 17.57 -21.90 -8.29
C3 NAG EA . 17.02 -22.34 -9.66
C4 NAG EA . 16.09 -23.56 -9.55
C5 NAG EA . 15.09 -23.42 -8.40
C6 NAG EA . 14.27 -24.66 -8.20
C7 NAG EA . 19.53 -20.39 -8.38
C8 NAG EA . 19.98 -18.97 -8.51
N2 NAG EA . 18.21 -20.59 -8.40
O3 NAG EA . 18.15 -22.66 -10.47
O4 NAG EA . 15.31 -23.70 -10.73
O5 NAG EA . 15.81 -23.15 -7.19
O6 NAG EA . 14.58 -25.35 -6.99
O7 NAG EA . 20.34 -21.32 -8.28
C1 NAG FA . 28.55 -36.84 2.69
C2 NAG FA . 29.67 -37.68 3.29
C3 NAG FA . 30.90 -37.61 2.40
C4 NAG FA . 30.53 -38.16 1.02
C5 NAG FA . 29.39 -37.32 0.44
C6 NAG FA . 28.90 -37.82 -0.89
C7 NAG FA . 29.48 -37.87 5.73
C8 NAG FA . 29.98 -37.37 7.05
N2 NAG FA . 30.01 -37.29 4.65
O3 NAG FA . 31.99 -38.32 2.99
O4 NAG FA . 31.65 -38.11 0.15
O5 NAG FA . 28.25 -37.32 1.32
O6 NAG FA . 27.63 -38.44 -0.76
O7 NAG FA . 28.62 -38.77 5.65
C1 NAG GA . 28.28 -30.71 -4.87
C2 NAG GA . 29.64 -31.29 -4.55
C3 NAG GA . 30.06 -32.27 -5.64
C4 NAG GA . 29.02 -33.37 -5.78
C5 NAG GA . 27.66 -32.76 -6.08
C6 NAG GA . 26.57 -33.80 -6.10
C7 NAG GA . 31.63 -30.34 -3.51
C8 NAG GA . 32.62 -29.21 -3.51
N2 NAG GA . 30.65 -30.26 -4.41
O3 NAG GA . 31.33 -32.82 -5.31
O4 NAG GA . 29.39 -34.20 -6.88
O5 NAG GA . 27.31 -31.79 -5.08
O6 NAG GA . 25.38 -33.35 -5.46
O7 NAG GA . 31.71 -31.28 -2.73
C1 NAG HA . 9.90 -20.28 12.38
C2 NAG HA . 9.30 -20.54 13.80
C3 NAG HA . 7.92 -19.87 13.96
C4 NAG HA . 7.94 -18.42 13.48
C5 NAG HA . 8.46 -18.37 12.05
C6 NAG HA . 8.51 -16.98 11.48
C7 NAG HA . 8.79 -22.90 13.25
C8 NAG HA . 8.84 -24.33 13.75
N2 NAG HA . 9.25 -21.96 14.10
O3 NAG HA . 7.58 -19.89 15.35
O4 NAG HA . 6.65 -17.83 13.55
O5 NAG HA . 9.81 -18.89 12.04
O6 NAG HA . 9.64 -16.25 11.95
O7 NAG HA . 8.34 -22.63 12.13
C10 I6M IA . 26.43 -31.67 18.65
C10 I6M IA . 26.46 -31.71 18.61
C15 I6M IA . 34.32 -30.24 19.95
C15 I6M IA . 34.32 -30.18 19.91
C17 I6M IA . 35.34 -28.09 19.99
C17 I6M IA . 35.40 -28.07 19.79
C20 I6M IA . 35.54 -30.87 21.99
C20 I6M IA . 35.54 -30.74 21.96
C22 I6M IA . 35.68 -33.40 21.87
C22 I6M IA . 35.61 -33.25 21.95
C26 I6M IA . 36.19 -26.86 18.04
C26 I6M IA . 36.16 -26.96 17.76
C02 I6M IA . 32.15 -31.50 19.77
C02 I6M IA . 32.18 -31.47 19.73
C03 I6M IA . 30.64 -31.46 19.59
C03 I6M IA . 30.66 -31.46 19.58
C05 I6M IA . 28.45 -32.62 19.44
C05 I6M IA . 28.48 -32.63 19.43
C06 I6M IA . 27.70 -33.49 20.22
C06 I6M IA . 27.74 -33.49 20.23
C07 I6M IA . 26.32 -33.48 20.19
C07 I6M IA . 26.36 -33.48 20.19
C08 I6M IA . 25.70 -32.56 19.39
C08 I6M IA . 25.73 -32.57 19.38
C12 I6M IA . 27.80 -31.69 18.66
C12 I6M IA . 27.84 -31.71 18.63
C16 I6M IA . 34.97 -29.12 19.13
C16 I6M IA . 34.95 -29.12 19.00
C18 I6M IA . 34.97 -28.49 21.44
C18 I6M IA . 35.10 -28.38 21.28
C19 I6M IA . 34.49 -29.94 21.41
C19 I6M IA . 34.53 -29.79 21.34
C25 I6M IA . 35.96 -26.94 19.42
C25 I6M IA . 36.02 -26.97 19.14
C27 I6M IA . 36.83 -25.59 17.45
C27 I6M IA . 36.80 -25.73 17.09
C29 I6M IA . 38.16 -25.33 15.74
C29 I6M IA . 38.33 -24.88 15.74
C30 I6M IA . 38.31 -23.77 15.67
C30 I6M IA . 39.46 -24.28 16.62
C31 I6M IA . 37.16 -23.28 15.86
C31 I6M IA . 39.44 -24.92 17.70
C32 I6M IA . 36.11 -24.54 15.78
C32 I6M IA . 38.69 -26.32 17.39
C33 I6M IA . 34.78 -24.22 16.51
C33 I6M IA . 39.64 -27.36 16.75
C35 I6M IA . 35.80 -27.90 17.19
C35 I6M IA . 35.70 -28.02 16.96
C36 I6M IA . 35.19 -29.04 17.74
C36 I6M IA . 35.09 -29.10 17.60
F11 I6M IA . 25.73 -30.79 17.90
F11 I6M IA . 25.77 -30.82 17.84
N04 I6M IA . 29.90 -32.71 19.57
N04 I6M IA . 29.94 -32.70 19.55
N14 I6M IA . 32.90 -30.23 19.77
N14 I6M IA . 32.90 -30.19 19.74
N21 I6M IA . 35.04 -32.18 22.40
N21 I6M IA . 34.96 -32.00 22.38
N23 I6M IA . 35.16 -34.71 22.29
N23 I6M IA . 35.02 -34.54 22.37
N24 I6M IA . 36.67 -33.32 21.07
N24 I6M IA . 36.65 -33.23 21.21
N28 I6M IA . 36.75 -25.56 16.26
N28 I6M IA . 37.79 -26.05 16.51
O01 I6M IA . 32.68 -32.55 19.88
O01 I6M IA . 32.74 -32.51 19.82
O13 I6M IA . 30.09 -30.43 19.45
O13 I6M IA . 30.11 -30.42 19.46
O34 I6M IA . 33.95 -23.51 15.64
O34 I6M IA . 38.82 -28.28 16.09
CL09 I6M IA . 23.92 -32.49 19.32
CL09 I6M IA . 23.96 -32.52 19.32
C1 NAG JA . -15.72 -29.52 -9.27
C2 NAG JA . -16.64 -28.86 -10.30
C3 NAG JA . -17.87 -29.73 -10.50
C4 NAG JA . -17.45 -31.14 -10.92
C5 NAG JA . -16.46 -31.71 -9.91
C6 NAG JA . -15.86 -33.05 -10.32
C7 NAG JA . -16.17 -26.47 -9.89
C8 NAG JA . -16.74 -25.16 -9.45
N2 NAG JA . -17.01 -27.52 -9.89
O3 NAG JA . -18.74 -29.18 -11.47
O4 NAG JA . -18.61 -31.95 -10.99
O5 NAG JA . -15.35 -30.82 -9.72
O6 NAG JA . -14.80 -33.41 -9.44
O7 NAG JA . -14.98 -26.59 -10.23
C1 NAG KA . 2.68 -16.33 9.23
C2 NAG KA . 2.31 -15.32 10.31
C3 NAG KA . 3.55 -14.53 10.73
C4 NAG KA . 4.68 -15.45 11.14
C5 NAG KA . 4.93 -16.53 10.09
C6 NAG KA . 5.80 -17.65 10.62
C7 NAG KA . 0.06 -14.41 10.41
C8 NAG KA . -0.91 -13.42 9.85
N2 NAG KA . 1.27 -14.42 9.85
O3 NAG KA . 3.19 -13.70 11.83
O4 NAG KA . 5.87 -14.70 11.26
O5 NAG KA . 3.70 -17.17 9.70
O6 NAG KA . 5.13 -18.36 11.65
O7 NAG KA . -0.26 -15.20 11.31
C1 NAG LA . -25.66 -22.67 -9.67
C2 NAG LA . -26.19 -24.08 -10.01
C3 NAG LA . -27.07 -24.04 -11.26
C4 NAG LA . -28.16 -22.99 -11.10
C5 NAG LA . -27.48 -21.65 -10.83
C6 NAG LA . -28.45 -20.50 -10.66
C7 NAG LA . -25.01 -26.19 -9.58
C8 NAG LA . -23.76 -26.99 -9.87
N2 NAG LA . -25.09 -25.01 -10.19
O3 NAG LA . -27.63 -25.33 -11.46
O4 NAG LA . -28.95 -22.88 -12.28
O5 NAG LA . -26.75 -21.74 -9.61
O6 NAG LA . -27.76 -19.31 -10.25
O7 NAG LA . -25.90 -26.60 -8.82
C1 NAG MA . 0.91 -23.81 -10.86
C2 NAG MA . 1.88 -24.60 -11.71
C3 NAG MA . 2.25 -23.80 -12.96
C4 NAG MA . 0.98 -23.49 -13.74
C5 NAG MA . -0.08 -22.83 -12.85
C6 NAG MA . -1.43 -22.62 -13.54
C7 NAG MA . 4.00 -24.20 -10.50
C8 NAG MA . 3.84 -22.75 -10.86
N2 NAG MA . 3.05 -25.02 -10.95
O3 NAG MA . 3.18 -24.50 -13.76
O4 NAG MA . 1.29 -22.64 -14.84
O5 NAG MA . -0.31 -23.57 -11.63
O6 NAG MA . -2.44 -23.47 -13.02
O7 NAG MA . 4.94 -24.62 -9.83
C1 NAG NA . 11.63 -9.46 -6.19
C2 NAG NA . 11.98 -10.33 -7.43
C3 NAG NA . 13.28 -9.80 -8.07
C4 NAG NA . 13.14 -8.33 -8.43
C5 NAG NA . 12.74 -7.50 -7.20
C6 NAG NA . 12.42 -6.06 -7.53
C7 NAG NA . 11.86 -12.75 -7.94
C8 NAG NA . 12.06 -14.14 -7.40
N2 NAG NA . 12.12 -11.75 -7.09
O3 NAG NA . 13.60 -10.58 -9.22
O4 NAG NA . 14.37 -7.83 -8.94
O5 NAG NA . 11.56 -8.05 -6.59
O6 NAG NA . 11.26 -5.58 -6.87
O7 NAG NA . 11.47 -12.55 -9.09
C1 NAG OA . 6.00 -7.53 -13.75
C2 NAG OA . 5.22 -6.80 -14.84
C3 NAG OA . 6.15 -5.85 -15.61
C4 NAG OA . 7.05 -5.03 -14.68
C5 NAG OA . 7.66 -5.87 -13.57
C6 NAG OA . 8.43 -5.04 -12.56
C7 NAG OA . 3.33 -7.70 -16.15
C8 NAG OA . 2.90 -8.79 -17.11
N2 NAG OA . 4.62 -7.76 -15.75
O3 NAG OA . 5.33 -4.99 -16.38
O4 NAG OA . 8.15 -4.47 -15.38
O5 NAG OA . 6.62 -6.57 -12.87
O6 NAG OA . 7.80 -4.99 -11.29
O7 NAG OA . 2.56 -6.81 -15.78
C1 NAG PA . -8.06 2.61 -0.73
C2 NAG PA . -9.30 3.23 -0.06
C3 NAG PA . -10.20 3.83 -1.13
C4 NAG PA . -9.43 4.88 -1.89
C5 NAG PA . -8.20 4.25 -2.53
C6 NAG PA . -7.32 5.25 -3.26
C7 NAG PA . -9.82 2.19 2.10
C8 NAG PA . -10.70 1.20 2.81
N2 NAG PA . -10.03 2.30 0.78
O3 NAG PA . -11.40 4.33 -0.54
O4 NAG PA . -10.25 5.46 -2.90
O5 NAG PA . -7.37 3.63 -1.53
O6 NAG PA . -6.13 5.48 -2.52
O7 NAG PA . -8.94 2.84 2.69
C1 NAG QA . -5.76 0.96 -10.05
C2 NAG QA . -7.15 1.54 -9.80
C3 NAG QA . -7.20 2.98 -10.29
C4 NAG QA . -6.13 3.82 -9.61
C5 NAG QA . -4.75 3.20 -9.84
C6 NAG QA . -3.68 3.92 -9.05
C7 NAG QA . -9.38 0.57 -9.91
C8 NAG QA . -10.35 -0.22 -10.73
N2 NAG QA . -8.18 0.76 -10.46
O3 NAG QA . -8.49 3.53 -10.04
O4 NAG QA . -6.14 5.12 -10.18
O5 NAG QA . -4.74 1.82 -9.42
O6 NAG QA . -2.75 3.01 -8.49
O7 NAG QA . -9.66 1.01 -8.80
C1 NAG RA . 6.43 -19.54 3.18
C2 NAG RA . 6.60 -20.11 4.62
C3 NAG RA . 7.85 -21.00 4.75
C4 NAG RA . 7.94 -22.01 3.61
C5 NAG RA . 7.85 -21.26 2.27
C6 NAG RA . 7.93 -22.17 1.07
C7 NAG RA . 7.32 -17.90 5.52
C8 NAG RA . 7.16 -16.92 6.65
N2 NAG RA . 6.60 -19.04 5.62
O3 NAG RA . 7.78 -21.72 5.98
O4 NAG RA . 9.13 -22.78 3.67
O5 NAG RA . 6.59 -20.58 2.21
O6 NAG RA . 6.70 -22.83 0.82
O7 NAG RA . 8.07 -17.67 4.57
C10 I6M SA . -10.90 -10.10 10.13
C10 I6M SA . -10.95 -10.09 10.19
C15 I6M SA . -18.92 -10.36 8.75
C15 I6M SA . -18.88 -10.40 8.64
C17 I6M SA . -19.92 -12.07 7.42
C17 I6M SA . -19.93 -11.99 7.23
C20 I6M SA . -20.80 -10.62 10.40
C20 I6M SA . -20.75 -10.77 10.34
C22 I6M SA . -20.70 -8.46 11.62
C22 I6M SA . -20.78 -8.74 11.70
C26 I6M SA . -20.05 -12.08 4.97
C26 I6M SA . -20.00 -11.84 4.78
C02 I6M SA . -16.72 -9.59 9.67
C02 I6M SA . -16.72 -9.63 9.60
C03 I6M SA . -15.23 -9.88 9.86
C03 I6M SA . -15.23 -9.90 9.75
C05 I6M SA . -12.99 -9.24 10.78
C05 I6M SA . -13.03 -9.27 10.74
C06 I6M SA . -12.46 -8.96 12.04
C06 I6M SA . -12.52 -8.96 12.00
C07 I6M SA . -11.14 -9.23 12.36
C07 I6M SA . -11.22 -9.17 12.39
C08 I6M SA . -10.37 -9.80 11.38
C08 I6M SA . -10.45 -9.74 11.44
C12 I6M SA . -12.21 -9.83 9.81
C12 I6M SA . -12.26 -9.88 9.81
C16 I6M SA . -19.26 -10.84 7.34
C16 I6M SA . -19.23 -10.80 7.22
C18 I6M SA . -20.06 -12.49 8.90
C18 I6M SA . -20.11 -12.50 8.67
C19 I6M SA . -19.61 -11.28 9.72
C19 I6M SA . -19.58 -11.38 9.57
C25 I6M SA . -20.31 -12.69 6.22
C25 I6M SA . -20.32 -12.51 5.97
C27 I6M SA . -20.48 -12.76 3.65
C27 I6M SA . -20.45 -12.40 3.42
C29 I6M SA . -21.35 -11.77 1.88
C29 I6M SA . -21.59 -12.22 1.51
C30 I6M SA . -21.62 -13.06 1.03
C30 I6M SA . -22.92 -13.04 1.68
C31 I6M SA . -20.60 -13.78 1.13
C31 I6M SA . -23.22 -13.00 2.91
C32 I6M SA . -19.48 -12.88 1.90
C32 I6M SA . -22.40 -11.72 3.51
C33 I6M SA . -18.50 -13.82 2.66
C33 I6M SA . -23.10 -10.39 3.19
C35 I6M SA . -19.39 -10.84 4.91
C35 I6M SA . -19.29 -10.64 4.79
C36 I6M SA . -18.99 -10.23 6.10
C36 I6M SA . -18.89 -10.12 6.03
F11 I6M SA . -10.08 -10.67 9.21
F11 I6M SA . -10.09 -10.67 9.32
N04 I6M SA . -14.39 -8.93 10.57
N04 I6M SA . -14.44 -9.00 10.53
N14 I6M SA . -17.49 -10.57 8.93
N14 I6M SA . -17.45 -10.59 8.79
N21 I6M SA . -20.39 -9.88 11.58
N21 I6M SA . -20.31 -10.09 11.56
N23 I6M SA . -20.31 -7.64 12.76
N23 I6M SA . -20.37 -7.96 12.86
N24 I6M SA . -21.33 -7.95 10.64
N24 I6M SA . -21.53 -8.27 10.80
N28 I6M SA . -20.13 -12.12 2.71
N28 I6M SA . -21.26 -11.70 2.90
O01 I6M SA . -17.22 -8.61 10.10
O01 I6M SA . -17.26 -8.70 10.10
O13 I6M SA . -14.77 -10.87 9.40
O13 I6M SA . -14.76 -10.84 9.21
O34 I6M SA . -17.42 -14.03 1.80
O34 I6M SA . -22.08 -9.43 3.18
CL09 I6M SA . -8.65 -10.16 11.73
CL09 I6M SA . -8.74 -10.03 11.83
#